data_8B7T
#
_entry.id   8B7T
#
_entity_poly.entity_id   1
_entity_poly.type   'polypeptide(L)'
_entity_poly.pdbx_seq_one_letter_code
;GSGLKTKSVRLSKMGKKELLVSVLKNHFMVEKENDDIKVMNGDMMARISGDGVTGDAGIVDKINECIKKIEAIYLRD
;
_entity_poly.pdbx_strand_id   A
#
# COMPACT_ATOMS: atom_id res chain seq x y z
N GLY A 1 11.04 40.06 8.86
CA GLY A 1 11.42 38.85 8.08
C GLY A 1 10.89 37.59 8.72
N SER A 2 10.83 36.51 7.96
CA SER A 2 10.36 35.25 8.48
C SER A 2 11.54 34.32 8.79
N GLY A 3 12.39 34.77 9.71
CA GLY A 3 13.56 34.00 10.07
C GLY A 3 13.24 32.86 11.02
N LEU A 4 12.12 32.98 11.72
CA LEU A 4 11.70 31.94 12.66
C LEU A 4 11.32 30.68 11.90
N LYS A 5 10.49 30.84 10.87
CA LYS A 5 9.98 29.72 10.10
C LYS A 5 9.19 28.77 11.00
N THR A 6 8.04 29.24 11.46
CA THR A 6 7.17 28.44 12.30
C THR A 6 6.22 27.62 11.42
N LYS A 7 6.25 27.88 10.12
CA LYS A 7 5.41 27.15 9.18
C LYS A 7 6.27 26.39 8.18
N SER A 8 5.87 25.15 7.93
CA SER A 8 6.56 24.30 6.97
C SER A 8 5.79 24.25 5.66
N VAL A 9 4.63 24.92 5.64
CA VAL A 9 3.77 24.97 4.46
C VAL A 9 3.06 23.64 4.25
N ARG A 10 3.83 22.59 4.01
CA ARG A 10 3.28 21.27 3.77
C ARG A 10 4.20 20.20 4.34
N LEU A 11 3.61 19.06 4.70
CA LEU A 11 4.38 17.96 5.25
C LEU A 11 3.77 16.64 4.77
N SER A 12 4.39 16.05 3.75
CA SER A 12 3.92 14.79 3.20
C SER A 12 5.04 13.75 3.27
N LYS A 13 5.35 13.32 4.49
CA LYS A 13 6.41 12.34 4.70
C LYS A 13 5.88 11.14 5.48
N MET A 14 4.59 10.90 5.37
CA MET A 14 3.96 9.77 6.05
C MET A 14 3.08 8.99 5.08
N GLY A 15 3.20 9.31 3.79
CA GLY A 15 2.37 8.68 2.78
C GLY A 15 2.86 7.31 2.39
N LYS A 16 2.86 6.39 3.35
CA LYS A 16 3.33 5.04 3.10
C LYS A 16 2.40 4.30 2.14
N LYS A 17 1.09 4.57 2.27
CA LYS A 17 0.10 3.91 1.43
C LYS A 17 0.34 4.22 -0.05
N GLU A 18 0.78 5.44 -0.31
CA GLU A 18 1.08 5.87 -1.66
C GLU A 18 2.23 5.04 -2.24
N LEU A 19 3.26 4.85 -1.43
CA LEU A 19 4.44 4.11 -1.86
C LEU A 19 4.11 2.63 -2.04
N LEU A 20 3.21 2.10 -1.20
CA LEU A 20 2.75 0.72 -1.34
C LEU A 20 2.20 0.50 -2.74
N VAL A 21 1.34 1.41 -3.16
CA VAL A 21 0.73 1.36 -4.48
C VAL A 21 1.79 1.40 -5.58
N SER A 22 2.75 2.31 -5.43
CA SER A 22 3.78 2.50 -6.44
C SER A 22 4.70 1.28 -6.53
N VAL A 23 5.16 0.80 -5.38
CA VAL A 23 6.11 -0.31 -5.35
C VAL A 23 5.49 -1.59 -5.88
N LEU A 24 4.28 -1.88 -5.44
CA LEU A 24 3.58 -3.07 -5.89
C LEU A 24 3.28 -2.99 -7.39
N LYS A 25 2.98 -1.79 -7.86
CA LYS A 25 2.68 -1.57 -9.27
C LYS A 25 3.93 -1.71 -10.13
N ASN A 26 5.09 -1.54 -9.51
CA ASN A 26 6.36 -1.65 -10.22
C ASN A 26 6.81 -3.10 -10.35
N HIS A 27 6.15 -4.00 -9.63
CA HIS A 27 6.54 -5.41 -9.63
C HIS A 27 5.40 -6.31 -10.08
N PHE A 28 4.18 -5.92 -9.77
CA PHE A 28 3.00 -6.70 -10.12
C PHE A 28 1.98 -5.82 -10.84
N MET A 29 1.02 -6.43 -11.50
CA MET A 29 -0.05 -5.68 -12.12
C MET A 29 -1.10 -5.36 -11.07
N VAL A 30 -1.31 -4.08 -10.83
CA VAL A 30 -2.22 -3.65 -9.78
C VAL A 30 -3.45 -2.97 -10.36
N GLU A 31 -4.61 -3.36 -9.86
CA GLU A 31 -5.87 -2.84 -10.34
C GLU A 31 -6.67 -2.24 -9.20
N LYS A 32 -7.28 -1.09 -9.45
CA LYS A 32 -8.09 -0.44 -8.45
C LYS A 32 -9.57 -0.74 -8.70
N GLU A 33 -10.20 -1.39 -7.73
CA GLU A 33 -11.59 -1.84 -7.88
C GLU A 33 -12.30 -1.80 -6.54
N ASN A 34 -13.53 -1.28 -6.53
CA ASN A 34 -14.29 -1.09 -5.29
C ASN A 34 -13.51 -0.15 -4.36
N ASP A 35 -12.77 0.76 -4.98
CA ASP A 35 -11.89 1.70 -4.27
C ASP A 35 -10.82 0.98 -3.45
N ASP A 36 -10.64 -0.30 -3.71
CA ASP A 36 -9.59 -1.08 -3.04
C ASP A 36 -8.42 -1.28 -3.98
N ILE A 37 -7.34 -1.85 -3.46
CA ILE A 37 -6.16 -2.11 -4.25
C ILE A 37 -6.01 -3.60 -4.48
N LYS A 38 -6.03 -4.01 -5.74
CA LYS A 38 -5.89 -5.41 -6.09
C LYS A 38 -4.52 -5.66 -6.71
N VAL A 39 -3.77 -6.55 -6.07
CA VAL A 39 -2.47 -6.95 -6.59
C VAL A 39 -2.62 -8.26 -7.34
N MET A 40 -2.18 -8.28 -8.58
CA MET A 40 -2.27 -9.48 -9.39
C MET A 40 -0.91 -9.89 -9.92
N ASN A 41 -0.60 -11.16 -9.76
CA ASN A 41 0.65 -11.73 -10.26
C ASN A 41 0.48 -13.21 -10.53
N GLY A 42 0.71 -13.62 -11.77
CA GLY A 42 0.62 -15.03 -12.12
C GLY A 42 -0.79 -15.57 -11.94
N ASP A 43 -1.79 -14.75 -12.30
CA ASP A 43 -3.20 -15.11 -12.21
C ASP A 43 -3.67 -15.16 -10.76
N MET A 44 -2.79 -14.78 -9.84
CA MET A 44 -3.15 -14.68 -8.44
C MET A 44 -3.54 -13.25 -8.13
N MET A 45 -4.47 -13.07 -7.20
CA MET A 45 -4.98 -11.74 -6.90
C MET A 45 -5.12 -11.52 -5.41
N ALA A 46 -4.97 -10.27 -4.99
CA ALA A 46 -5.18 -9.90 -3.60
C ALA A 46 -5.87 -8.56 -3.50
N ARG A 47 -6.65 -8.38 -2.44
CA ARG A 47 -7.41 -7.16 -2.22
C ARG A 47 -6.96 -6.47 -0.94
N ILE A 48 -6.56 -5.23 -1.05
CA ILE A 48 -6.19 -4.42 0.10
C ILE A 48 -7.30 -3.42 0.41
N SER A 49 -7.93 -3.58 1.56
CA SER A 49 -8.97 -2.67 1.98
C SER A 49 -8.41 -1.69 3.01
N GLY A 50 -9.28 -0.87 3.59
CA GLY A 50 -8.85 0.18 4.50
C GLY A 50 -7.95 -0.31 5.62
N ASP A 51 -8.30 -1.43 6.23
CA ASP A 51 -7.55 -1.92 7.38
C ASP A 51 -7.43 -3.44 7.37
N GLY A 52 -7.42 -4.02 6.18
CA GLY A 52 -7.28 -5.46 6.06
C GLY A 52 -6.90 -5.87 4.66
N VAL A 53 -6.23 -7.01 4.54
CA VAL A 53 -5.87 -7.53 3.23
C VAL A 53 -6.35 -8.97 3.10
N THR A 54 -7.08 -9.25 2.02
CA THR A 54 -7.49 -10.60 1.71
C THR A 54 -7.13 -10.92 0.27
N GLY A 55 -6.43 -12.02 0.07
CA GLY A 55 -5.97 -12.34 -1.27
C GLY A 55 -5.11 -13.58 -1.29
N ASP A 56 -4.49 -13.85 -2.43
CA ASP A 56 -3.53 -14.94 -2.54
C ASP A 56 -2.40 -14.76 -1.55
N ALA A 57 -2.10 -15.85 -0.84
CA ALA A 57 -1.15 -15.82 0.26
C ALA A 57 0.25 -15.39 -0.19
N GLY A 58 0.64 -15.79 -1.40
CA GLY A 58 1.95 -15.44 -1.90
C GLY A 58 2.07 -13.95 -2.11
N ILE A 59 1.04 -13.38 -2.71
CA ILE A 59 0.96 -11.95 -2.90
C ILE A 59 0.85 -11.23 -1.56
N VAL A 60 0.05 -11.76 -0.65
CA VAL A 60 -0.15 -11.15 0.66
C VAL A 60 1.16 -11.03 1.43
N ASP A 61 1.94 -12.11 1.44
CA ASP A 61 3.24 -12.09 2.12
C ASP A 61 4.14 -11.04 1.52
N LYS A 62 4.11 -10.90 0.20
CA LYS A 62 4.90 -9.90 -0.48
C LYS A 62 4.40 -8.50 -0.13
N ILE A 63 3.08 -8.32 -0.12
CA ILE A 63 2.47 -7.04 0.23
C ILE A 63 2.90 -6.63 1.63
N ASN A 64 2.81 -7.58 2.56
CA ASN A 64 3.17 -7.34 3.96
C ASN A 64 4.63 -6.92 4.08
N GLU A 65 5.50 -7.58 3.34
CA GLU A 65 6.91 -7.22 3.31
C GLU A 65 7.09 -5.81 2.79
N CYS A 66 6.40 -5.49 1.71
CA CYS A 66 6.48 -4.16 1.10
C CYS A 66 5.96 -3.09 2.07
N ILE A 67 4.80 -3.37 2.67
CA ILE A 67 4.21 -2.46 3.65
C ILE A 67 5.16 -2.20 4.81
N LYS A 68 5.74 -3.25 5.36
CA LYS A 68 6.58 -3.14 6.54
C LYS A 68 7.86 -2.36 6.25
N LYS A 69 8.47 -2.62 5.10
CA LYS A 69 9.70 -1.93 4.72
C LYS A 69 9.43 -0.46 4.46
N ILE A 70 8.33 -0.18 3.78
CA ILE A 70 7.91 1.18 3.49
C ILE A 70 7.49 1.90 4.76
N GLU A 71 6.86 1.16 5.66
CA GLU A 71 6.51 1.68 6.98
C GLU A 71 7.77 2.08 7.72
N ALA A 72 8.79 1.24 7.62
CA ALA A 72 10.09 1.51 8.23
C ALA A 72 10.73 2.75 7.62
N ILE A 73 10.42 3.04 6.36
CA ILE A 73 10.99 4.18 5.68
C ILE A 73 10.43 5.51 6.21
N TYR A 74 9.13 5.57 6.43
CA TYR A 74 8.52 6.83 6.83
C TYR A 74 8.23 6.90 8.33
N LEU A 75 7.86 5.78 8.93
CA LEU A 75 7.53 5.75 10.35
C LEU A 75 8.66 5.15 11.16
N ARG A 76 9.53 4.41 10.47
CA ARG A 76 10.66 3.71 11.08
C ARG A 76 10.19 2.50 11.89
N ASP A 77 10.77 1.35 11.59
CA ASP A 77 10.41 0.12 12.24
C ASP A 77 11.66 -0.69 12.54
N GLY A 1 -18.74 28.01 9.29
CA GLY A 1 -17.61 27.08 9.52
C GLY A 1 -18.09 25.70 9.92
N SER A 2 -17.62 24.70 9.19
CA SER A 2 -18.01 23.32 9.45
C SER A 2 -17.00 22.67 10.38
N GLY A 3 -17.46 22.30 11.57
CA GLY A 3 -16.60 21.63 12.52
C GLY A 3 -16.50 20.14 12.23
N LEU A 4 -17.39 19.66 11.37
CA LEU A 4 -17.42 18.25 11.03
C LEU A 4 -16.53 17.98 9.83
N LYS A 5 -16.70 18.77 8.78
CA LYS A 5 -15.92 18.59 7.56
C LYS A 5 -14.66 19.43 7.62
N THR A 6 -13.79 19.09 8.56
CA THR A 6 -12.54 19.81 8.74
C THR A 6 -11.43 19.23 7.87
N LYS A 7 -10.25 19.84 7.94
CA LYS A 7 -9.10 19.39 7.17
C LYS A 7 -8.81 17.90 7.43
N SER A 8 -8.42 17.19 6.37
CA SER A 8 -8.19 15.75 6.46
C SER A 8 -6.82 15.42 7.05
N VAL A 9 -6.45 16.15 8.09
CA VAL A 9 -5.17 15.95 8.79
C VAL A 9 -3.99 16.19 7.85
N ARG A 10 -3.63 17.45 7.69
CA ARG A 10 -2.49 17.82 6.86
C ARG A 10 -1.28 18.09 7.74
N LEU A 11 -0.90 17.09 8.52
CA LEU A 11 0.24 17.20 9.41
C LEU A 11 1.48 16.66 8.73
N SER A 12 1.41 15.41 8.30
CA SER A 12 2.50 14.77 7.61
C SER A 12 1.96 13.68 6.68
N LYS A 13 1.86 14.00 5.41
CA LYS A 13 1.34 13.06 4.42
C LYS A 13 2.32 11.91 4.23
N MET A 14 2.03 10.80 4.90
CA MET A 14 2.82 9.60 4.76
C MET A 14 2.09 8.62 3.86
N GLY A 15 2.36 8.71 2.56
CA GLY A 15 1.69 7.86 1.60
C GLY A 15 2.16 6.42 1.66
N LYS A 16 1.79 5.72 2.72
CA LYS A 16 2.12 4.33 2.89
C LYS A 16 1.38 3.50 1.85
N LYS A 17 0.09 3.77 1.71
CA LYS A 17 -0.74 3.10 0.72
C LYS A 17 -0.32 3.52 -0.68
N GLU A 18 0.00 4.80 -0.83
CA GLU A 18 0.42 5.35 -2.11
C GLU A 18 1.68 4.64 -2.59
N LEU A 19 2.63 4.49 -1.68
CA LEU A 19 3.88 3.84 -2.01
C LEU A 19 3.65 2.34 -2.25
N LEU A 20 2.74 1.75 -1.49
CA LEU A 20 2.37 0.34 -1.69
C LEU A 20 1.90 0.11 -3.12
N VAL A 21 1.00 0.98 -3.58
CA VAL A 21 0.47 0.88 -4.93
C VAL A 21 1.59 0.99 -5.96
N SER A 22 2.42 2.01 -5.82
CA SER A 22 3.46 2.28 -6.79
C SER A 22 4.54 1.19 -6.78
N VAL A 23 5.02 0.82 -5.59
CA VAL A 23 6.09 -0.17 -5.48
C VAL A 23 5.63 -1.52 -6.00
N LEU A 24 4.46 -1.96 -5.57
CA LEU A 24 3.91 -3.23 -6.01
C LEU A 24 3.62 -3.19 -7.50
N LYS A 25 3.21 -2.03 -8.00
CA LYS A 25 2.90 -1.85 -9.41
C LYS A 25 4.15 -1.94 -10.27
N ASN A 26 5.30 -1.69 -9.65
CA ASN A 26 6.58 -1.78 -10.34
C ASN A 26 7.01 -3.23 -10.53
N HIS A 27 6.30 -4.16 -9.90
CA HIS A 27 6.66 -5.57 -9.98
C HIS A 27 5.46 -6.42 -10.39
N PHE A 28 4.28 -6.00 -9.98
CA PHE A 28 3.05 -6.73 -10.23
C PHE A 28 2.04 -5.80 -10.90
N MET A 29 1.00 -6.39 -11.47
CA MET A 29 -0.10 -5.59 -12.02
C MET A 29 -1.02 -5.16 -10.89
N VAL A 30 -1.14 -3.87 -10.68
CA VAL A 30 -1.90 -3.36 -9.56
C VAL A 30 -3.02 -2.43 -10.02
N GLU A 31 -4.23 -2.71 -9.55
CA GLU A 31 -5.40 -1.95 -9.95
C GLU A 31 -6.10 -1.39 -8.73
N LYS A 32 -6.89 -0.36 -8.94
CA LYS A 32 -7.73 0.19 -7.89
C LYS A 32 -9.19 -0.07 -8.22
N GLU A 33 -9.86 -0.78 -7.34
CA GLU A 33 -11.24 -1.16 -7.56
C GLU A 33 -11.99 -1.20 -6.25
N ASN A 34 -13.18 -0.59 -6.22
CA ASN A 34 -13.98 -0.48 -5.00
C ASN A 34 -13.18 0.31 -3.96
N ASP A 35 -12.38 1.25 -4.44
CA ASP A 35 -11.49 2.07 -3.61
C ASP A 35 -10.53 1.19 -2.81
N ASP A 36 -10.33 -0.03 -3.27
CA ASP A 36 -9.39 -0.96 -2.67
C ASP A 36 -8.19 -1.14 -3.60
N ILE A 37 -7.14 -1.78 -3.11
CA ILE A 37 -5.93 -1.98 -3.90
C ILE A 37 -5.79 -3.45 -4.27
N LYS A 38 -5.81 -3.75 -5.57
CA LYS A 38 -5.73 -5.13 -6.03
C LYS A 38 -4.41 -5.40 -6.69
N VAL A 39 -3.71 -6.40 -6.18
CA VAL A 39 -2.42 -6.81 -6.71
C VAL A 39 -2.55 -8.11 -7.46
N MET A 40 -1.99 -8.18 -8.65
CA MET A 40 -1.98 -9.40 -9.43
C MET A 40 -0.56 -9.81 -9.78
N ASN A 41 -0.25 -11.08 -9.55
CA ASN A 41 1.06 -11.62 -9.86
C ASN A 41 0.90 -13.06 -10.34
N GLY A 42 1.32 -13.32 -11.57
CA GLY A 42 1.12 -14.63 -12.15
C GLY A 42 -0.34 -14.99 -12.25
N ASP A 43 -0.78 -15.90 -11.39
CA ASP A 43 -2.18 -16.28 -11.33
C ASP A 43 -2.78 -15.88 -9.99
N MET A 44 -2.00 -15.15 -9.21
CA MET A 44 -2.40 -14.73 -7.88
C MET A 44 -3.00 -13.32 -7.91
N MET A 45 -3.98 -13.09 -7.04
CA MET A 45 -4.55 -11.76 -6.86
C MET A 45 -4.82 -11.50 -5.39
N ALA A 46 -4.61 -10.27 -4.96
CA ALA A 46 -4.92 -9.89 -3.59
C ALA A 46 -5.52 -8.49 -3.57
N ARG A 47 -6.24 -8.18 -2.50
CA ARG A 47 -6.85 -6.88 -2.35
C ARG A 47 -6.65 -6.32 -0.95
N ILE A 48 -6.07 -5.13 -0.89
CA ILE A 48 -5.93 -4.40 0.35
C ILE A 48 -7.13 -3.49 0.54
N SER A 49 -7.92 -3.78 1.54
CA SER A 49 -9.06 -2.93 1.87
C SER A 49 -8.74 -2.12 3.12
N GLY A 50 -9.62 -1.19 3.48
CA GLY A 50 -9.37 -0.36 4.65
C GLY A 50 -9.39 -1.15 5.94
N ASP A 51 -10.31 -2.12 6.01
CA ASP A 51 -10.52 -2.89 7.23
C ASP A 51 -9.61 -4.12 7.29
N GLY A 52 -8.82 -4.33 6.25
CA GLY A 52 -7.92 -5.46 6.24
C GLY A 52 -7.56 -5.88 4.83
N VAL A 53 -6.72 -6.91 4.71
CA VAL A 53 -6.27 -7.39 3.41
C VAL A 53 -6.78 -8.80 3.15
N THR A 54 -7.40 -9.00 1.99
CA THR A 54 -7.80 -10.33 1.58
C THR A 54 -7.26 -10.61 0.19
N GLY A 55 -6.61 -11.75 0.02
CA GLY A 55 -6.05 -12.09 -1.27
C GLY A 55 -5.28 -13.38 -1.21
N ASP A 56 -4.65 -13.76 -2.33
CA ASP A 56 -3.83 -14.96 -2.37
C ASP A 56 -2.57 -14.77 -1.55
N ALA A 57 -2.27 -15.80 -0.75
CA ALA A 57 -1.22 -15.75 0.26
C ALA A 57 0.13 -15.33 -0.30
N GLY A 58 0.45 -15.73 -1.54
CA GLY A 58 1.74 -15.40 -2.11
C GLY A 58 1.93 -13.90 -2.22
N ILE A 59 0.93 -13.24 -2.77
CA ILE A 59 0.94 -11.79 -2.88
C ILE A 59 0.84 -11.14 -1.50
N VAL A 60 0.01 -11.73 -0.63
CA VAL A 60 -0.19 -11.17 0.71
C VAL A 60 1.12 -11.13 1.49
N ASP A 61 1.87 -12.22 1.48
CA ASP A 61 3.16 -12.26 2.16
C ASP A 61 4.13 -11.24 1.56
N LYS A 62 4.07 -11.05 0.26
CA LYS A 62 4.91 -10.04 -0.40
C LYS A 62 4.45 -8.64 -0.02
N ILE A 63 3.14 -8.44 0.02
CA ILE A 63 2.57 -7.17 0.41
C ILE A 63 3.00 -6.81 1.83
N ASN A 64 2.95 -7.79 2.73
CA ASN A 64 3.37 -7.59 4.11
C ASN A 64 4.85 -7.19 4.18
N GLU A 65 5.65 -7.78 3.32
CA GLU A 65 7.06 -7.42 3.22
C GLU A 65 7.21 -5.96 2.79
N CYS A 66 6.45 -5.58 1.78
CA CYS A 66 6.49 -4.23 1.24
C CYS A 66 5.95 -3.23 2.25
N ILE A 67 4.90 -3.64 2.96
CA ILE A 67 4.32 -2.83 4.02
C ILE A 67 5.36 -2.51 5.09
N LYS A 68 6.13 -3.52 5.45
CA LYS A 68 7.14 -3.37 6.50
C LYS A 68 8.24 -2.41 6.05
N LYS A 69 8.70 -2.58 4.82
CA LYS A 69 9.74 -1.71 4.26
C LYS A 69 9.24 -0.28 4.13
N ILE A 70 8.04 -0.13 3.61
CA ILE A 70 7.44 1.19 3.42
C ILE A 70 7.11 1.84 4.77
N GLU A 71 6.69 1.03 5.73
CA GLU A 71 6.44 1.51 7.08
C GLU A 71 7.75 2.00 7.70
N ALA A 72 8.83 1.30 7.38
CA ALA A 72 10.17 1.68 7.81
C ALA A 72 10.57 3.02 7.21
N ILE A 73 10.03 3.31 6.02
CA ILE A 73 10.34 4.55 5.33
C ILE A 73 9.64 5.75 5.98
N TYR A 74 8.37 5.61 6.36
CA TYR A 74 7.63 6.75 6.88
C TYR A 74 7.56 6.76 8.41
N LEU A 75 7.44 5.59 9.02
CA LEU A 75 7.33 5.52 10.47
C LEU A 75 8.65 5.09 11.12
N ARG A 76 9.50 4.46 10.30
CA ARG A 76 10.78 3.92 10.74
C ARG A 76 10.57 2.67 11.59
N ASP A 77 10.96 1.52 11.03
CA ASP A 77 10.76 0.24 11.67
C ASP A 77 12.09 -0.36 12.08
N GLY A 1 -14.55 20.60 19.65
CA GLY A 1 -14.27 20.57 18.20
C GLY A 1 -13.33 19.44 17.81
N SER A 2 -13.87 18.22 17.75
CA SER A 2 -13.09 17.05 17.40
C SER A 2 -12.51 17.17 15.99
N GLY A 3 -11.19 17.15 15.90
CA GLY A 3 -10.51 17.27 14.62
C GLY A 3 -9.75 18.57 14.49
N LEU A 4 -10.38 19.66 14.89
CA LEU A 4 -9.75 20.97 14.86
C LEU A 4 -8.95 21.17 16.15
N LYS A 5 -9.62 20.97 17.28
CA LYS A 5 -8.97 21.06 18.58
C LYS A 5 -7.96 19.92 18.74
N THR A 6 -8.35 18.75 18.26
CA THR A 6 -7.47 17.60 18.25
C THR A 6 -6.86 17.40 16.87
N LYS A 7 -5.85 18.21 16.56
CA LYS A 7 -5.16 18.13 15.28
C LYS A 7 -4.43 16.80 15.17
N SER A 8 -5.07 15.84 14.52
CA SER A 8 -4.52 14.49 14.40
C SER A 8 -3.45 14.41 13.31
N VAL A 9 -2.63 15.47 13.23
CA VAL A 9 -1.55 15.58 12.25
C VAL A 9 -2.07 15.49 10.82
N ARG A 10 -2.36 16.63 10.24
CA ARG A 10 -2.84 16.69 8.86
C ARG A 10 -1.68 16.98 7.90
N LEU A 11 -0.77 17.82 8.33
CA LEU A 11 0.40 18.17 7.51
C LEU A 11 1.47 17.10 7.61
N SER A 12 1.18 15.94 7.05
CA SER A 12 2.10 14.82 7.08
C SER A 12 2.59 14.50 5.68
N LYS A 13 3.88 14.24 5.54
CA LYS A 13 4.46 13.86 4.27
C LYS A 13 4.63 12.34 4.20
N MET A 14 3.97 11.65 5.12
CA MET A 14 4.07 10.21 5.20
C MET A 14 3.07 9.54 4.27
N GLY A 15 3.27 9.71 2.97
CA GLY A 15 2.42 9.07 1.99
C GLY A 15 2.83 7.63 1.76
N LYS A 16 2.76 6.84 2.83
CA LYS A 16 3.21 5.45 2.77
C LYS A 16 2.28 4.61 1.91
N LYS A 17 0.98 4.91 1.93
CA LYS A 17 0.02 4.22 1.07
C LYS A 17 0.33 4.48 -0.39
N GLU A 18 0.73 5.70 -0.69
CA GLU A 18 1.07 6.09 -2.04
C GLU A 18 2.26 5.28 -2.53
N LEU A 19 3.23 5.12 -1.63
CA LEU A 19 4.44 4.36 -1.93
C LEU A 19 4.12 2.87 -2.07
N LEU A 20 3.18 2.38 -1.27
CA LEU A 20 2.74 0.99 -1.36
C LEU A 20 2.24 0.71 -2.77
N VAL A 21 1.38 1.59 -3.26
CA VAL A 21 0.81 1.47 -4.59
C VAL A 21 1.90 1.53 -5.66
N SER A 22 2.80 2.51 -5.52
CA SER A 22 3.85 2.72 -6.51
C SER A 22 4.77 1.51 -6.62
N VAL A 23 5.21 0.99 -5.48
CA VAL A 23 6.14 -0.13 -5.47
C VAL A 23 5.49 -1.39 -6.01
N LEU A 24 4.29 -1.68 -5.54
CA LEU A 24 3.57 -2.87 -5.98
C LEU A 24 3.25 -2.78 -7.47
N LYS A 25 2.93 -1.58 -7.94
CA LYS A 25 2.52 -1.38 -9.34
C LYS A 25 3.69 -1.57 -10.30
N ASN A 26 4.91 -1.34 -9.82
CA ASN A 26 6.10 -1.52 -10.66
C ASN A 26 6.60 -2.97 -10.63
N HIS A 27 6.08 -3.76 -9.70
CA HIS A 27 6.50 -5.15 -9.59
C HIS A 27 5.39 -6.09 -10.06
N PHE A 28 4.16 -5.74 -9.74
CA PHE A 28 3.01 -6.57 -10.08
C PHE A 28 1.96 -5.74 -10.79
N MET A 29 1.01 -6.42 -11.43
CA MET A 29 -0.10 -5.73 -12.05
C MET A 29 -1.09 -5.33 -10.97
N VAL A 30 -1.32 -4.03 -10.83
CA VAL A 30 -2.19 -3.53 -9.78
C VAL A 30 -3.38 -2.81 -10.38
N GLU A 31 -4.57 -3.13 -9.87
CA GLU A 31 -5.80 -2.54 -10.36
C GLU A 31 -6.60 -1.94 -9.21
N LYS A 32 -7.53 -1.06 -9.53
CA LYS A 32 -8.41 -0.50 -8.53
C LYS A 32 -9.81 -1.11 -8.65
N GLU A 33 -10.35 -1.54 -7.53
CA GLU A 33 -11.67 -2.12 -7.49
C GLU A 33 -12.33 -1.83 -6.15
N ASN A 34 -13.51 -1.22 -6.19
CA ASN A 34 -14.23 -0.82 -4.98
C ASN A 34 -13.37 0.15 -4.16
N ASP A 35 -12.61 0.97 -4.89
CA ASP A 35 -11.67 1.94 -4.29
C ASP A 35 -10.61 1.23 -3.45
N ASP A 36 -10.45 -0.07 -3.66
CA ASP A 36 -9.44 -0.85 -2.98
C ASP A 36 -8.29 -1.15 -3.94
N ILE A 37 -7.23 -1.76 -3.42
CA ILE A 37 -6.04 -2.02 -4.21
C ILE A 37 -5.88 -3.52 -4.48
N LYS A 38 -5.91 -3.90 -5.74
CA LYS A 38 -5.77 -5.32 -6.10
C LYS A 38 -4.43 -5.59 -6.75
N VAL A 39 -3.69 -6.49 -6.15
CA VAL A 39 -2.41 -6.92 -6.68
C VAL A 39 -2.56 -8.25 -7.41
N MET A 40 -2.12 -8.29 -8.65
CA MET A 40 -2.18 -9.51 -9.44
C MET A 40 -0.78 -9.93 -9.86
N ASN A 41 -0.46 -11.20 -9.64
CA ASN A 41 0.85 -11.74 -9.97
C ASN A 41 0.71 -13.21 -10.35
N GLY A 42 1.12 -13.55 -11.56
CA GLY A 42 0.94 -14.91 -12.04
C GLY A 42 -0.53 -15.27 -12.14
N ASP A 43 -0.96 -16.18 -11.30
CA ASP A 43 -2.39 -16.52 -11.21
C ASP A 43 -2.91 -16.18 -9.82
N MET A 44 -2.13 -15.40 -9.09
CA MET A 44 -2.50 -14.98 -7.75
C MET A 44 -3.10 -13.58 -7.78
N MET A 45 -4.07 -13.34 -6.92
CA MET A 45 -4.71 -12.04 -6.82
C MET A 45 -4.99 -11.69 -5.37
N ALA A 46 -4.88 -10.42 -5.02
CA ALA A 46 -5.14 -9.97 -3.66
C ALA A 46 -5.75 -8.57 -3.64
N ARG A 47 -6.49 -8.27 -2.58
CA ARG A 47 -7.09 -6.96 -2.43
C ARG A 47 -6.80 -6.36 -1.06
N ILE A 48 -6.21 -5.17 -1.07
CA ILE A 48 -6.02 -4.39 0.14
C ILE A 48 -7.26 -3.55 0.37
N SER A 49 -7.96 -3.81 1.45
CA SER A 49 -9.21 -3.12 1.73
C SER A 49 -9.03 -2.04 2.79
N GLY A 50 -10.13 -1.43 3.20
CA GLY A 50 -10.06 -0.36 4.19
C GLY A 50 -9.43 -0.81 5.49
N ASP A 51 -9.87 -1.95 6.00
CA ASP A 51 -9.33 -2.48 7.25
C ASP A 51 -9.09 -3.98 7.13
N GLY A 52 -8.03 -4.34 6.42
CA GLY A 52 -7.67 -5.73 6.29
C GLY A 52 -7.36 -6.12 4.85
N VAL A 53 -6.20 -6.74 4.67
CA VAL A 53 -5.80 -7.22 3.35
C VAL A 53 -6.23 -8.67 3.18
N THR A 54 -6.92 -8.95 2.08
CA THR A 54 -7.34 -10.31 1.79
C THR A 54 -7.01 -10.65 0.35
N GLY A 55 -6.37 -11.79 0.15
CA GLY A 55 -6.00 -12.20 -1.18
C GLY A 55 -5.21 -13.50 -1.15
N ASP A 56 -4.66 -13.88 -2.30
CA ASP A 56 -3.81 -15.07 -2.37
C ASP A 56 -2.58 -14.89 -1.50
N ALA A 57 -2.29 -15.92 -0.72
CA ALA A 57 -1.23 -15.89 0.27
C ALA A 57 0.12 -15.50 -0.31
N GLY A 58 0.37 -15.85 -1.56
CA GLY A 58 1.66 -15.54 -2.17
C GLY A 58 1.87 -14.04 -2.27
N ILE A 59 0.85 -13.37 -2.78
CA ILE A 59 0.87 -11.93 -2.90
C ILE A 59 0.76 -11.28 -1.52
N VAL A 60 -0.10 -11.81 -0.66
CA VAL A 60 -0.30 -11.23 0.66
C VAL A 60 0.99 -11.23 1.48
N ASP A 61 1.70 -12.36 1.50
CA ASP A 61 2.98 -12.44 2.19
C ASP A 61 3.98 -11.45 1.61
N LYS A 62 4.00 -11.34 0.29
CA LYS A 62 4.87 -10.38 -0.38
C LYS A 62 4.50 -8.96 -0.01
N ILE A 63 3.19 -8.67 0.01
CA ILE A 63 2.68 -7.36 0.36
C ILE A 63 3.04 -6.97 1.78
N ASN A 64 2.85 -7.91 2.71
CA ASN A 64 3.13 -7.65 4.12
C ASN A 64 4.59 -7.28 4.33
N GLU A 65 5.46 -7.92 3.57
CA GLU A 65 6.89 -7.63 3.64
C GLU A 65 7.18 -6.24 3.06
N CYS A 66 6.59 -5.94 1.91
CA CYS A 66 6.83 -4.66 1.25
C CYS A 66 6.24 -3.51 2.07
N ILE A 67 5.07 -3.73 2.64
CA ILE A 67 4.43 -2.76 3.52
C ILE A 67 5.34 -2.45 4.70
N LYS A 68 5.98 -3.48 5.24
CA LYS A 68 6.83 -3.33 6.41
C LYS A 68 8.05 -2.46 6.07
N LYS A 69 8.58 -2.65 4.87
CA LYS A 69 9.73 -1.86 4.42
C LYS A 69 9.35 -0.39 4.27
N ILE A 70 8.21 -0.15 3.64
CA ILE A 70 7.70 1.20 3.43
C ILE A 70 7.26 1.83 4.75
N GLU A 71 6.72 1.00 5.63
CA GLU A 71 6.36 1.42 6.98
C GLU A 71 7.61 1.92 7.69
N ALA A 72 8.70 1.18 7.52
CA ALA A 72 9.98 1.54 8.08
C ALA A 72 10.51 2.84 7.50
N ILE A 73 10.13 3.14 6.26
CA ILE A 73 10.56 4.36 5.60
C ILE A 73 9.96 5.60 6.24
N TYR A 74 8.67 5.55 6.56
CA TYR A 74 8.00 6.73 7.10
C TYR A 74 7.82 6.68 8.62
N LEU A 75 7.60 5.49 9.18
CA LEU A 75 7.38 5.36 10.61
C LEU A 75 8.62 4.85 11.33
N ARG A 76 9.60 4.37 10.56
CA ARG A 76 10.83 3.78 11.10
C ARG A 76 10.51 2.52 11.89
N ASP A 77 10.68 1.37 11.27
CA ASP A 77 10.44 0.11 11.93
C ASP A 77 11.71 -0.74 11.91
N GLY A 1 -13.82 29.17 4.62
CA GLY A 1 -13.49 28.58 5.94
C GLY A 1 -12.72 27.28 5.79
N SER A 2 -12.36 26.68 6.91
CA SER A 2 -11.64 25.42 6.89
C SER A 2 -12.38 24.37 7.70
N GLY A 3 -12.38 23.14 7.22
CA GLY A 3 -13.03 22.06 7.95
C GLY A 3 -13.44 20.90 7.07
N LEU A 4 -14.08 21.20 5.96
CA LEU A 4 -14.62 20.18 5.07
C LEU A 4 -13.51 19.51 4.27
N LYS A 5 -12.99 20.21 3.28
CA LYS A 5 -11.90 19.69 2.46
C LYS A 5 -10.58 20.13 3.06
N THR A 6 -10.34 21.42 3.04
CA THR A 6 -9.15 21.98 3.63
C THR A 6 -9.40 22.25 5.12
N LYS A 7 -8.90 21.36 5.96
CA LYS A 7 -9.07 21.49 7.40
C LYS A 7 -7.94 22.31 8.00
N SER A 8 -7.00 22.69 7.12
CA SER A 8 -5.82 23.44 7.50
C SER A 8 -4.96 22.61 8.45
N VAL A 9 -4.71 21.38 8.04
CA VAL A 9 -3.93 20.44 8.83
C VAL A 9 -2.45 20.81 8.79
N ARG A 10 -1.79 20.66 9.93
CA ARG A 10 -0.37 20.93 10.02
C ARG A 10 0.39 19.64 10.30
N LEU A 11 -0.35 18.55 10.29
CA LEU A 11 0.23 17.23 10.47
C LEU A 11 0.48 16.59 9.11
N SER A 12 1.74 16.39 8.79
CA SER A 12 2.11 15.82 7.50
C SER A 12 2.02 14.29 7.57
N LYS A 13 1.05 13.74 6.86
CA LYS A 13 0.86 12.30 6.83
C LYS A 13 1.92 11.64 5.96
N MET A 14 2.44 10.52 6.44
CA MET A 14 3.42 9.76 5.69
C MET A 14 2.75 9.02 4.55
N GLY A 15 3.31 9.13 3.36
CA GLY A 15 2.74 8.47 2.20
C GLY A 15 3.10 7.00 2.14
N LYS A 16 2.84 6.30 3.23
CA LYS A 16 3.15 4.88 3.32
C LYS A 16 2.26 4.08 2.37
N LYS A 17 0.96 4.37 2.42
CA LYS A 17 -0.02 3.67 1.60
C LYS A 17 0.22 3.98 0.12
N GLU A 18 0.61 5.21 -0.15
CA GLU A 18 0.91 5.64 -1.51
C GLU A 18 2.09 4.85 -2.07
N LEU A 19 3.12 4.69 -1.26
CA LEU A 19 4.31 3.97 -1.67
C LEU A 19 4.00 2.48 -1.82
N LEU A 20 3.10 1.96 -0.98
CA LEU A 20 2.67 0.57 -1.11
C LEU A 20 2.15 0.33 -2.52
N VAL A 21 1.27 1.23 -2.97
CA VAL A 21 0.69 1.13 -4.29
C VAL A 21 1.76 1.20 -5.37
N SER A 22 2.66 2.17 -5.23
CA SER A 22 3.70 2.39 -6.23
C SER A 22 4.67 1.20 -6.32
N VAL A 23 5.14 0.74 -5.17
CA VAL A 23 6.12 -0.35 -5.13
C VAL A 23 5.52 -1.64 -5.67
N LEU A 24 4.31 -1.96 -5.24
CA LEU A 24 3.63 -3.16 -5.70
C LEU A 24 3.35 -3.08 -7.19
N LYS A 25 3.07 -1.87 -7.68
CA LYS A 25 2.80 -1.65 -9.09
C LYS A 25 4.06 -1.83 -9.94
N ASN A 26 5.21 -1.61 -9.32
CA ASN A 26 6.48 -1.72 -10.03
C ASN A 26 6.86 -3.18 -10.24
N HIS A 27 6.31 -4.05 -9.40
CA HIS A 27 6.64 -5.48 -9.46
C HIS A 27 5.47 -6.30 -9.98
N PHE A 28 4.26 -5.89 -9.64
CA PHE A 28 3.05 -6.64 -9.98
C PHE A 28 2.06 -5.73 -10.69
N MET A 29 1.07 -6.33 -11.33
CA MET A 29 0.01 -5.58 -11.99
C MET A 29 -1.08 -5.26 -10.98
N VAL A 30 -1.32 -3.98 -10.76
CA VAL A 30 -2.26 -3.55 -9.74
C VAL A 30 -3.47 -2.86 -10.35
N GLU A 31 -4.65 -3.21 -9.86
CA GLU A 31 -5.90 -2.67 -10.40
C GLU A 31 -6.72 -2.03 -9.29
N LYS A 32 -7.63 -1.16 -9.68
CA LYS A 32 -8.59 -0.59 -8.76
C LYS A 32 -9.96 -1.21 -8.98
N GLU A 33 -10.60 -1.63 -7.90
CA GLU A 33 -11.94 -2.19 -7.97
C GLU A 33 -12.71 -1.86 -6.70
N ASN A 34 -13.91 -1.32 -6.88
CA ASN A 34 -14.77 -0.87 -5.77
C ASN A 34 -14.00 0.01 -4.79
N ASP A 35 -13.08 0.82 -5.33
CA ASP A 35 -12.25 1.75 -4.56
C ASP A 35 -11.11 1.07 -3.83
N ASP A 36 -11.10 -0.26 -3.85
CA ASP A 36 -10.03 -1.02 -3.22
C ASP A 36 -8.90 -1.29 -4.20
N ILE A 37 -7.77 -1.70 -3.66
CA ILE A 37 -6.55 -1.89 -4.44
C ILE A 37 -6.22 -3.37 -4.55
N LYS A 38 -6.18 -3.89 -5.76
CA LYS A 38 -5.92 -5.30 -5.96
C LYS A 38 -4.59 -5.52 -6.69
N VAL A 39 -3.77 -6.37 -6.12
CA VAL A 39 -2.49 -6.74 -6.69
C VAL A 39 -2.61 -8.07 -7.43
N MET A 40 -2.03 -8.15 -8.61
CA MET A 40 -2.05 -9.38 -9.37
C MET A 40 -0.64 -9.86 -9.68
N ASN A 41 -0.41 -11.13 -9.40
CA ASN A 41 0.87 -11.78 -9.64
C ASN A 41 0.66 -13.20 -10.12
N GLY A 42 1.15 -13.51 -11.32
CA GLY A 42 1.01 -14.85 -11.86
C GLY A 42 -0.45 -15.28 -11.97
N ASP A 43 -1.29 -14.35 -12.42
CA ASP A 43 -2.73 -14.58 -12.59
C ASP A 43 -3.47 -14.69 -11.26
N MET A 44 -2.73 -14.61 -10.16
CA MET A 44 -3.32 -14.62 -8.84
C MET A 44 -3.57 -13.19 -8.40
N MET A 45 -4.63 -12.97 -7.62
CA MET A 45 -4.98 -11.62 -7.23
C MET A 45 -5.16 -11.50 -5.71
N ALA A 46 -4.86 -10.33 -5.18
CA ALA A 46 -5.05 -10.03 -3.78
C ALA A 46 -5.66 -8.64 -3.63
N ARG A 47 -6.58 -8.50 -2.70
CA ARG A 47 -7.31 -7.25 -2.56
C ARG A 47 -7.05 -6.61 -1.20
N ILE A 48 -6.59 -5.38 -1.23
CA ILE A 48 -6.48 -4.58 -0.03
C ILE A 48 -7.74 -3.77 0.15
N SER A 49 -8.50 -4.07 1.19
CA SER A 49 -9.80 -3.47 1.40
C SER A 49 -9.73 -2.42 2.50
N GLY A 50 -10.74 -1.56 2.54
CA GLY A 50 -10.86 -0.59 3.62
C GLY A 50 -11.33 -1.25 4.90
N ASP A 51 -10.53 -2.19 5.37
CA ASP A 51 -10.84 -3.02 6.53
C ASP A 51 -9.66 -3.91 6.85
N GLY A 52 -9.08 -4.48 5.81
CA GLY A 52 -7.93 -5.35 5.96
C GLY A 52 -7.50 -5.91 4.62
N VAL A 53 -6.50 -6.76 4.63
CA VAL A 53 -6.00 -7.33 3.39
C VAL A 53 -6.48 -8.78 3.24
N THR A 54 -7.04 -9.07 2.07
CA THR A 54 -7.45 -10.42 1.74
C THR A 54 -7.05 -10.73 0.31
N GLY A 55 -6.36 -11.84 0.08
CA GLY A 55 -5.89 -12.16 -1.25
C GLY A 55 -5.07 -13.43 -1.28
N ASP A 56 -4.45 -13.70 -2.41
CA ASP A 56 -3.62 -14.89 -2.57
C ASP A 56 -2.38 -14.82 -1.68
N ALA A 57 -2.01 -15.95 -1.09
CA ALA A 57 -0.95 -15.99 -0.09
C ALA A 57 0.33 -15.30 -0.55
N GLY A 58 0.77 -15.62 -1.76
CA GLY A 58 2.05 -15.12 -2.25
C GLY A 58 2.10 -13.61 -2.25
N ILE A 59 1.04 -13.01 -2.78
CA ILE A 59 0.95 -11.56 -2.85
C ILE A 59 0.84 -10.95 -1.46
N VAL A 60 0.00 -11.55 -0.62
CA VAL A 60 -0.26 -11.01 0.71
C VAL A 60 1.03 -10.94 1.54
N ASP A 61 1.80 -12.03 1.53
CA ASP A 61 3.07 -12.06 2.25
C ASP A 61 4.02 -10.99 1.73
N LYS A 62 4.05 -10.82 0.41
CA LYS A 62 4.91 -9.82 -0.18
C LYS A 62 4.43 -8.42 0.18
N ILE A 63 3.11 -8.22 0.17
CA ILE A 63 2.53 -6.95 0.57
C ILE A 63 2.92 -6.60 1.99
N ASN A 64 2.81 -7.58 2.88
CA ASN A 64 3.17 -7.39 4.28
C ASN A 64 4.64 -7.01 4.43
N GLU A 65 5.49 -7.61 3.60
CA GLU A 65 6.91 -7.30 3.59
C GLU A 65 7.14 -5.89 3.06
N CYS A 66 6.46 -5.56 1.96
CA CYS A 66 6.57 -4.24 1.37
C CYS A 66 6.10 -3.16 2.34
N ILE A 67 4.97 -3.42 3.01
CA ILE A 67 4.45 -2.51 4.02
C ILE A 67 5.48 -2.29 5.12
N LYS A 68 6.13 -3.36 5.57
CA LYS A 68 7.10 -3.26 6.64
C LYS A 68 8.31 -2.44 6.22
N LYS A 69 8.77 -2.65 4.99
CA LYS A 69 9.91 -1.93 4.45
C LYS A 69 9.57 -0.46 4.25
N ILE A 70 8.41 -0.22 3.66
CA ILE A 70 7.94 1.13 3.38
C ILE A 70 7.62 1.89 4.68
N GLU A 71 7.08 1.17 5.66
CA GLU A 71 6.83 1.75 6.97
C GLU A 71 8.16 2.11 7.63
N ALA A 72 9.18 1.30 7.36
CA ALA A 72 10.52 1.58 7.85
C ALA A 72 11.08 2.84 7.23
N ILE A 73 10.64 3.15 6.01
CA ILE A 73 11.10 4.33 5.31
C ILE A 73 10.52 5.60 5.93
N TYR A 74 9.24 5.57 6.28
CA TYR A 74 8.58 6.78 6.78
C TYR A 74 8.47 6.83 8.30
N LEU A 75 8.23 5.68 8.93
CA LEU A 75 8.06 5.65 10.39
C LEU A 75 9.31 5.16 11.09
N ARG A 76 10.29 4.72 10.30
CA ARG A 76 11.54 4.17 10.82
C ARG A 76 11.28 2.89 11.60
N ASP A 77 11.43 1.76 10.93
CA ASP A 77 11.13 0.48 11.53
C ASP A 77 12.32 -0.46 11.40
N GLY A 1 5.46 22.32 20.51
CA GLY A 1 6.84 21.80 20.54
C GLY A 1 7.85 22.88 20.22
N SER A 2 9.13 22.58 20.40
CA SER A 2 10.19 23.55 20.11
C SER A 2 10.69 23.37 18.68
N GLY A 3 10.15 22.37 18.01
CA GLY A 3 10.52 22.12 16.64
C GLY A 3 9.49 21.26 15.94
N LEU A 4 9.75 20.92 14.68
CA LEU A 4 8.81 20.12 13.91
C LEU A 4 9.47 18.80 13.53
N LYS A 5 9.37 17.82 14.42
CA LYS A 5 9.90 16.49 14.14
C LYS A 5 8.81 15.60 13.55
N THR A 6 7.62 15.69 14.13
CA THR A 6 6.48 14.94 13.65
C THR A 6 5.83 15.67 12.49
N LYS A 7 6.23 15.32 11.27
CA LYS A 7 5.70 15.95 10.07
C LYS A 7 4.31 15.39 9.76
N SER A 8 3.30 16.25 9.78
CA SER A 8 1.91 15.82 9.62
C SER A 8 1.52 15.71 8.15
N VAL A 9 2.48 15.30 7.32
CA VAL A 9 2.23 14.98 5.90
C VAL A 9 1.72 16.21 5.13
N ARG A 10 1.99 17.41 5.63
CA ARG A 10 1.67 18.63 4.90
C ARG A 10 2.56 18.69 3.66
N LEU A 11 3.83 18.43 3.88
CA LEU A 11 4.79 18.25 2.80
C LEU A 11 5.47 16.90 2.99
N SER A 12 5.99 16.34 1.92
CA SER A 12 6.59 15.00 1.95
C SER A 12 5.51 13.97 2.28
N LYS A 13 4.81 13.51 1.24
CA LYS A 13 3.72 12.56 1.42
C LYS A 13 4.23 11.25 2.01
N MET A 14 3.92 11.02 3.28
CA MET A 14 4.34 9.82 3.97
C MET A 14 3.23 8.79 3.97
N GLY A 15 2.39 8.84 2.96
CA GLY A 15 1.30 7.89 2.83
C GLY A 15 1.80 6.55 2.35
N LYS A 16 1.80 5.56 3.23
CA LYS A 16 2.30 4.24 2.90
C LYS A 16 1.52 3.61 1.75
N LYS A 17 0.23 3.93 1.66
CA LYS A 17 -0.61 3.41 0.60
C LYS A 17 -0.14 3.86 -0.78
N GLU A 18 0.38 5.09 -0.85
CA GLU A 18 0.87 5.63 -2.10
C GLU A 18 2.10 4.85 -2.55
N LEU A 19 3.02 4.61 -1.62
CA LEU A 19 4.23 3.90 -1.93
C LEU A 19 3.95 2.42 -2.21
N LEU A 20 2.97 1.84 -1.49
CA LEU A 20 2.53 0.48 -1.77
C LEU A 20 2.12 0.32 -3.22
N VAL A 21 1.28 1.23 -3.68
CA VAL A 21 0.81 1.21 -5.06
C VAL A 21 1.98 1.33 -6.03
N SER A 22 2.91 2.20 -5.71
CA SER A 22 4.06 2.44 -6.57
C SER A 22 5.00 1.22 -6.63
N VAL A 23 5.34 0.69 -5.46
CA VAL A 23 6.28 -0.44 -5.38
C VAL A 23 5.67 -1.70 -6.00
N LEU A 24 4.42 -1.96 -5.65
CA LEU A 24 3.74 -3.14 -6.17
C LEU A 24 3.48 -3.02 -7.66
N LYS A 25 3.27 -1.79 -8.14
CA LYS A 25 3.04 -1.55 -9.57
C LYS A 25 4.28 -1.88 -10.39
N ASN A 26 5.45 -1.73 -9.77
CA ASN A 26 6.72 -2.01 -10.44
C ASN A 26 6.99 -3.50 -10.55
N HIS A 27 6.25 -4.31 -9.81
CA HIS A 27 6.47 -5.76 -9.81
C HIS A 27 5.24 -6.52 -10.30
N PHE A 28 4.08 -6.04 -9.93
CA PHE A 28 2.84 -6.78 -10.19
C PHE A 28 1.84 -5.90 -10.92
N MET A 29 0.81 -6.52 -11.48
CA MET A 29 -0.29 -5.79 -12.07
C MET A 29 -1.24 -5.35 -10.97
N VAL A 30 -1.40 -4.06 -10.81
CA VAL A 30 -2.18 -3.52 -9.70
C VAL A 30 -3.40 -2.75 -10.21
N GLU A 31 -4.55 -3.03 -9.63
CA GLU A 31 -5.80 -2.38 -10.00
C GLU A 31 -6.44 -1.73 -8.79
N LYS A 32 -7.35 -0.81 -9.04
CA LYS A 32 -8.10 -0.17 -7.98
C LYS A 32 -9.56 -0.59 -8.04
N GLU A 33 -10.04 -1.18 -6.97
CA GLU A 33 -11.42 -1.64 -6.90
C GLU A 33 -12.01 -1.32 -5.55
N ASN A 34 -13.10 -0.54 -5.56
CA ASN A 34 -13.75 -0.06 -4.33
C ASN A 34 -12.77 0.79 -3.53
N ASP A 35 -11.89 1.49 -4.26
CA ASP A 35 -10.82 2.28 -3.65
C ASP A 35 -9.81 1.40 -2.92
N ASP A 36 -9.92 0.09 -3.14
CA ASP A 36 -9.00 -0.87 -2.55
C ASP A 36 -7.94 -1.22 -3.58
N ILE A 37 -6.91 -1.92 -3.14
CA ILE A 37 -5.78 -2.22 -4.01
C ILE A 37 -5.75 -3.70 -4.38
N LYS A 38 -5.85 -3.97 -5.68
CA LYS A 38 -5.74 -5.34 -6.18
C LYS A 38 -4.32 -5.57 -6.68
N VAL A 39 -3.66 -6.56 -6.12
CA VAL A 39 -2.36 -6.97 -6.59
C VAL A 39 -2.49 -8.27 -7.36
N MET A 40 -1.96 -8.31 -8.56
CA MET A 40 -2.02 -9.51 -9.37
C MET A 40 -0.64 -9.99 -9.75
N ASN A 41 -0.40 -11.27 -9.53
CA ASN A 41 0.88 -11.90 -9.84
C ASN A 41 0.65 -13.33 -10.28
N GLY A 42 1.09 -13.66 -11.49
CA GLY A 42 0.92 -15.02 -12.00
C GLY A 42 -0.53 -15.40 -12.14
N ASP A 43 -1.36 -14.43 -12.53
CA ASP A 43 -2.80 -14.61 -12.72
C ASP A 43 -3.53 -14.84 -11.40
N MET A 44 -2.83 -14.62 -10.31
CA MET A 44 -3.44 -14.66 -8.99
C MET A 44 -3.65 -13.25 -8.49
N MET A 45 -4.75 -13.00 -7.78
CA MET A 45 -5.06 -11.64 -7.36
C MET A 45 -5.26 -11.55 -5.85
N ALA A 46 -5.02 -10.36 -5.32
CA ALA A 46 -5.24 -10.09 -3.91
C ALA A 46 -5.82 -8.70 -3.74
N ARG A 47 -6.68 -8.54 -2.74
CA ARG A 47 -7.31 -7.25 -2.49
C ARG A 47 -6.93 -6.72 -1.11
N ILE A 48 -6.35 -5.54 -1.09
CA ILE A 48 -6.07 -4.84 0.15
C ILE A 48 -7.17 -3.83 0.39
N SER A 49 -7.96 -4.04 1.43
CA SER A 49 -9.05 -3.12 1.71
C SER A 49 -8.69 -2.26 2.92
N GLY A 50 -9.55 -1.28 3.23
CA GLY A 50 -9.33 -0.44 4.38
C GLY A 50 -9.21 -1.24 5.65
N ASP A 51 -10.10 -2.21 5.81
CA ASP A 51 -10.03 -3.12 6.94
C ASP A 51 -10.00 -4.56 6.46
N GLY A 52 -8.80 -5.09 6.31
CA GLY A 52 -8.65 -6.49 5.99
C GLY A 52 -8.07 -6.71 4.61
N VAL A 53 -7.16 -7.66 4.52
CA VAL A 53 -6.60 -8.04 3.24
C VAL A 53 -7.00 -9.47 2.93
N THR A 54 -7.54 -9.68 1.74
CA THR A 54 -7.87 -11.02 1.28
C THR A 54 -7.40 -11.20 -0.16
N GLY A 55 -6.66 -12.26 -0.40
CA GLY A 55 -6.12 -12.50 -1.71
C GLY A 55 -5.20 -13.70 -1.72
N ASP A 56 -4.48 -13.90 -2.82
CA ASP A 56 -3.45 -14.93 -2.87
C ASP A 56 -2.42 -14.70 -1.77
N ALA A 57 -2.12 -15.76 -1.03
CA ALA A 57 -1.26 -15.69 0.14
C ALA A 57 0.16 -15.27 -0.21
N GLY A 58 0.65 -15.72 -1.36
CA GLY A 58 2.00 -15.36 -1.78
C GLY A 58 2.12 -13.88 -2.02
N ILE A 59 1.08 -13.31 -2.61
CA ILE A 59 1.00 -11.87 -2.79
C ILE A 59 0.89 -11.17 -1.45
N VAL A 60 0.03 -11.69 -0.57
CA VAL A 60 -0.20 -11.08 0.74
C VAL A 60 1.09 -11.01 1.55
N ASP A 61 1.86 -12.10 1.54
CA ASP A 61 3.14 -12.11 2.25
C ASP A 61 4.08 -11.06 1.66
N LYS A 62 4.08 -10.92 0.35
CA LYS A 62 4.92 -9.92 -0.30
C LYS A 62 4.45 -8.51 0.03
N ILE A 63 3.13 -8.34 0.11
CA ILE A 63 2.53 -7.06 0.49
C ILE A 63 2.97 -6.65 1.89
N ASN A 64 2.91 -7.59 2.82
CA ASN A 64 3.30 -7.34 4.20
C ASN A 64 4.76 -6.95 4.31
N GLU A 65 5.60 -7.52 3.44
CA GLU A 65 7.00 -7.12 3.37
C GLU A 65 7.10 -5.65 2.93
N CYS A 66 6.34 -5.31 1.90
CA CYS A 66 6.36 -3.96 1.34
C CYS A 66 5.84 -2.94 2.36
N ILE A 67 4.71 -3.27 3.01
CA ILE A 67 4.13 -2.42 4.04
C ILE A 67 5.14 -2.16 5.16
N LYS A 68 5.82 -3.20 5.61
CA LYS A 68 6.77 -3.07 6.70
C LYS A 68 7.94 -2.18 6.29
N LYS A 69 8.46 -2.40 5.09
CA LYS A 69 9.57 -1.59 4.59
C LYS A 69 9.15 -0.13 4.45
N ILE A 70 7.97 0.08 3.88
CA ILE A 70 7.43 1.41 3.66
C ILE A 70 7.14 2.11 4.98
N GLU A 71 6.57 1.37 5.91
CA GLU A 71 6.31 1.90 7.24
C GLU A 71 7.64 2.26 7.91
N ALA A 72 8.65 1.45 7.64
CA ALA A 72 9.98 1.69 8.16
C ALA A 72 10.60 2.92 7.52
N ILE A 73 10.21 3.21 6.29
CA ILE A 73 10.72 4.37 5.57
C ILE A 73 10.13 5.66 6.13
N TYR A 74 8.84 5.66 6.44
CA TYR A 74 8.19 6.89 6.84
C TYR A 74 8.09 7.04 8.36
N LEU A 75 7.88 5.93 9.06
CA LEU A 75 7.73 5.98 10.51
C LEU A 75 9.00 5.56 11.22
N ARG A 76 9.94 5.00 10.46
CA ARG A 76 11.19 4.47 10.99
C ARG A 76 10.92 3.28 11.91
N ASP A 77 10.85 2.10 11.31
CA ASP A 77 10.52 0.89 12.03
C ASP A 77 11.75 -0.01 12.14
N GLY A 1 -15.72 9.30 19.18
CA GLY A 1 -15.03 8.65 18.05
C GLY A 1 -13.94 9.52 17.48
N SER A 2 -13.02 8.92 16.74
CA SER A 2 -11.90 9.66 16.18
C SER A 2 -12.34 10.49 14.97
N GLY A 3 -12.17 11.79 15.08
CA GLY A 3 -12.54 12.68 14.01
C GLY A 3 -11.89 14.04 14.15
N LEU A 4 -12.69 15.09 14.00
CA LEU A 4 -12.21 16.47 14.16
C LEU A 4 -11.07 16.78 13.21
N LYS A 5 -11.29 16.50 11.93
CA LYS A 5 -10.29 16.79 10.92
C LYS A 5 -10.83 17.84 9.95
N THR A 6 -11.59 18.78 10.49
CA THR A 6 -12.21 19.84 9.71
C THR A 6 -11.20 20.90 9.31
N LYS A 7 -10.20 21.11 10.15
CA LYS A 7 -9.14 22.07 9.86
C LYS A 7 -8.06 21.38 9.05
N SER A 8 -8.07 20.05 9.07
CA SER A 8 -7.07 19.23 8.39
C SER A 8 -5.66 19.77 8.66
N VAL A 9 -5.24 19.64 9.91
CA VAL A 9 -3.93 20.11 10.32
C VAL A 9 -2.85 19.20 9.75
N ARG A 10 -2.08 19.74 8.80
CA ARG A 10 -1.01 19.02 8.12
C ARG A 10 -1.59 17.94 7.20
N LEU A 11 -1.58 18.22 5.90
CA LEU A 11 -2.06 17.27 4.91
C LEU A 11 -0.98 16.24 4.59
N SER A 12 0.21 16.46 5.11
CA SER A 12 1.31 15.53 4.95
C SER A 12 1.17 14.39 5.95
N LYS A 13 0.49 13.33 5.54
CA LYS A 13 0.30 12.16 6.38
C LYS A 13 1.26 11.06 5.97
N MET A 14 2.27 11.45 5.17
CA MET A 14 3.24 10.53 4.59
C MET A 14 2.57 9.63 3.56
N GLY A 15 3.06 9.69 2.33
CA GLY A 15 2.49 8.90 1.26
C GLY A 15 2.89 7.44 1.33
N LYS A 16 2.68 6.83 2.49
CA LYS A 16 3.03 5.44 2.72
C LYS A 16 2.18 4.53 1.87
N LYS A 17 0.88 4.81 1.83
CA LYS A 17 -0.06 4.00 1.08
C LYS A 17 0.17 4.19 -0.41
N GLU A 18 0.47 5.42 -0.79
CA GLU A 18 0.80 5.75 -2.16
C GLU A 18 2.03 4.96 -2.61
N LEU A 19 3.00 4.88 -1.71
CA LEU A 19 4.24 4.15 -1.98
C LEU A 19 3.97 2.66 -2.03
N LEU A 20 3.05 2.17 -1.18
CA LEU A 20 2.67 0.75 -1.20
C LEU A 20 2.19 0.36 -2.59
N VAL A 21 1.30 1.18 -3.14
CA VAL A 21 0.77 0.95 -4.47
C VAL A 21 1.88 1.00 -5.51
N SER A 22 2.68 2.04 -5.45
CA SER A 22 3.72 2.26 -6.43
C SER A 22 4.75 1.12 -6.43
N VAL A 23 5.24 0.74 -5.24
CA VAL A 23 6.25 -0.29 -5.14
C VAL A 23 5.72 -1.64 -5.64
N LEU A 24 4.52 -1.99 -5.21
CA LEU A 24 3.89 -3.22 -5.66
C LEU A 24 3.60 -3.17 -7.16
N LYS A 25 3.27 -1.98 -7.64
CA LYS A 25 2.95 -1.76 -9.06
C LYS A 25 4.22 -1.89 -9.92
N ASN A 26 5.37 -1.78 -9.28
CA ASN A 26 6.65 -1.95 -9.97
C ASN A 26 7.06 -3.41 -10.04
N HIS A 27 6.30 -4.28 -9.37
CA HIS A 27 6.63 -5.70 -9.33
C HIS A 27 5.49 -6.54 -9.88
N PHE A 28 4.27 -6.14 -9.57
CA PHE A 28 3.08 -6.87 -9.97
C PHE A 28 2.10 -5.93 -10.64
N MET A 29 1.11 -6.49 -11.33
CA MET A 29 0.05 -5.70 -11.93
C MET A 29 -0.94 -5.30 -10.87
N VAL A 30 -1.10 -4.00 -10.65
CA VAL A 30 -1.97 -3.51 -9.58
C VAL A 30 -3.12 -2.70 -10.16
N GLU A 31 -4.33 -3.06 -9.77
CA GLU A 31 -5.53 -2.42 -10.25
C GLU A 31 -6.37 -1.93 -9.08
N LYS A 32 -7.30 -1.02 -9.36
CA LYS A 32 -8.23 -0.56 -8.34
C LYS A 32 -9.62 -1.08 -8.64
N GLU A 33 -10.29 -1.57 -7.62
CA GLU A 33 -11.62 -2.12 -7.76
C GLU A 33 -12.40 -1.89 -6.48
N ASN A 34 -13.64 -1.40 -6.62
CA ASN A 34 -14.53 -1.08 -5.50
C ASN A 34 -13.83 -0.25 -4.42
N ASP A 35 -12.97 0.68 -4.88
CA ASP A 35 -12.24 1.61 -4.02
C ASP A 35 -11.16 0.90 -3.19
N ASP A 36 -10.89 -0.35 -3.54
CA ASP A 36 -9.81 -1.10 -2.89
C ASP A 36 -8.68 -1.33 -3.88
N ILE A 37 -7.55 -1.77 -3.36
CA ILE A 37 -6.35 -1.92 -4.19
C ILE A 37 -6.03 -3.40 -4.40
N LYS A 38 -6.05 -3.83 -5.65
CA LYS A 38 -5.83 -5.23 -5.97
C LYS A 38 -4.46 -5.45 -6.60
N VAL A 39 -3.68 -6.30 -5.96
CA VAL A 39 -2.41 -6.71 -6.50
C VAL A 39 -2.58 -8.04 -7.21
N MET A 40 -2.13 -8.12 -8.45
CA MET A 40 -2.24 -9.34 -9.21
C MET A 40 -0.91 -9.75 -9.80
N ASN A 41 -0.64 -11.04 -9.76
CA ASN A 41 0.55 -11.60 -10.37
C ASN A 41 0.22 -12.99 -10.91
N GLY A 42 0.39 -13.17 -12.21
CA GLY A 42 0.02 -14.42 -12.83
C GLY A 42 -1.46 -14.67 -12.75
N ASP A 43 -1.86 -15.61 -11.90
CA ASP A 43 -3.28 -15.91 -11.69
C ASP A 43 -3.69 -15.57 -10.28
N MET A 44 -2.76 -14.99 -9.52
CA MET A 44 -3.01 -14.66 -8.13
C MET A 44 -3.53 -13.23 -8.01
N MET A 45 -4.49 -13.02 -7.13
CA MET A 45 -5.01 -11.67 -6.88
C MET A 45 -5.20 -11.45 -5.39
N ALA A 46 -5.00 -10.22 -4.95
CA ALA A 46 -5.22 -9.85 -3.56
C ALA A 46 -5.76 -8.43 -3.48
N ARG A 47 -6.66 -8.20 -2.54
CA ARG A 47 -7.29 -6.91 -2.38
C ARG A 47 -6.97 -6.31 -1.01
N ILE A 48 -6.40 -5.12 -1.02
CA ILE A 48 -6.12 -4.36 0.19
C ILE A 48 -7.28 -3.42 0.48
N SER A 49 -7.96 -3.66 1.58
CA SER A 49 -9.09 -2.84 1.97
C SER A 49 -8.68 -1.89 3.10
N GLY A 50 -9.64 -1.13 3.62
CA GLY A 50 -9.34 -0.23 4.71
C GLY A 50 -9.07 -0.96 6.01
N ASP A 51 -9.80 -2.04 6.23
CA ASP A 51 -9.67 -2.82 7.45
C ASP A 51 -8.43 -3.69 7.43
N GLY A 52 -8.25 -4.43 6.34
CA GLY A 52 -7.10 -5.31 6.22
C GLY A 52 -6.91 -5.77 4.79
N VAL A 53 -6.06 -6.77 4.63
CA VAL A 53 -5.75 -7.29 3.30
C VAL A 53 -6.27 -8.71 3.15
N THR A 54 -7.01 -8.96 2.08
CA THR A 54 -7.47 -10.30 1.78
C THR A 54 -7.14 -10.65 0.33
N GLY A 55 -6.50 -11.78 0.13
CA GLY A 55 -6.12 -12.18 -1.22
C GLY A 55 -5.32 -13.47 -1.21
N ASP A 56 -4.76 -13.83 -2.36
CA ASP A 56 -3.88 -15.00 -2.45
C ASP A 56 -2.65 -14.80 -1.58
N ALA A 57 -2.28 -15.87 -0.87
CA ALA A 57 -1.24 -15.82 0.15
C ALA A 57 0.12 -15.40 -0.42
N GLY A 58 0.39 -15.75 -1.67
CA GLY A 58 1.68 -15.43 -2.24
C GLY A 58 1.88 -13.94 -2.38
N ILE A 59 0.84 -13.29 -2.87
CA ILE A 59 0.84 -11.85 -3.02
C ILE A 59 0.79 -11.17 -1.66
N VAL A 60 -0.03 -11.69 -0.76
CA VAL A 60 -0.18 -11.10 0.57
C VAL A 60 1.16 -11.07 1.31
N ASP A 61 1.92 -12.16 1.24
CA ASP A 61 3.23 -12.21 1.87
C ASP A 61 4.18 -11.20 1.23
N LYS A 62 4.08 -11.04 -0.08
CA LYS A 62 4.90 -10.04 -0.79
C LYS A 62 4.48 -8.63 -0.40
N ILE A 63 3.18 -8.42 -0.26
CA ILE A 63 2.65 -7.12 0.15
C ILE A 63 3.17 -6.75 1.53
N ASN A 64 3.11 -7.69 2.46
CA ASN A 64 3.54 -7.48 3.83
C ASN A 64 5.01 -7.13 3.89
N GLU A 65 5.81 -7.74 3.02
CA GLU A 65 7.23 -7.40 2.93
C GLU A 65 7.40 -5.95 2.53
N CYS A 66 6.66 -5.53 1.50
CA CYS A 66 6.75 -4.18 0.98
C CYS A 66 6.22 -3.14 1.97
N ILE A 67 5.07 -3.44 2.56
CA ILE A 67 4.45 -2.55 3.54
C ILE A 67 5.40 -2.27 4.70
N LYS A 68 6.05 -3.32 5.19
CA LYS A 68 6.94 -3.19 6.33
C LYS A 68 8.16 -2.33 5.99
N LYS A 69 8.70 -2.50 4.78
CA LYS A 69 9.85 -1.71 4.35
C LYS A 69 9.47 -0.23 4.27
N ILE A 70 8.31 0.02 3.67
CA ILE A 70 7.79 1.36 3.50
C ILE A 70 7.40 1.97 4.84
N GLU A 71 6.86 1.13 5.73
CA GLU A 71 6.54 1.57 7.08
C GLU A 71 7.82 1.99 7.80
N ALA A 72 8.88 1.23 7.60
CA ALA A 72 10.18 1.54 8.15
C ALA A 72 10.70 2.88 7.62
N ILE A 73 10.30 3.21 6.40
CA ILE A 73 10.73 4.47 5.79
C ILE A 73 10.02 5.68 6.40
N TYR A 74 8.72 5.56 6.64
CA TYR A 74 7.96 6.72 7.11
C TYR A 74 7.71 6.71 8.61
N LEU A 75 7.52 5.52 9.18
CA LEU A 75 7.26 5.41 10.62
C LEU A 75 8.50 4.93 11.37
N ARG A 76 9.48 4.41 10.61
CA ARG A 76 10.72 3.86 11.14
C ARG A 76 10.46 2.53 11.87
N ASP A 77 11.16 1.50 11.44
CA ASP A 77 11.04 0.19 12.05
C ASP A 77 12.41 -0.44 12.21
N GLY A 1 -12.93 19.76 16.75
CA GLY A 1 -11.73 18.95 16.44
C GLY A 1 -11.90 18.17 15.15
N SER A 2 -11.09 17.14 14.97
CA SER A 2 -11.19 16.30 13.79
C SER A 2 -12.14 15.14 14.04
N GLY A 3 -13.35 15.45 14.48
CA GLY A 3 -14.33 14.44 14.77
C GLY A 3 -15.32 14.25 13.63
N LEU A 4 -14.90 14.61 12.44
CA LEU A 4 -15.73 14.46 11.25
C LEU A 4 -15.73 13.00 10.81
N LYS A 5 -14.53 12.49 10.51
CA LYS A 5 -14.33 11.07 10.20
C LYS A 5 -15.22 10.62 9.05
N THR A 6 -14.99 11.22 7.88
CA THR A 6 -15.72 10.85 6.68
C THR A 6 -14.92 9.84 5.87
N LYS A 7 -13.63 9.77 6.16
CA LYS A 7 -12.73 8.86 5.48
C LYS A 7 -11.65 8.40 6.45
N SER A 8 -11.21 7.16 6.32
CA SER A 8 -10.15 6.64 7.16
C SER A 8 -8.80 7.09 6.62
N VAL A 9 -8.57 8.39 6.67
CA VAL A 9 -7.36 8.99 6.16
C VAL A 9 -6.17 8.70 7.08
N ARG A 10 -5.05 8.34 6.49
CA ARG A 10 -3.85 8.03 7.24
C ARG A 10 -2.61 8.48 6.47
N LEU A 11 -1.96 9.50 6.97
CA LEU A 11 -0.78 10.06 6.32
C LEU A 11 0.44 9.92 7.24
N SER A 12 1.41 9.14 6.80
CA SER A 12 2.64 8.94 7.54
C SER A 12 3.81 9.59 6.80
N LYS A 13 4.11 10.84 7.15
CA LYS A 13 5.18 11.61 6.53
C LYS A 13 4.87 11.91 5.06
N MET A 14 5.05 10.91 4.20
CA MET A 14 4.74 11.06 2.78
C MET A 14 3.65 10.07 2.38
N GLY A 15 3.19 9.29 3.36
CA GLY A 15 2.13 8.34 3.12
C GLY A 15 2.67 7.00 2.68
N LYS A 16 2.79 6.07 3.63
CA LYS A 16 3.29 4.74 3.32
C LYS A 16 2.37 4.01 2.35
N LYS A 17 1.07 4.28 2.45
CA LYS A 17 0.08 3.63 1.60
C LYS A 17 0.33 3.94 0.12
N GLU A 18 0.74 5.17 -0.16
CA GLU A 18 0.98 5.59 -1.53
C GLU A 18 2.20 4.86 -2.09
N LEU A 19 3.23 4.70 -1.25
CA LEU A 19 4.43 4.01 -1.65
C LEU A 19 4.16 2.51 -1.82
N LEU A 20 3.26 1.96 -1.00
CA LEU A 20 2.88 0.55 -1.14
C LEU A 20 2.39 0.29 -2.56
N VAL A 21 1.51 1.18 -3.02
CA VAL A 21 0.97 1.09 -4.36
C VAL A 21 2.10 1.12 -5.39
N SER A 22 2.98 2.09 -5.24
CA SER A 22 4.05 2.30 -6.21
C SER A 22 4.99 1.10 -6.30
N VAL A 23 5.42 0.59 -5.15
CA VAL A 23 6.37 -0.51 -5.11
C VAL A 23 5.77 -1.79 -5.66
N LEU A 24 4.55 -2.11 -5.21
CA LEU A 24 3.85 -3.30 -5.69
C LEU A 24 3.58 -3.18 -7.18
N LYS A 25 3.23 -1.98 -7.61
CA LYS A 25 2.93 -1.71 -9.02
C LYS A 25 4.18 -1.88 -9.88
N ASN A 26 5.34 -1.74 -9.28
CA ASN A 26 6.60 -1.88 -10.00
C ASN A 26 6.91 -3.33 -10.34
N HIS A 27 6.23 -4.26 -9.70
CA HIS A 27 6.50 -5.68 -9.93
C HIS A 27 5.23 -6.47 -10.23
N PHE A 28 4.08 -5.89 -9.90
CA PHE A 28 2.82 -6.57 -10.10
C PHE A 28 1.85 -5.66 -10.85
N MET A 29 0.85 -6.26 -11.47
CA MET A 29 -0.19 -5.50 -12.15
C MET A 29 -1.28 -5.14 -11.15
N VAL A 30 -1.49 -3.85 -10.95
CA VAL A 30 -2.43 -3.40 -9.94
C VAL A 30 -3.71 -2.86 -10.57
N GLU A 31 -4.83 -3.30 -10.03
CA GLU A 31 -6.14 -2.89 -10.52
C GLU A 31 -6.99 -2.42 -9.34
N LYS A 32 -7.82 -1.41 -9.58
CA LYS A 32 -8.67 -0.89 -8.52
C LYS A 32 -10.11 -1.35 -8.70
N GLU A 33 -10.71 -1.84 -7.63
CA GLU A 33 -12.08 -2.31 -7.64
C GLU A 33 -12.72 -2.04 -6.29
N ASN A 34 -13.95 -1.54 -6.32
CA ASN A 34 -14.65 -1.08 -5.10
C ASN A 34 -13.85 0.01 -4.43
N ASP A 35 -13.15 0.80 -5.24
CA ASP A 35 -12.21 1.83 -4.76
C ASP A 35 -11.12 1.22 -3.88
N ASP A 36 -10.93 -0.08 -3.99
CA ASP A 36 -9.89 -0.78 -3.25
C ASP A 36 -8.77 -1.16 -4.20
N ILE A 37 -7.68 -1.67 -3.64
CA ILE A 37 -6.48 -1.94 -4.43
C ILE A 37 -6.24 -3.44 -4.56
N LYS A 38 -6.25 -3.93 -5.78
CA LYS A 38 -6.00 -5.34 -6.03
C LYS A 38 -4.68 -5.52 -6.76
N VAL A 39 -3.86 -6.37 -6.20
CA VAL A 39 -2.57 -6.71 -6.78
C VAL A 39 -2.69 -8.02 -7.55
N MET A 40 -2.13 -8.05 -8.75
CA MET A 40 -2.14 -9.24 -9.57
C MET A 40 -0.73 -9.77 -9.76
N ASN A 41 -0.58 -11.06 -9.52
CA ASN A 41 0.69 -11.75 -9.74
C ASN A 41 0.43 -13.04 -10.49
N GLY A 42 1.00 -13.16 -11.67
CA GLY A 42 0.71 -14.30 -12.52
C GLY A 42 -0.78 -14.37 -12.86
N ASP A 43 -1.47 -15.30 -12.24
CA ASP A 43 -2.92 -15.43 -12.40
C ASP A 43 -3.62 -15.34 -11.04
N MET A 44 -2.89 -14.85 -10.05
CA MET A 44 -3.38 -14.74 -8.69
C MET A 44 -3.63 -13.29 -8.31
N MET A 45 -4.61 -13.06 -7.45
CA MET A 45 -5.01 -11.70 -7.10
C MET A 45 -5.11 -11.52 -5.59
N ALA A 46 -4.94 -10.28 -5.14
CA ALA A 46 -5.15 -9.92 -3.74
C ALA A 46 -5.77 -8.54 -3.66
N ARG A 47 -6.74 -8.38 -2.79
CA ARG A 47 -7.43 -7.10 -2.65
C ARG A 47 -7.25 -6.52 -1.25
N ILE A 48 -6.73 -5.32 -1.20
CA ILE A 48 -6.66 -4.54 0.03
C ILE A 48 -7.87 -3.63 0.09
N SER A 49 -8.75 -3.87 1.06
CA SER A 49 -9.96 -3.09 1.17
C SER A 49 -9.78 -1.97 2.20
N GLY A 50 -10.84 -1.23 2.47
CA GLY A 50 -10.77 -0.14 3.43
C GLY A 50 -10.34 -0.60 4.80
N ASP A 51 -10.78 -1.80 5.18
CA ASP A 51 -10.39 -2.39 6.44
C ASP A 51 -10.30 -3.91 6.31
N GLY A 52 -9.09 -4.41 6.04
CA GLY A 52 -8.90 -5.83 5.89
C GLY A 52 -8.25 -6.17 4.56
N VAL A 53 -7.39 -7.20 4.58
CA VAL A 53 -6.70 -7.63 3.38
C VAL A 53 -7.01 -9.09 3.09
N THR A 54 -7.41 -9.38 1.86
CA THR A 54 -7.66 -10.75 1.43
C THR A 54 -7.08 -10.96 0.05
N GLY A 55 -6.32 -12.03 -0.13
CA GLY A 55 -5.72 -12.30 -1.41
C GLY A 55 -4.85 -13.54 -1.38
N ASP A 56 -4.13 -13.79 -2.47
CA ASP A 56 -3.26 -14.96 -2.56
C ASP A 56 -2.05 -14.82 -1.63
N ALA A 57 -1.62 -15.92 -1.04
CA ALA A 57 -0.53 -15.90 -0.06
C ALA A 57 0.69 -15.15 -0.60
N GLY A 58 1.10 -15.48 -1.83
CA GLY A 58 2.32 -14.92 -2.38
C GLY A 58 2.29 -13.41 -2.42
N ILE A 59 1.18 -12.86 -2.88
CA ILE A 59 1.01 -11.43 -2.95
C ILE A 59 0.89 -10.82 -1.56
N VAL A 60 0.05 -11.42 -0.71
CA VAL A 60 -0.21 -10.88 0.63
C VAL A 60 1.08 -10.83 1.45
N ASP A 61 1.86 -11.91 1.41
CA ASP A 61 3.13 -11.95 2.12
C ASP A 61 4.05 -10.86 1.61
N LYS A 62 4.10 -10.69 0.29
CA LYS A 62 4.94 -9.66 -0.32
C LYS A 62 4.46 -8.28 0.09
N ILE A 63 3.16 -8.09 0.10
CA ILE A 63 2.56 -6.82 0.51
C ILE A 63 2.94 -6.51 1.95
N ASN A 64 2.82 -7.51 2.82
CA ASN A 64 3.16 -7.35 4.23
C ASN A 64 4.62 -6.97 4.40
N GLU A 65 5.49 -7.62 3.63
CA GLU A 65 6.92 -7.30 3.65
C GLU A 65 7.14 -5.86 3.21
N CYS A 66 6.45 -5.46 2.15
CA CYS A 66 6.59 -4.11 1.61
C CYS A 66 6.04 -3.07 2.58
N ILE A 67 4.90 -3.36 3.20
CA ILE A 67 4.30 -2.47 4.19
C ILE A 67 5.26 -2.20 5.32
N LYS A 68 5.86 -3.26 5.85
CA LYS A 68 6.75 -3.14 7.00
C LYS A 68 8.04 -2.39 6.62
N LYS A 69 8.51 -2.63 5.39
CA LYS A 69 9.71 -1.97 4.89
C LYS A 69 9.43 -0.50 4.64
N ILE A 70 8.32 -0.22 3.99
CA ILE A 70 7.92 1.13 3.64
C ILE A 70 7.56 1.93 4.89
N GLU A 71 6.96 1.26 5.87
CA GLU A 71 6.70 1.88 7.16
C GLU A 71 8.03 2.26 7.81
N ALA A 72 9.03 1.41 7.63
CA ALA A 72 10.37 1.68 8.13
C ALA A 72 11.01 2.83 7.35
N ILE A 73 10.63 2.99 6.09
CA ILE A 73 11.16 4.04 5.26
C ILE A 73 10.68 5.42 5.74
N TYR A 74 9.41 5.52 6.11
CA TYR A 74 8.88 6.83 6.51
C TYR A 74 8.83 7.00 8.03
N LEU A 75 8.52 5.95 8.75
CA LEU A 75 8.34 6.06 10.20
C LEU A 75 9.56 5.53 10.95
N ARG A 76 10.40 4.77 10.25
CA ARG A 76 11.59 4.15 10.83
C ARG A 76 11.20 3.07 11.83
N ASP A 77 11.23 1.83 11.36
CA ASP A 77 10.88 0.70 12.20
C ASP A 77 12.12 -0.05 12.62
N GLY A 1 12.49 29.28 27.12
CA GLY A 1 12.47 28.67 25.76
C GLY A 1 11.06 28.41 25.29
N SER A 2 10.80 28.70 24.02
CA SER A 2 9.48 28.54 23.46
C SER A 2 9.52 27.63 22.24
N GLY A 3 9.85 26.36 22.47
CA GLY A 3 9.94 25.40 21.39
C GLY A 3 8.57 24.89 20.97
N LEU A 4 7.81 25.75 20.31
CA LEU A 4 6.45 25.41 19.90
C LEU A 4 6.39 25.05 18.43
N LYS A 5 7.42 25.44 17.69
CA LYS A 5 7.50 25.15 16.27
C LYS A 5 7.92 23.71 16.03
N THR A 6 6.97 22.79 16.19
CA THR A 6 7.20 21.39 15.93
C THR A 6 7.27 21.14 14.43
N LYS A 7 8.49 21.05 13.92
CA LYS A 7 8.71 20.90 12.49
C LYS A 7 8.90 19.43 12.14
N SER A 8 8.24 18.99 11.08
CA SER A 8 8.38 17.63 10.61
C SER A 8 9.67 17.48 9.80
N VAL A 9 10.80 17.57 10.52
CA VAL A 9 12.11 17.51 9.89
C VAL A 9 12.44 16.09 9.42
N ARG A 10 13.23 16.00 8.35
CA ARG A 10 13.69 14.71 7.82
C ARG A 10 12.51 13.83 7.46
N LEU A 11 11.46 14.43 6.92
CA LEU A 11 10.26 13.69 6.56
C LEU A 11 9.77 14.09 5.17
N SER A 12 9.36 13.11 4.40
CA SER A 12 8.69 13.35 3.13
C SER A 12 7.20 13.12 3.33
N LYS A 13 6.44 13.00 2.25
CA LYS A 13 5.02 12.70 2.37
C LYS A 13 4.85 11.30 2.95
N MET A 14 4.11 11.20 4.04
CA MET A 14 4.00 9.95 4.77
C MET A 14 2.84 9.10 4.25
N GLY A 15 2.77 8.97 2.93
CA GLY A 15 1.76 8.15 2.30
C GLY A 15 2.29 6.78 1.98
N LYS A 16 2.25 5.88 2.96
CA LYS A 16 2.81 4.56 2.80
C LYS A 16 2.03 3.72 1.80
N LYS A 17 0.71 3.91 1.75
CA LYS A 17 -0.13 3.19 0.81
C LYS A 17 0.12 3.66 -0.61
N GLU A 18 0.41 4.95 -0.76
CA GLU A 18 0.72 5.52 -2.05
C GLU A 18 1.98 4.88 -2.62
N LEU A 19 2.98 4.71 -1.75
CA LEU A 19 4.22 4.07 -2.16
C LEU A 19 3.99 2.58 -2.43
N LEU A 20 3.11 1.96 -1.64
CA LEU A 20 2.72 0.56 -1.88
C LEU A 20 2.18 0.38 -3.28
N VAL A 21 1.24 1.24 -3.67
CA VAL A 21 0.65 1.16 -5.00
C VAL A 21 1.73 1.24 -6.07
N SER A 22 2.65 2.17 -5.91
CA SER A 22 3.70 2.39 -6.88
C SER A 22 4.68 1.21 -6.92
N VAL A 23 5.14 0.78 -5.75
CA VAL A 23 6.13 -0.31 -5.66
C VAL A 23 5.54 -1.62 -6.15
N LEU A 24 4.30 -1.89 -5.78
CA LEU A 24 3.62 -3.10 -6.21
C LEU A 24 3.32 -3.05 -7.70
N LYS A 25 2.97 -1.87 -8.20
CA LYS A 25 2.64 -1.69 -9.62
C LYS A 25 3.88 -1.91 -10.49
N ASN A 26 5.06 -1.66 -9.94
CA ASN A 26 6.30 -1.77 -10.69
C ASN A 26 6.77 -3.23 -10.78
N HIS A 27 6.08 -4.12 -10.09
CA HIS A 27 6.44 -5.54 -10.10
C HIS A 27 5.26 -6.41 -10.47
N PHE A 28 4.07 -5.98 -10.08
CA PHE A 28 2.86 -6.74 -10.32
C PHE A 28 1.83 -5.86 -11.03
N MET A 29 0.80 -6.48 -11.58
CA MET A 29 -0.29 -5.74 -12.19
C MET A 29 -1.28 -5.34 -11.10
N VAL A 30 -1.47 -4.04 -10.93
CA VAL A 30 -2.27 -3.53 -9.82
C VAL A 30 -3.48 -2.76 -10.32
N GLU A 31 -4.63 -3.09 -9.75
CA GLU A 31 -5.89 -2.46 -10.12
C GLU A 31 -6.56 -1.85 -8.90
N LYS A 32 -7.50 -0.95 -9.11
CA LYS A 32 -8.23 -0.36 -8.01
C LYS A 32 -9.71 -0.75 -8.07
N GLU A 33 -10.18 -1.42 -7.03
CA GLU A 33 -11.57 -1.83 -6.93
C GLU A 33 -12.12 -1.47 -5.56
N ASN A 34 -13.23 -0.73 -5.55
CA ASN A 34 -13.83 -0.21 -4.31
C ASN A 34 -12.83 0.70 -3.61
N ASP A 35 -12.01 1.39 -4.41
CA ASP A 35 -10.92 2.21 -3.91
C ASP A 35 -9.88 1.38 -3.15
N ASP A 36 -9.94 0.07 -3.32
CA ASP A 36 -8.98 -0.83 -2.71
C ASP A 36 -7.90 -1.19 -3.72
N ILE A 37 -6.85 -1.86 -3.26
CA ILE A 37 -5.70 -2.13 -4.10
C ILE A 37 -5.60 -3.61 -4.44
N LYS A 38 -5.69 -3.93 -5.72
CA LYS A 38 -5.58 -5.30 -6.17
C LYS A 38 -4.18 -5.57 -6.72
N VAL A 39 -3.51 -6.53 -6.14
CA VAL A 39 -2.20 -6.96 -6.62
C VAL A 39 -2.35 -8.27 -7.37
N MET A 40 -1.91 -8.29 -8.62
CA MET A 40 -2.00 -9.48 -9.44
C MET A 40 -0.65 -9.89 -10.00
N ASN A 41 -0.36 -11.18 -9.91
CA ASN A 41 0.86 -11.73 -10.48
C ASN A 41 0.58 -13.13 -11.00
N GLY A 42 0.85 -13.35 -12.28
CA GLY A 42 0.57 -14.63 -12.89
C GLY A 42 -0.91 -14.91 -12.95
N ASP A 43 -1.39 -15.73 -12.03
CA ASP A 43 -2.81 -16.05 -11.96
C ASP A 43 -3.35 -15.76 -10.56
N MET A 44 -2.57 -15.03 -9.78
CA MET A 44 -2.94 -14.72 -8.42
C MET A 44 -3.39 -13.27 -8.28
N MET A 45 -4.31 -13.01 -7.36
CA MET A 45 -4.74 -11.65 -7.06
C MET A 45 -4.93 -11.48 -5.56
N ALA A 46 -4.71 -10.26 -5.09
CA ALA A 46 -4.95 -9.91 -3.71
C ALA A 46 -5.52 -8.51 -3.62
N ARG A 47 -6.17 -8.19 -2.52
CA ARG A 47 -6.77 -6.88 -2.36
C ARG A 47 -6.45 -6.31 -0.98
N ILE A 48 -5.87 -5.13 -0.98
CA ILE A 48 -5.73 -4.36 0.24
C ILE A 48 -7.00 -3.53 0.40
N SER A 49 -7.78 -3.85 1.40
CA SER A 49 -9.07 -3.20 1.58
C SER A 49 -8.98 -2.13 2.66
N GLY A 50 -10.00 -1.28 2.74
CA GLY A 50 -10.03 -0.25 3.76
C GLY A 50 -10.38 -0.82 5.13
N ASP A 51 -9.69 -1.87 5.51
CA ASP A 51 -9.93 -2.59 6.75
C ASP A 51 -8.81 -3.58 7.01
N GLY A 52 -8.44 -4.31 5.96
CA GLY A 52 -7.36 -5.27 6.05
C GLY A 52 -6.99 -5.80 4.69
N VAL A 53 -5.94 -6.61 4.63
CA VAL A 53 -5.50 -7.17 3.36
C VAL A 53 -6.01 -8.59 3.22
N THR A 54 -6.64 -8.88 2.08
CA THR A 54 -7.11 -10.22 1.79
C THR A 54 -6.81 -10.57 0.34
N GLY A 55 -6.19 -11.72 0.12
CA GLY A 55 -5.82 -12.11 -1.23
C GLY A 55 -5.06 -13.42 -1.24
N ASP A 56 -4.51 -13.79 -2.39
CA ASP A 56 -3.66 -14.98 -2.48
C ASP A 56 -2.49 -14.87 -1.53
N ALA A 57 -2.25 -15.95 -0.78
CA ALA A 57 -1.31 -15.98 0.33
C ALA A 57 0.11 -15.55 -0.08
N GLY A 58 0.52 -15.88 -1.30
CA GLY A 58 1.86 -15.53 -1.74
C GLY A 58 2.03 -14.03 -1.88
N ILE A 59 1.06 -13.41 -2.54
CA ILE A 59 1.05 -11.98 -2.73
C ILE A 59 0.90 -11.26 -1.38
N VAL A 60 0.11 -11.84 -0.48
CA VAL A 60 -0.11 -11.24 0.83
C VAL A 60 1.21 -11.07 1.59
N ASP A 61 2.04 -12.11 1.61
CA ASP A 61 3.34 -12.02 2.26
C ASP A 61 4.21 -10.97 1.61
N LYS A 62 4.13 -10.85 0.29
CA LYS A 62 4.88 -9.83 -0.43
C LYS A 62 4.38 -8.45 -0.05
N ILE A 63 3.06 -8.27 -0.05
CA ILE A 63 2.45 -7.02 0.32
C ILE A 63 2.82 -6.63 1.74
N ASN A 64 2.72 -7.59 2.65
CA ASN A 64 3.04 -7.36 4.05
C ASN A 64 4.50 -6.94 4.21
N GLU A 65 5.37 -7.56 3.42
CA GLU A 65 6.79 -7.22 3.45
C GLU A 65 6.99 -5.79 2.97
N CYS A 66 6.28 -5.42 1.91
CA CYS A 66 6.35 -4.08 1.36
C CYS A 66 5.75 -3.05 2.33
N ILE A 67 4.59 -3.35 2.90
CA ILE A 67 3.96 -2.48 3.89
C ILE A 67 4.90 -2.23 5.05
N LYS A 68 5.47 -3.31 5.58
CA LYS A 68 6.40 -3.22 6.70
C LYS A 68 7.64 -2.42 6.32
N LYS A 69 8.09 -2.62 5.09
CA LYS A 69 9.29 -1.95 4.59
C LYS A 69 9.03 -0.45 4.46
N ILE A 70 7.91 -0.11 3.85
CA ILE A 70 7.53 1.28 3.64
C ILE A 70 7.14 1.94 4.95
N GLU A 71 6.51 1.19 5.84
CA GLU A 71 6.19 1.67 7.17
C GLU A 71 7.47 1.99 7.91
N ALA A 72 8.49 1.16 7.70
CA ALA A 72 9.81 1.40 8.27
C ALA A 72 10.42 2.66 7.70
N ILE A 73 10.06 2.98 6.46
CA ILE A 73 10.58 4.16 5.79
C ILE A 73 9.96 5.45 6.35
N TYR A 74 8.66 5.44 6.58
CA TYR A 74 7.98 6.66 7.00
C TYR A 74 7.72 6.71 8.51
N LEU A 75 7.46 5.57 9.13
CA LEU A 75 7.18 5.54 10.57
C LEU A 75 8.39 5.05 11.36
N ARG A 76 9.39 4.53 10.65
CA ARG A 76 10.61 3.96 11.25
C ARG A 76 10.31 2.66 11.99
N ASP A 77 10.71 1.55 11.40
CA ASP A 77 10.50 0.24 12.00
C ASP A 77 11.74 -0.62 11.82
N GLY A 1 -14.24 16.70 -11.22
CA GLY A 1 -12.79 16.43 -11.38
C GLY A 1 -12.32 15.26 -10.53
N SER A 2 -12.72 15.25 -9.27
CA SER A 2 -12.34 14.20 -8.31
C SER A 2 -10.84 14.28 -8.02
N GLY A 3 -10.28 15.46 -8.18
CA GLY A 3 -8.87 15.65 -7.94
C GLY A 3 -8.15 16.21 -9.12
N LEU A 4 -6.87 16.53 -8.94
CA LEU A 4 -6.01 17.09 -10.00
C LEU A 4 -6.39 18.52 -10.35
N LYS A 5 -7.66 18.74 -10.69
CA LYS A 5 -8.14 20.06 -11.06
C LYS A 5 -8.35 20.94 -9.83
N THR A 6 -8.72 20.30 -8.73
CA THR A 6 -8.91 21.00 -7.47
C THR A 6 -8.45 20.13 -6.30
N LYS A 7 -7.46 20.61 -5.56
CA LYS A 7 -6.96 19.86 -4.42
C LYS A 7 -7.32 20.56 -3.11
N SER A 8 -7.71 19.77 -2.13
CA SER A 8 -8.02 20.28 -0.80
C SER A 8 -6.86 20.01 0.13
N VAL A 9 -6.07 19.00 -0.19
CA VAL A 9 -4.93 18.60 0.61
C VAL A 9 -4.02 17.68 -0.19
N ARG A 10 -2.72 17.88 -0.11
CA ARG A 10 -1.77 17.06 -0.85
C ARG A 10 -1.04 16.12 0.10
N LEU A 11 -1.04 14.83 -0.22
CA LEU A 11 -0.34 13.84 0.56
C LEU A 11 1.08 13.68 0.03
N SER A 12 1.98 14.52 0.52
CA SER A 12 3.36 14.47 0.11
C SER A 12 4.22 13.95 1.25
N LYS A 13 4.88 12.82 1.02
CA LYS A 13 5.72 12.17 2.02
C LYS A 13 4.87 11.56 3.14
N MET A 14 5.47 10.61 3.86
CA MET A 14 4.80 9.92 4.97
C MET A 14 3.60 9.11 4.50
N GLY A 15 3.52 8.89 3.20
CA GLY A 15 2.43 8.11 2.64
C GLY A 15 2.84 6.69 2.34
N LYS A 16 2.86 5.86 3.39
CA LYS A 16 3.31 4.49 3.25
C LYS A 16 2.39 3.73 2.29
N LYS A 17 1.09 4.01 2.36
CA LYS A 17 0.12 3.36 1.49
C LYS A 17 0.26 3.84 0.05
N GLU A 18 0.60 5.11 -0.12
CA GLU A 18 0.80 5.66 -1.46
C GLU A 18 2.03 5.03 -2.13
N LEU A 19 3.07 4.82 -1.35
CA LEU A 19 4.27 4.18 -1.87
C LEU A 19 3.99 2.72 -2.17
N LEU A 20 3.15 2.08 -1.35
CA LEU A 20 2.74 0.70 -1.59
C LEU A 20 2.12 0.55 -2.96
N VAL A 21 1.19 1.45 -3.28
CA VAL A 21 0.53 1.44 -4.57
C VAL A 21 1.56 1.52 -5.69
N SER A 22 2.52 2.41 -5.54
CA SER A 22 3.54 2.62 -6.54
C SER A 22 4.48 1.41 -6.66
N VAL A 23 4.97 0.94 -5.52
CA VAL A 23 5.96 -0.14 -5.49
C VAL A 23 5.36 -1.46 -5.98
N LEU A 24 4.18 -1.79 -5.48
CA LEU A 24 3.50 -3.01 -5.90
C LEU A 24 3.19 -2.96 -7.39
N LYS A 25 2.87 -1.78 -7.88
CA LYS A 25 2.57 -1.59 -9.30
C LYS A 25 3.82 -1.74 -10.16
N ASN A 26 4.98 -1.48 -9.57
CA ASN A 26 6.24 -1.56 -10.31
C ASN A 26 6.73 -3.00 -10.40
N HIS A 27 6.10 -3.90 -9.67
CA HIS A 27 6.49 -5.30 -9.66
C HIS A 27 5.36 -6.20 -10.14
N PHE A 28 4.14 -5.83 -9.77
CA PHE A 28 2.97 -6.65 -10.08
C PHE A 28 1.93 -5.80 -10.79
N MET A 29 0.95 -6.45 -11.40
CA MET A 29 -0.13 -5.75 -12.07
C MET A 29 -1.18 -5.37 -11.05
N VAL A 30 -1.42 -4.08 -10.90
CA VAL A 30 -2.27 -3.59 -9.82
C VAL A 30 -3.40 -2.72 -10.35
N GLU A 31 -4.62 -3.05 -9.97
CA GLU A 31 -5.79 -2.31 -10.38
C GLU A 31 -6.58 -1.86 -9.15
N LYS A 32 -7.35 -0.80 -9.31
CA LYS A 32 -8.20 -0.33 -8.23
C LYS A 32 -9.64 -0.74 -8.48
N GLU A 33 -10.28 -1.29 -7.47
CA GLU A 33 -11.66 -1.75 -7.60
C GLU A 33 -12.44 -1.37 -6.36
N ASN A 34 -13.52 -0.62 -6.55
CA ASN A 34 -14.37 -0.10 -5.45
C ASN A 34 -13.52 0.53 -4.35
N ASP A 35 -12.48 1.25 -4.76
CA ASP A 35 -11.56 1.97 -3.84
C ASP A 35 -10.60 1.01 -3.13
N ASP A 36 -10.67 -0.27 -3.48
CA ASP A 36 -9.75 -1.26 -2.96
C ASP A 36 -8.62 -1.47 -3.96
N ILE A 37 -7.50 -2.00 -3.49
CA ILE A 37 -6.33 -2.17 -4.34
C ILE A 37 -6.08 -3.65 -4.61
N LYS A 38 -6.15 -4.06 -5.86
CA LYS A 38 -5.97 -5.46 -6.19
C LYS A 38 -4.62 -5.69 -6.86
N VAL A 39 -3.83 -6.54 -6.23
CA VAL A 39 -2.52 -6.91 -6.73
C VAL A 39 -2.59 -8.25 -7.46
N MET A 40 -2.02 -8.31 -8.64
CA MET A 40 -1.97 -9.56 -9.39
C MET A 40 -0.54 -9.86 -9.82
N ASN A 41 -0.12 -11.10 -9.57
CA ASN A 41 1.19 -11.56 -9.96
C ASN A 41 1.07 -12.97 -10.53
N GLY A 42 1.46 -13.13 -11.79
CA GLY A 42 1.32 -14.41 -12.44
C GLY A 42 -0.13 -14.81 -12.58
N ASP A 43 -0.58 -15.66 -11.66
CA ASP A 43 -1.97 -16.10 -11.65
C ASP A 43 -2.57 -15.89 -10.26
N MET A 44 -1.82 -15.20 -9.41
CA MET A 44 -2.28 -14.89 -8.06
C MET A 44 -2.94 -13.53 -8.03
N MET A 45 -3.94 -13.37 -7.17
CA MET A 45 -4.62 -12.09 -7.03
C MET A 45 -4.93 -11.81 -5.56
N ALA A 46 -4.83 -10.54 -5.19
CA ALA A 46 -5.13 -10.11 -3.84
C ALA A 46 -5.79 -8.74 -3.85
N ARG A 47 -6.50 -8.41 -2.79
CA ARG A 47 -7.16 -7.13 -2.70
C ARG A 47 -7.00 -6.53 -1.30
N ILE A 48 -6.48 -5.32 -1.26
CA ILE A 48 -6.35 -4.56 -0.04
C ILE A 48 -7.59 -3.69 0.13
N SER A 49 -8.37 -3.97 1.16
CA SER A 49 -9.57 -3.21 1.42
C SER A 49 -9.33 -2.25 2.59
N GLY A 50 -10.25 -1.31 2.79
CA GLY A 50 -10.11 -0.34 3.86
C GLY A 50 -10.45 -0.94 5.21
N ASP A 51 -9.85 -2.10 5.47
CA ASP A 51 -10.13 -2.89 6.67
C ASP A 51 -9.00 -3.89 6.88
N GLY A 52 -8.55 -4.47 5.78
CA GLY A 52 -7.46 -5.42 5.82
C GLY A 52 -7.15 -5.96 4.45
N VAL A 53 -6.12 -6.77 4.35
CA VAL A 53 -5.73 -7.36 3.08
C VAL A 53 -6.30 -8.77 2.96
N THR A 54 -6.95 -9.05 1.84
CA THR A 54 -7.44 -10.39 1.55
C THR A 54 -7.03 -10.79 0.13
N GLY A 55 -6.40 -11.93 -0.02
CA GLY A 55 -5.96 -12.36 -1.33
C GLY A 55 -5.15 -13.64 -1.27
N ASP A 56 -4.54 -14.01 -2.38
CA ASP A 56 -3.65 -15.18 -2.42
C ASP A 56 -2.43 -14.95 -1.54
N ALA A 57 -2.05 -16.00 -0.81
CA ALA A 57 -1.02 -15.94 0.21
C ALA A 57 0.31 -15.40 -0.31
N GLY A 58 0.64 -15.72 -1.56
CA GLY A 58 1.91 -15.28 -2.11
C GLY A 58 2.02 -13.78 -2.15
N ILE A 59 0.97 -13.15 -2.68
CA ILE A 59 0.90 -11.72 -2.78
C ILE A 59 0.74 -11.08 -1.40
N VAL A 60 -0.08 -11.70 -0.55
CA VAL A 60 -0.35 -11.16 0.79
C VAL A 60 0.94 -11.05 1.60
N ASP A 61 1.74 -12.11 1.61
CA ASP A 61 3.01 -12.09 2.33
C ASP A 61 3.94 -11.04 1.77
N LYS A 62 3.93 -10.90 0.44
CA LYS A 62 4.76 -9.90 -0.21
C LYS A 62 4.30 -8.49 0.14
N ILE A 63 2.98 -8.30 0.17
CA ILE A 63 2.41 -7.01 0.54
C ILE A 63 2.81 -6.66 1.97
N ASN A 64 2.67 -7.62 2.87
CA ASN A 64 3.01 -7.41 4.27
C ASN A 64 4.48 -7.08 4.43
N GLU A 65 5.32 -7.66 3.57
CA GLU A 65 6.74 -7.35 3.55
C GLU A 65 6.95 -5.91 3.12
N CYS A 66 6.25 -5.53 2.05
CA CYS A 66 6.39 -4.20 1.48
C CYS A 66 5.87 -3.14 2.43
N ILE A 67 4.75 -3.44 3.11
CA ILE A 67 4.18 -2.53 4.10
C ILE A 67 5.19 -2.27 5.21
N LYS A 68 5.81 -3.33 5.70
CA LYS A 68 6.75 -3.23 6.82
C LYS A 68 7.98 -2.42 6.42
N LYS A 69 8.50 -2.69 5.24
CA LYS A 69 9.70 -2.02 4.74
C LYS A 69 9.40 -0.56 4.40
N ILE A 70 8.28 -0.31 3.76
CA ILE A 70 7.89 1.05 3.40
C ILE A 70 7.54 1.88 4.64
N GLU A 71 6.87 1.25 5.58
CA GLU A 71 6.57 1.92 6.85
C GLU A 71 7.87 2.23 7.56
N ALA A 72 8.85 1.34 7.42
CA ALA A 72 10.18 1.56 7.96
C ALA A 72 10.84 2.77 7.31
N ILE A 73 10.50 3.03 6.06
CA ILE A 73 11.08 4.15 5.33
C ILE A 73 10.61 5.49 5.90
N TYR A 74 9.32 5.61 6.18
CA TYR A 74 8.79 6.90 6.62
C TYR A 74 8.60 6.97 8.14
N LEU A 75 8.18 5.88 8.76
CA LEU A 75 7.91 5.88 10.19
C LEU A 75 9.02 5.21 10.98
N ARG A 76 9.90 4.51 10.25
CA ARG A 76 11.01 3.74 10.84
C ARG A 76 10.48 2.53 11.61
N ASP A 77 11.06 1.37 11.32
CA ASP A 77 10.66 0.14 11.97
C ASP A 77 11.72 -0.31 12.96
N GLY A 1 -4.99 34.69 0.16
CA GLY A 1 -4.55 33.40 0.72
C GLY A 1 -5.65 32.35 0.72
N SER A 2 -6.44 32.34 -0.35
CA SER A 2 -7.56 31.41 -0.46
C SER A 2 -7.07 29.97 -0.50
N GLY A 3 -7.50 29.17 0.47
CA GLY A 3 -7.11 27.78 0.53
C GLY A 3 -5.72 27.59 1.09
N LEU A 4 -5.11 28.69 1.54
CA LEU A 4 -3.76 28.64 2.09
C LEU A 4 -3.79 28.83 3.60
N LYS A 5 -4.71 28.16 4.26
CA LYS A 5 -4.81 28.21 5.71
C LYS A 5 -5.26 26.86 6.23
N THR A 6 -5.05 26.62 7.52
CA THR A 6 -5.38 25.35 8.17
C THR A 6 -4.85 24.17 7.37
N LYS A 7 -3.62 24.30 6.88
CA LYS A 7 -2.98 23.26 6.11
C LYS A 7 -2.69 22.04 6.99
N SER A 8 -2.27 22.35 8.22
CA SER A 8 -2.06 21.34 9.25
C SER A 8 -0.96 20.35 8.87
N VAL A 9 -0.07 20.79 7.97
CA VAL A 9 1.00 19.94 7.44
C VAL A 9 0.41 18.79 6.61
N ARG A 10 0.61 18.85 5.30
CA ARG A 10 0.08 17.81 4.41
C ARG A 10 0.99 16.59 4.43
N LEU A 11 0.51 15.52 5.06
CA LEU A 11 1.32 14.34 5.30
C LEU A 11 1.30 13.37 4.12
N SER A 12 1.02 13.89 2.93
CA SER A 12 0.98 13.04 1.74
C SER A 12 2.38 12.94 1.13
N LYS A 13 3.39 13.27 1.94
CA LYS A 13 4.77 13.16 1.52
C LYS A 13 5.40 11.91 2.14
N MET A 14 4.79 11.46 3.23
CA MET A 14 5.29 10.29 3.95
C MET A 14 4.23 9.20 3.98
N GLY A 15 3.49 9.10 2.89
CA GLY A 15 2.44 8.10 2.80
C GLY A 15 2.98 6.75 2.43
N LYS A 16 3.08 5.85 3.42
CA LYS A 16 3.59 4.51 3.18
C LYS A 16 2.67 3.77 2.20
N LYS A 17 1.38 4.05 2.27
CA LYS A 17 0.41 3.43 1.39
C LYS A 17 0.61 3.90 -0.04
N GLU A 18 0.97 5.15 -0.21
CA GLU A 18 1.21 5.71 -1.54
C GLU A 18 2.41 5.04 -2.20
N LEU A 19 3.45 4.79 -1.42
CA LEU A 19 4.62 4.10 -1.92
C LEU A 19 4.28 2.64 -2.21
N LEU A 20 3.43 2.04 -1.36
CA LEU A 20 2.95 0.68 -1.61
C LEU A 20 2.27 0.58 -2.97
N VAL A 21 1.36 1.51 -3.25
CA VAL A 21 0.67 1.52 -4.53
C VAL A 21 1.66 1.60 -5.68
N SER A 22 2.63 2.50 -5.55
CA SER A 22 3.61 2.72 -6.60
C SER A 22 4.54 1.51 -6.78
N VAL A 23 5.06 0.99 -5.68
CA VAL A 23 6.00 -0.12 -5.72
C VAL A 23 5.32 -1.38 -6.26
N LEU A 24 4.15 -1.68 -5.73
CA LEU A 24 3.41 -2.87 -6.16
C LEU A 24 3.01 -2.74 -7.61
N LYS A 25 2.69 -1.52 -8.05
CA LYS A 25 2.25 -1.29 -9.42
C LYS A 25 3.37 -1.51 -10.42
N ASN A 26 4.60 -1.29 -10.00
CA ASN A 26 5.75 -1.48 -10.88
C ASN A 26 6.28 -2.91 -10.84
N HIS A 27 5.81 -3.69 -9.87
CA HIS A 27 6.27 -5.07 -9.72
C HIS A 27 5.20 -6.05 -10.13
N PHE A 28 3.95 -5.72 -9.82
CA PHE A 28 2.82 -6.59 -10.08
C PHE A 28 1.75 -5.84 -10.83
N MET A 29 0.80 -6.56 -11.41
CA MET A 29 -0.33 -5.95 -12.09
C MET A 29 -1.33 -5.47 -11.05
N VAL A 30 -1.58 -4.18 -11.00
CA VAL A 30 -2.42 -3.61 -9.96
C VAL A 30 -3.63 -2.90 -10.57
N GLU A 31 -4.80 -3.17 -10.02
CA GLU A 31 -6.04 -2.61 -10.52
C GLU A 31 -6.89 -2.03 -9.39
N LYS A 32 -7.65 -1.00 -9.70
CA LYS A 32 -8.53 -0.35 -8.73
C LYS A 32 -9.93 -0.97 -8.80
N GLU A 33 -10.39 -1.49 -7.68
CA GLU A 33 -11.70 -2.13 -7.60
C GLU A 33 -12.31 -1.92 -6.22
N ASN A 34 -13.51 -1.34 -6.18
CA ASN A 34 -14.20 -1.06 -4.91
C ASN A 34 -13.35 -0.13 -4.04
N ASP A 35 -12.61 0.74 -4.72
CA ASP A 35 -11.65 1.65 -4.07
C ASP A 35 -10.59 0.89 -3.29
N ASP A 36 -10.46 -0.40 -3.60
CA ASP A 36 -9.42 -1.22 -3.01
C ASP A 36 -8.33 -1.44 -4.04
N ILE A 37 -7.21 -1.99 -3.60
CA ILE A 37 -6.07 -2.20 -4.48
C ILE A 37 -5.88 -3.68 -4.77
N LYS A 38 -6.01 -4.07 -6.02
CA LYS A 38 -5.84 -5.46 -6.41
C LYS A 38 -4.42 -5.69 -6.91
N VAL A 39 -3.71 -6.58 -6.25
CA VAL A 39 -2.38 -6.95 -6.65
C VAL A 39 -2.42 -8.31 -7.35
N MET A 40 -1.86 -8.37 -8.54
CA MET A 40 -1.87 -9.60 -9.32
C MET A 40 -0.48 -9.97 -9.81
N ASN A 41 -0.17 -11.24 -9.71
CA ASN A 41 1.10 -11.78 -10.18
C ASN A 41 0.96 -13.27 -10.45
N GLY A 42 1.28 -13.68 -11.66
CA GLY A 42 1.20 -15.09 -12.01
C GLY A 42 -0.20 -15.66 -11.82
N ASP A 43 -1.20 -14.86 -12.18
CA ASP A 43 -2.62 -15.24 -12.07
C ASP A 43 -3.09 -15.28 -10.62
N MET A 44 -2.25 -14.82 -9.71
CA MET A 44 -2.63 -14.70 -8.32
C MET A 44 -3.19 -13.31 -8.07
N MET A 45 -4.27 -13.21 -7.31
CA MET A 45 -4.89 -11.92 -7.07
C MET A 45 -5.07 -11.66 -5.57
N ALA A 46 -4.95 -10.41 -5.19
CA ALA A 46 -5.18 -9.99 -3.82
C ALA A 46 -5.84 -8.62 -3.80
N ARG A 47 -6.61 -8.34 -2.76
CA ARG A 47 -7.29 -7.07 -2.62
C ARG A 47 -6.92 -6.41 -1.30
N ILE A 48 -6.39 -5.20 -1.40
CA ILE A 48 -6.05 -4.42 -0.22
C ILE A 48 -7.17 -3.46 0.10
N SER A 49 -7.81 -3.66 1.23
CA SER A 49 -8.89 -2.78 1.65
C SER A 49 -8.39 -1.84 2.73
N GLY A 50 -9.30 -1.06 3.30
CA GLY A 50 -8.94 -0.05 4.30
C GLY A 50 -8.07 -0.61 5.42
N ASP A 51 -8.46 -1.76 5.95
CA ASP A 51 -7.68 -2.40 7.00
C ASP A 51 -7.60 -3.92 6.82
N GLY A 52 -8.53 -4.48 6.05
CA GLY A 52 -8.56 -5.92 5.88
C GLY A 52 -8.10 -6.33 4.50
N VAL A 53 -6.84 -6.76 4.41
CA VAL A 53 -6.28 -7.20 3.15
C VAL A 53 -6.49 -8.70 2.99
N THR A 54 -7.03 -9.09 1.85
CA THR A 54 -7.29 -10.50 1.57
C THR A 54 -6.96 -10.83 0.11
N GLY A 55 -6.26 -11.93 -0.10
CA GLY A 55 -5.86 -12.32 -1.44
C GLY A 55 -5.04 -13.59 -1.43
N ASP A 56 -4.46 -13.93 -2.57
CA ASP A 56 -3.57 -15.10 -2.65
C ASP A 56 -2.39 -14.91 -1.71
N ALA A 57 -2.12 -15.97 -0.95
CA ALA A 57 -1.16 -15.93 0.15
C ALA A 57 0.20 -15.40 -0.26
N GLY A 58 0.64 -15.72 -1.47
CA GLY A 58 1.96 -15.29 -1.91
C GLY A 58 2.06 -13.79 -2.00
N ILE A 59 1.03 -13.19 -2.57
CA ILE A 59 0.96 -11.75 -2.71
C ILE A 59 0.74 -11.08 -1.35
N VAL A 60 -0.11 -11.68 -0.52
CA VAL A 60 -0.41 -11.11 0.80
C VAL A 60 0.84 -10.99 1.65
N ASP A 61 1.63 -12.05 1.71
CA ASP A 61 2.88 -12.02 2.49
C ASP A 61 3.84 -11.01 1.91
N LYS A 62 3.87 -10.91 0.58
CA LYS A 62 4.70 -9.92 -0.09
C LYS A 62 4.27 -8.50 0.27
N ILE A 63 2.95 -8.27 0.23
CA ILE A 63 2.40 -6.97 0.59
C ILE A 63 2.76 -6.63 2.02
N ASN A 64 2.65 -7.61 2.91
CA ASN A 64 2.95 -7.43 4.32
C ASN A 64 4.41 -7.03 4.52
N GLU A 65 5.31 -7.66 3.78
CA GLU A 65 6.72 -7.31 3.81
C GLU A 65 6.92 -5.88 3.30
N CYS A 66 6.25 -5.56 2.20
CA CYS A 66 6.37 -4.24 1.58
C CYS A 66 5.86 -3.15 2.53
N ILE A 67 4.73 -3.41 3.18
CA ILE A 67 4.15 -2.47 4.13
C ILE A 67 5.14 -2.16 5.24
N LYS A 68 5.76 -3.19 5.80
CA LYS A 68 6.66 -3.01 6.93
C LYS A 68 7.95 -2.30 6.50
N LYS A 69 8.50 -2.70 5.36
CA LYS A 69 9.73 -2.09 4.87
C LYS A 69 9.52 -0.60 4.56
N ILE A 70 8.42 -0.31 3.89
CA ILE A 70 8.07 1.05 3.56
C ILE A 70 7.68 1.84 4.81
N GLU A 71 7.02 1.16 5.74
CA GLU A 71 6.70 1.76 7.02
C GLU A 71 7.97 2.14 7.76
N ALA A 72 8.96 1.26 7.68
CA ALA A 72 10.27 1.51 8.26
C ALA A 72 10.92 2.73 7.61
N ILE A 73 10.58 3.00 6.36
CA ILE A 73 11.12 4.14 5.65
C ILE A 73 10.53 5.46 6.16
N TYR A 74 9.21 5.50 6.39
CA TYR A 74 8.58 6.76 6.76
C TYR A 74 8.32 6.89 8.26
N LEU A 75 7.99 5.79 8.91
CA LEU A 75 7.68 5.81 10.34
C LEU A 75 8.85 5.30 11.16
N ARG A 76 9.75 4.57 10.50
CA ARG A 76 10.93 3.97 11.14
C ARG A 76 10.54 2.83 12.06
N ASP A 77 10.75 1.61 11.58
CA ASP A 77 10.42 0.41 12.32
C ASP A 77 11.65 -0.47 12.43
N GLY A 1 -3.91 23.06 24.14
CA GLY A 1 -3.90 23.67 22.80
C GLY A 1 -5.00 23.13 21.92
N SER A 2 -5.46 23.94 20.98
CA SER A 2 -6.53 23.53 20.08
C SER A 2 -5.96 23.09 18.73
N GLY A 3 -4.68 23.37 18.51
CA GLY A 3 -4.06 23.00 17.26
C GLY A 3 -2.56 23.24 17.28
N LEU A 4 -2.03 23.66 16.13
CA LEU A 4 -0.60 23.88 15.99
C LEU A 4 -0.33 25.38 15.78
N LYS A 5 -0.40 26.13 16.87
CA LYS A 5 -0.23 27.58 16.79
C LYS A 5 1.22 27.96 17.07
N THR A 6 1.65 27.78 18.32
CA THR A 6 3.00 28.13 18.71
C THR A 6 3.87 26.88 18.80
N LYS A 7 3.56 25.90 17.96
CA LYS A 7 4.29 24.64 17.96
C LYS A 7 4.84 24.35 16.58
N SER A 8 6.13 24.01 16.52
CA SER A 8 6.76 23.64 15.28
C SER A 8 6.46 22.18 14.97
N VAL A 9 5.21 21.92 14.61
CA VAL A 9 4.71 20.57 14.39
C VAL A 9 5.53 19.82 13.35
N ARG A 10 5.93 18.60 13.71
CA ARG A 10 6.64 17.74 12.78
C ARG A 10 5.63 16.99 11.93
N LEU A 11 5.82 17.03 10.63
CA LEU A 11 4.92 16.36 9.71
C LEU A 11 5.23 14.88 9.66
N SER A 12 4.20 14.07 9.46
CA SER A 12 4.35 12.63 9.40
C SER A 12 3.23 12.04 8.55
N LYS A 13 3.05 10.73 8.61
CA LYS A 13 2.00 10.04 7.88
C LYS A 13 2.15 10.23 6.37
N MET A 14 3.37 10.01 5.88
CA MET A 14 3.62 10.03 4.45
C MET A 14 2.86 8.91 3.76
N GLY A 15 2.55 9.12 2.48
CA GLY A 15 1.72 8.18 1.75
C GLY A 15 2.36 6.83 1.54
N LYS A 16 2.24 5.96 2.52
CA LYS A 16 2.75 4.61 2.42
C LYS A 16 1.95 3.81 1.40
N LYS A 17 0.66 4.12 1.29
CA LYS A 17 -0.21 3.50 0.30
C LYS A 17 0.27 3.83 -1.11
N GLU A 18 0.61 5.10 -1.32
CA GLU A 18 1.09 5.55 -2.62
C GLU A 18 2.35 4.82 -3.02
N LEU A 19 3.24 4.61 -2.06
CA LEU A 19 4.47 3.89 -2.31
C LEU A 19 4.19 2.41 -2.57
N LEU A 20 3.24 1.83 -1.82
CA LEU A 20 2.81 0.45 -2.07
C LEU A 20 2.33 0.29 -3.49
N VAL A 21 1.45 1.18 -3.92
CA VAL A 21 0.91 1.13 -5.27
C VAL A 21 2.03 1.19 -6.31
N SER A 22 2.96 2.11 -6.10
CA SER A 22 4.05 2.31 -7.05
C SER A 22 5.00 1.12 -7.07
N VAL A 23 5.41 0.67 -5.88
CA VAL A 23 6.38 -0.42 -5.76
C VAL A 23 5.80 -1.72 -6.30
N LEU A 24 4.58 -2.03 -5.89
CA LEU A 24 3.92 -3.26 -6.32
C LEU A 24 3.60 -3.19 -7.81
N LYS A 25 3.32 -1.98 -8.31
CA LYS A 25 3.01 -1.80 -9.73
C LYS A 25 4.25 -2.08 -10.59
N ASN A 26 5.43 -1.89 -10.00
CA ASN A 26 6.68 -2.12 -10.71
C ASN A 26 6.99 -3.61 -10.82
N HIS A 27 6.21 -4.44 -10.14
CA HIS A 27 6.44 -5.88 -10.14
C HIS A 27 5.19 -6.63 -10.59
N PHE A 28 4.03 -6.13 -10.19
CA PHE A 28 2.77 -6.81 -10.40
C PHE A 28 1.76 -5.89 -11.10
N MET A 29 0.69 -6.48 -11.62
CA MET A 29 -0.41 -5.71 -12.17
C MET A 29 -1.30 -5.26 -11.02
N VAL A 30 -1.45 -3.95 -10.85
CA VAL A 30 -2.20 -3.43 -9.71
C VAL A 30 -3.42 -2.64 -10.19
N GLU A 31 -4.58 -3.01 -9.65
CA GLU A 31 -5.84 -2.38 -10.05
C GLU A 31 -6.56 -1.81 -8.84
N LYS A 32 -7.41 -0.82 -9.08
CA LYS A 32 -8.15 -0.16 -8.02
C LYS A 32 -9.60 -0.62 -8.01
N GLU A 33 -10.05 -1.15 -6.88
CA GLU A 33 -11.40 -1.65 -6.76
C GLU A 33 -11.94 -1.40 -5.35
N ASN A 34 -13.07 -0.71 -5.25
CA ASN A 34 -13.70 -0.39 -3.96
C ASN A 34 -12.74 0.46 -3.12
N ASP A 35 -11.97 1.31 -3.80
CA ASP A 35 -10.95 2.15 -3.16
C ASP A 35 -9.90 1.30 -2.46
N ASP A 36 -9.91 0.02 -2.78
CA ASP A 36 -8.94 -0.93 -2.25
C ASP A 36 -7.92 -1.24 -3.34
N ILE A 37 -6.81 -1.86 -2.95
CA ILE A 37 -5.72 -2.09 -3.88
C ILE A 37 -5.62 -3.58 -4.23
N LYS A 38 -5.78 -3.88 -5.50
CA LYS A 38 -5.69 -5.27 -5.96
C LYS A 38 -4.34 -5.52 -6.62
N VAL A 39 -3.61 -6.46 -6.07
CA VAL A 39 -2.33 -6.87 -6.61
C VAL A 39 -2.49 -8.17 -7.37
N MET A 40 -2.00 -8.21 -8.60
CA MET A 40 -2.10 -9.40 -9.41
C MET A 40 -0.74 -9.88 -9.88
N ASN A 41 -0.50 -11.16 -9.68
CA ASN A 41 0.74 -11.81 -10.12
C ASN A 41 0.44 -13.24 -10.53
N GLY A 42 0.74 -13.56 -11.78
CA GLY A 42 0.51 -14.91 -12.28
C GLY A 42 -0.94 -15.34 -12.18
N ASP A 43 -1.84 -14.44 -12.57
CA ASP A 43 -3.28 -14.70 -12.56
C ASP A 43 -3.84 -14.76 -11.15
N MET A 44 -2.99 -14.52 -10.16
CA MET A 44 -3.41 -14.48 -8.78
C MET A 44 -3.68 -13.04 -8.38
N MET A 45 -4.61 -12.82 -7.45
CA MET A 45 -4.94 -11.47 -7.05
C MET A 45 -5.13 -11.35 -5.54
N ALA A 46 -4.89 -10.15 -5.03
CA ALA A 46 -5.11 -9.86 -3.62
C ALA A 46 -5.66 -8.46 -3.46
N ARG A 47 -6.49 -8.25 -2.46
CA ARG A 47 -7.06 -6.94 -2.21
C ARG A 47 -6.64 -6.41 -0.85
N ILE A 48 -6.04 -5.23 -0.85
CA ILE A 48 -5.72 -4.53 0.38
C ILE A 48 -6.88 -3.61 0.71
N SER A 49 -7.60 -3.90 1.78
CA SER A 49 -8.77 -3.12 2.13
C SER A 49 -8.48 -2.20 3.31
N GLY A 50 -9.50 -1.50 3.78
CA GLY A 50 -9.33 -0.49 4.80
C GLY A 50 -8.73 -1.01 6.09
N ASP A 51 -9.31 -2.07 6.63
CA ASP A 51 -8.88 -2.59 7.93
C ASP A 51 -8.36 -4.02 7.81
N GLY A 52 -8.48 -4.61 6.64
CA GLY A 52 -8.03 -5.98 6.45
C GLY A 52 -7.50 -6.24 5.05
N VAL A 53 -6.70 -7.28 4.89
CA VAL A 53 -6.18 -7.65 3.60
C VAL A 53 -6.50 -9.11 3.28
N THR A 54 -7.08 -9.36 2.11
CA THR A 54 -7.41 -10.71 1.69
C THR A 54 -7.00 -10.92 0.24
N GLY A 55 -6.29 -11.99 -0.03
CA GLY A 55 -5.86 -12.28 -1.38
C GLY A 55 -4.98 -13.51 -1.46
N ASP A 56 -4.37 -13.73 -2.62
CA ASP A 56 -3.40 -14.80 -2.78
C ASP A 56 -2.28 -14.67 -1.75
N ALA A 57 -1.98 -15.79 -1.11
CA ALA A 57 -1.06 -15.83 0.02
C ALA A 57 0.34 -15.36 -0.37
N GLY A 58 0.79 -15.71 -1.57
CA GLY A 58 2.11 -15.32 -2.01
C GLY A 58 2.21 -13.82 -2.18
N ILE A 59 1.17 -13.25 -2.78
CA ILE A 59 1.07 -11.81 -2.93
C ILE A 59 0.95 -11.13 -1.57
N VAL A 60 0.13 -11.70 -0.69
CA VAL A 60 -0.09 -11.12 0.64
C VAL A 60 1.21 -11.02 1.43
N ASP A 61 2.03 -12.07 1.39
CA ASP A 61 3.32 -12.05 2.06
C ASP A 61 4.21 -10.96 1.49
N LYS A 62 4.18 -10.77 0.18
CA LYS A 62 4.97 -9.72 -0.43
C LYS A 62 4.43 -8.35 -0.07
N ILE A 63 3.10 -8.24 -0.03
CA ILE A 63 2.44 -7.00 0.36
C ILE A 63 2.84 -6.63 1.79
N ASN A 64 2.74 -7.59 2.69
CA ASN A 64 3.07 -7.38 4.09
C ASN A 64 4.53 -6.99 4.26
N GLU A 65 5.39 -7.56 3.43
CA GLU A 65 6.80 -7.21 3.42
C GLU A 65 6.99 -5.76 2.99
N CYS A 66 6.30 -5.38 1.93
CA CYS A 66 6.40 -4.04 1.37
C CYS A 66 5.82 -3.01 2.34
N ILE A 67 4.63 -3.30 2.88
CA ILE A 67 4.00 -2.43 3.87
C ILE A 67 4.93 -2.22 5.06
N LYS A 68 5.50 -3.28 5.58
CA LYS A 68 6.33 -3.19 6.77
C LYS A 68 7.61 -2.41 6.49
N LYS A 69 8.19 -2.62 5.33
CA LYS A 69 9.40 -1.90 4.93
C LYS A 69 9.09 -0.42 4.78
N ILE A 70 8.00 -0.12 4.10
CA ILE A 70 7.58 1.25 3.86
C ILE A 70 7.16 1.91 5.18
N GLU A 71 6.55 1.13 6.06
CA GLU A 71 6.20 1.60 7.39
C GLU A 71 7.47 2.03 8.12
N ALA A 72 8.51 1.22 7.99
CA ALA A 72 9.79 1.53 8.60
C ALA A 72 10.41 2.78 7.98
N ILE A 73 10.16 2.99 6.70
CA ILE A 73 10.74 4.11 5.97
C ILE A 73 10.06 5.44 6.33
N TYR A 74 8.73 5.45 6.39
CA TYR A 74 8.02 6.70 6.65
C TYR A 74 7.55 6.85 8.08
N LEU A 75 7.15 5.76 8.70
CA LEU A 75 6.53 5.82 10.02
C LEU A 75 7.49 5.38 11.11
N ARG A 76 8.56 4.69 10.71
CA ARG A 76 9.45 4.00 11.64
C ARG A 76 8.73 2.82 12.28
N ASP A 77 9.17 1.60 11.96
CA ASP A 77 8.49 0.41 12.44
C ASP A 77 8.69 0.22 13.93
N GLY A 1 3.04 27.37 14.00
CA GLY A 1 3.19 26.10 13.25
C GLY A 1 4.60 25.91 12.74
N SER A 2 4.73 25.33 11.56
CA SER A 2 6.02 25.14 10.93
C SER A 2 5.86 25.06 9.42
N GLY A 3 6.37 26.06 8.72
CA GLY A 3 6.23 26.11 7.28
C GLY A 3 7.31 25.32 6.57
N LEU A 4 7.24 24.00 6.68
CA LEU A 4 8.21 23.10 6.05
C LEU A 4 7.91 22.91 4.57
N LYS A 5 7.87 24.01 3.84
CA LYS A 5 7.59 23.96 2.41
C LYS A 5 8.78 24.46 1.60
N THR A 6 9.42 25.52 2.10
CA THR A 6 10.59 26.08 1.43
C THR A 6 11.70 25.04 1.33
N LYS A 7 11.91 24.30 2.42
CA LYS A 7 12.81 23.16 2.41
C LYS A 7 12.24 22.06 3.30
N SER A 8 11.58 21.11 2.67
CA SER A 8 10.99 19.98 3.38
C SER A 8 12.07 18.93 3.62
N VAL A 9 12.78 19.09 4.72
CA VAL A 9 13.97 18.30 5.01
C VAL A 9 13.67 16.82 5.23
N ARG A 10 12.43 16.50 5.58
CA ARG A 10 12.06 15.11 5.82
C ARG A 10 10.86 14.70 4.97
N LEU A 11 10.83 15.20 3.73
CA LEU A 11 9.82 14.85 2.75
C LEU A 11 8.45 15.45 3.09
N SER A 12 7.76 15.92 2.06
CA SER A 12 6.41 16.44 2.21
C SER A 12 5.39 15.33 2.01
N LYS A 13 4.67 14.99 3.08
CA LYS A 13 3.65 13.94 3.05
C LYS A 13 4.29 12.58 2.76
N MET A 14 4.69 11.90 3.82
CA MET A 14 5.29 10.58 3.71
C MET A 14 4.21 9.55 3.40
N GLY A 15 3.92 9.38 2.12
CA GLY A 15 2.89 8.45 1.71
C GLY A 15 3.42 7.03 1.68
N LYS A 16 3.33 6.34 2.81
CA LYS A 16 3.78 4.97 2.90
C LYS A 16 2.88 4.05 2.08
N LYS A 17 1.58 4.31 2.10
CA LYS A 17 0.65 3.55 1.28
C LYS A 17 0.83 3.89 -0.19
N GLU A 18 1.16 5.16 -0.45
CA GLU A 18 1.43 5.61 -1.81
C GLU A 18 2.64 4.89 -2.39
N LEU A 19 3.66 4.71 -1.55
CA LEU A 19 4.86 3.99 -1.99
C LEU A 19 4.53 2.52 -2.21
N LEU A 20 3.64 1.96 -1.39
CA LEU A 20 3.17 0.59 -1.58
C LEU A 20 2.58 0.43 -2.97
N VAL A 21 1.70 1.36 -3.34
CA VAL A 21 1.06 1.33 -4.64
C VAL A 21 2.11 1.37 -5.75
N SER A 22 3.09 2.24 -5.59
CA SER A 22 4.15 2.40 -6.58
C SER A 22 4.99 1.14 -6.70
N VAL A 23 5.43 0.60 -5.56
CA VAL A 23 6.29 -0.57 -5.54
C VAL A 23 5.57 -1.78 -6.10
N LEU A 24 4.35 -2.00 -5.64
CA LEU A 24 3.55 -3.14 -6.09
C LEU A 24 3.23 -3.02 -7.57
N LYS A 25 2.98 -1.81 -8.04
CA LYS A 25 2.65 -1.56 -9.44
C LYS A 25 3.86 -1.79 -10.34
N ASN A 26 5.05 -1.62 -9.78
CA ASN A 26 6.29 -1.77 -10.56
C ASN A 26 6.69 -3.24 -10.68
N HIS A 27 6.02 -4.12 -9.95
CA HIS A 27 6.35 -5.54 -9.99
C HIS A 27 5.14 -6.37 -10.40
N PHE A 28 3.96 -5.93 -10.01
CA PHE A 28 2.74 -6.68 -10.26
C PHE A 28 1.71 -5.80 -10.94
N MET A 29 0.69 -6.42 -11.51
CA MET A 29 -0.40 -5.68 -12.14
C MET A 29 -1.43 -5.32 -11.08
N VAL A 30 -1.66 -4.04 -10.88
CA VAL A 30 -2.54 -3.58 -9.82
C VAL A 30 -3.74 -2.84 -10.38
N GLU A 31 -4.93 -3.25 -9.95
CA GLU A 31 -6.16 -2.65 -10.42
C GLU A 31 -6.99 -2.17 -9.23
N LYS A 32 -7.69 -1.06 -9.40
CA LYS A 32 -8.52 -0.50 -8.33
C LYS A 32 -9.97 -0.88 -8.52
N GLU A 33 -10.52 -1.57 -7.53
CA GLU A 33 -11.91 -2.03 -7.58
C GLU A 33 -12.53 -1.92 -6.20
N ASN A 34 -13.79 -1.46 -6.16
CA ASN A 34 -14.51 -1.19 -4.91
C ASN A 34 -13.75 -0.13 -4.11
N ASP A 35 -13.10 0.77 -4.82
CA ASP A 35 -12.23 1.79 -4.21
C ASP A 35 -11.11 1.14 -3.43
N ASP A 36 -10.77 -0.09 -3.79
CA ASP A 36 -9.73 -0.86 -3.12
C ASP A 36 -8.61 -1.19 -4.10
N ILE A 37 -7.55 -1.77 -3.58
CA ILE A 37 -6.37 -2.08 -4.38
C ILE A 37 -6.21 -3.59 -4.55
N LYS A 38 -6.27 -4.07 -5.78
CA LYS A 38 -6.05 -5.49 -6.05
C LYS A 38 -4.72 -5.68 -6.77
N VAL A 39 -3.86 -6.48 -6.16
CA VAL A 39 -2.58 -6.83 -6.72
C VAL A 39 -2.67 -8.17 -7.42
N MET A 40 -2.20 -8.23 -8.64
CA MET A 40 -2.22 -9.47 -9.40
C MET A 40 -0.84 -9.81 -9.94
N ASN A 41 -0.47 -11.07 -9.82
CA ASN A 41 0.76 -11.57 -10.40
C ASN A 41 0.50 -12.95 -10.98
N GLY A 42 0.71 -13.10 -12.27
CA GLY A 42 0.38 -14.34 -12.95
C GLY A 42 -1.11 -14.58 -12.96
N ASP A 43 -1.56 -15.47 -12.08
CA ASP A 43 -2.99 -15.71 -11.91
C ASP A 43 -3.38 -15.53 -10.45
N MET A 44 -2.47 -14.97 -9.68
CA MET A 44 -2.69 -14.72 -8.27
C MET A 44 -3.23 -13.31 -8.06
N MET A 45 -4.17 -13.15 -7.14
CA MET A 45 -4.75 -11.85 -6.87
C MET A 45 -4.93 -11.63 -5.37
N ALA A 46 -4.85 -10.38 -4.96
CA ALA A 46 -5.11 -10.00 -3.58
C ALA A 46 -5.73 -8.61 -3.52
N ARG A 47 -6.71 -8.42 -2.64
CA ARG A 47 -7.39 -7.14 -2.53
C ARG A 47 -7.18 -6.53 -1.15
N ILE A 48 -6.67 -5.32 -1.13
CA ILE A 48 -6.56 -4.55 0.09
C ILE A 48 -7.81 -3.71 0.24
N SER A 49 -8.65 -4.06 1.20
CA SER A 49 -9.88 -3.34 1.42
C SER A 49 -9.79 -2.49 2.68
N GLY A 50 -10.82 -1.71 2.97
CA GLY A 50 -10.81 -0.88 4.17
C GLY A 50 -10.83 -1.71 5.43
N ASP A 51 -11.67 -2.74 5.42
CA ASP A 51 -11.81 -3.63 6.57
C ASP A 51 -10.56 -4.47 6.76
N GLY A 52 -10.19 -5.21 5.73
CA GLY A 52 -9.03 -6.06 5.81
C GLY A 52 -8.48 -6.39 4.44
N VAL A 53 -7.49 -7.27 4.41
CA VAL A 53 -6.87 -7.67 3.15
C VAL A 53 -7.08 -9.16 2.92
N THR A 54 -7.57 -9.51 1.75
CA THR A 54 -7.78 -10.90 1.39
C THR A 54 -7.21 -11.17 0.00
N GLY A 55 -6.41 -12.21 -0.12
CA GLY A 55 -5.83 -12.55 -1.40
C GLY A 55 -4.90 -13.74 -1.30
N ASP A 56 -4.23 -14.05 -2.40
CA ASP A 56 -3.24 -15.13 -2.41
C ASP A 56 -2.06 -14.76 -1.53
N ALA A 57 -1.62 -15.74 -0.74
CA ALA A 57 -0.57 -15.55 0.27
C ALA A 57 0.71 -15.00 -0.32
N GLY A 58 1.04 -15.41 -1.55
CA GLY A 58 2.28 -14.94 -2.16
C GLY A 58 2.28 -13.44 -2.30
N ILE A 59 1.17 -12.90 -2.74
CA ILE A 59 1.02 -11.47 -2.90
C ILE A 59 0.83 -10.81 -1.54
N VAL A 60 -0.01 -11.38 -0.69
CA VAL A 60 -0.28 -10.81 0.63
C VAL A 60 0.98 -10.71 1.47
N ASP A 61 1.76 -11.80 1.51
CA ASP A 61 3.02 -11.81 2.26
C ASP A 61 3.99 -10.79 1.68
N LYS A 62 3.98 -10.62 0.36
CA LYS A 62 4.83 -9.63 -0.27
C LYS A 62 4.37 -8.22 0.08
N ILE A 63 3.06 -8.00 0.04
CA ILE A 63 2.48 -6.70 0.39
C ILE A 63 2.86 -6.33 1.80
N ASN A 64 2.66 -7.27 2.72
CA ASN A 64 2.98 -7.06 4.13
C ASN A 64 4.46 -6.78 4.32
N GLU A 65 5.29 -7.46 3.54
CA GLU A 65 6.74 -7.21 3.56
C GLU A 65 7.02 -5.78 3.11
N CYS A 66 6.37 -5.37 2.03
CA CYS A 66 6.54 -4.03 1.50
C CYS A 66 6.04 -2.99 2.51
N ILE A 67 4.90 -3.29 3.14
CA ILE A 67 4.35 -2.44 4.20
C ILE A 67 5.37 -2.26 5.31
N LYS A 68 5.95 -3.39 5.76
CA LYS A 68 6.90 -3.38 6.85
C LYS A 68 8.12 -2.52 6.52
N LYS A 69 8.65 -2.70 5.31
CA LYS A 69 9.83 -1.97 4.89
C LYS A 69 9.54 -0.49 4.73
N ILE A 70 8.45 -0.19 4.03
CA ILE A 70 8.10 1.18 3.71
C ILE A 70 7.68 1.97 4.94
N GLU A 71 6.94 1.34 5.84
CA GLU A 71 6.52 2.00 7.06
C GLU A 71 7.73 2.27 7.93
N ALA A 72 8.70 1.37 7.89
CA ALA A 72 9.96 1.55 8.58
C ALA A 72 10.78 2.69 7.96
N ILE A 73 10.57 2.90 6.66
CA ILE A 73 11.28 3.95 5.95
C ILE A 73 10.81 5.34 6.38
N TYR A 74 9.51 5.52 6.56
CA TYR A 74 8.99 6.85 6.88
C TYR A 74 8.68 7.02 8.37
N LEU A 75 8.20 5.98 9.01
CA LEU A 75 7.85 6.06 10.42
C LEU A 75 8.89 5.40 11.31
N ARG A 76 9.71 4.54 10.70
CA ARG A 76 10.66 3.68 11.41
C ARG A 76 9.92 2.56 12.13
N ASP A 77 10.36 1.33 11.91
CA ASP A 77 9.73 0.18 12.53
C ASP A 77 10.77 -0.90 12.76
N GLY A 1 6.31 25.60 -10.40
CA GLY A 1 5.65 25.80 -11.72
C GLY A 1 5.57 27.27 -12.07
N SER A 2 5.53 27.56 -13.37
CA SER A 2 5.47 28.93 -13.85
C SER A 2 4.06 29.49 -13.69
N GLY A 3 3.87 30.25 -12.62
CA GLY A 3 2.57 30.84 -12.34
C GLY A 3 2.41 31.16 -10.87
N LEU A 4 2.61 30.16 -10.04
CA LEU A 4 2.50 30.35 -8.60
C LEU A 4 3.86 30.16 -7.95
N LYS A 5 4.48 31.25 -7.52
CA LYS A 5 5.77 31.19 -6.85
C LYS A 5 5.56 30.83 -5.38
N THR A 6 4.40 31.19 -4.86
CA THR A 6 4.04 30.85 -3.48
C THR A 6 3.44 29.44 -3.43
N LYS A 7 4.31 28.44 -3.51
CA LYS A 7 3.89 27.05 -3.50
C LYS A 7 3.57 26.58 -2.08
N SER A 8 2.48 25.86 -1.94
CA SER A 8 2.10 25.30 -0.65
C SER A 8 2.91 24.04 -0.39
N VAL A 9 3.90 24.14 0.49
CA VAL A 9 4.78 23.02 0.78
C VAL A 9 4.01 21.87 1.41
N ARG A 10 4.22 20.67 0.88
CA ARG A 10 3.50 19.50 1.36
C ARG A 10 4.44 18.54 2.07
N LEU A 11 4.45 18.60 3.39
CA LEU A 11 5.25 17.69 4.19
C LEU A 11 4.53 16.35 4.28
N SER A 12 3.26 16.35 3.88
CA SER A 12 2.47 15.14 3.80
C SER A 12 2.90 14.30 2.60
N LYS A 13 4.08 13.70 2.70
CA LYS A 13 4.58 12.82 1.67
C LYS A 13 4.99 11.49 2.28
N MET A 14 4.37 11.17 3.40
CA MET A 14 4.71 9.98 4.17
C MET A 14 3.70 8.86 3.90
N GLY A 15 2.99 8.97 2.79
CA GLY A 15 2.01 7.97 2.45
C GLY A 15 2.63 6.63 2.09
N LYS A 16 2.62 5.71 3.05
CA LYS A 16 3.20 4.39 2.85
C LYS A 16 2.37 3.59 1.84
N LYS A 17 1.06 3.73 1.89
CA LYS A 17 0.19 3.03 0.96
C LYS A 17 0.38 3.56 -0.45
N GLU A 18 0.62 4.86 -0.55
CA GLU A 18 0.92 5.47 -1.84
C GLU A 18 2.17 4.83 -2.44
N LEU A 19 3.18 4.64 -1.60
CA LEU A 19 4.42 4.02 -2.05
C LEU A 19 4.19 2.53 -2.33
N LEU A 20 3.36 1.88 -1.52
CA LEU A 20 2.99 0.49 -1.76
C LEU A 20 2.39 0.30 -3.15
N VAL A 21 1.46 1.19 -3.52
CA VAL A 21 0.85 1.14 -4.83
C VAL A 21 1.91 1.20 -5.91
N SER A 22 2.84 2.13 -5.78
CA SER A 22 3.89 2.33 -6.76
C SER A 22 4.87 1.16 -6.78
N VAL A 23 5.32 0.72 -5.62
CA VAL A 23 6.31 -0.34 -5.51
C VAL A 23 5.75 -1.66 -6.03
N LEU A 24 4.55 -2.00 -5.59
CA LEU A 24 3.91 -3.24 -6.02
C LEU A 24 3.60 -3.18 -7.51
N LYS A 25 3.33 -1.98 -8.00
CA LYS A 25 3.01 -1.78 -9.41
C LYS A 25 4.25 -1.98 -10.29
N ASN A 26 5.43 -1.81 -9.70
CA ASN A 26 6.68 -2.03 -10.43
C ASN A 26 7.04 -3.50 -10.48
N HIS A 27 6.29 -4.33 -9.77
CA HIS A 27 6.55 -5.76 -9.73
C HIS A 27 5.34 -6.54 -10.26
N PHE A 28 4.16 -6.04 -9.93
CA PHE A 28 2.91 -6.71 -10.26
C PHE A 28 1.96 -5.73 -10.92
N MET A 29 0.92 -6.25 -11.54
CA MET A 29 -0.12 -5.41 -12.12
C MET A 29 -1.12 -5.02 -11.04
N VAL A 30 -1.25 -3.73 -10.78
CA VAL A 30 -2.11 -3.27 -9.70
C VAL A 30 -3.33 -2.51 -10.24
N GLU A 31 -4.50 -2.95 -9.80
CA GLU A 31 -5.77 -2.35 -10.23
C GLU A 31 -6.58 -1.91 -9.02
N LYS A 32 -7.56 -1.05 -9.26
CA LYS A 32 -8.43 -0.59 -8.18
C LYS A 32 -9.82 -1.19 -8.31
N GLU A 33 -10.36 -1.64 -7.20
CA GLU A 33 -11.67 -2.29 -7.18
C GLU A 33 -12.37 -1.98 -5.85
N ASN A 34 -13.54 -1.36 -5.93
CA ASN A 34 -14.30 -0.96 -4.73
C ASN A 34 -13.46 0.00 -3.89
N ASP A 35 -12.65 0.81 -4.59
CA ASP A 35 -11.73 1.76 -3.95
C ASP A 35 -10.65 1.04 -3.14
N ASP A 36 -10.53 -0.26 -3.36
CA ASP A 36 -9.49 -1.06 -2.72
C ASP A 36 -8.38 -1.33 -3.73
N ILE A 37 -7.29 -1.90 -3.26
CA ILE A 37 -6.11 -2.10 -4.10
C ILE A 37 -5.92 -3.58 -4.44
N LYS A 38 -5.96 -3.91 -5.71
CA LYS A 38 -5.75 -5.29 -6.15
C LYS A 38 -4.36 -5.46 -6.73
N VAL A 39 -3.64 -6.41 -6.17
CA VAL A 39 -2.35 -6.81 -6.72
C VAL A 39 -2.53 -8.07 -7.56
N MET A 40 -2.05 -8.03 -8.79
CA MET A 40 -2.17 -9.17 -9.70
C MET A 40 -0.80 -9.76 -10.00
N ASN A 41 -0.71 -11.07 -9.85
CA ASN A 41 0.48 -11.81 -10.24
C ASN A 41 0.04 -13.06 -10.97
N GLY A 42 0.41 -13.20 -12.23
CA GLY A 42 -0.11 -14.28 -13.04
C GLY A 42 -1.63 -14.19 -13.15
N ASP A 43 -2.32 -15.10 -12.49
CA ASP A 43 -3.77 -15.04 -12.39
C ASP A 43 -4.19 -14.96 -10.93
N MET A 44 -3.23 -14.70 -10.07
CA MET A 44 -3.48 -14.56 -8.64
C MET A 44 -3.73 -13.10 -8.29
N MET A 45 -4.71 -12.85 -7.44
CA MET A 45 -5.07 -11.49 -7.07
C MET A 45 -5.15 -11.33 -5.55
N ALA A 46 -4.94 -10.11 -5.09
CA ALA A 46 -5.12 -9.77 -3.69
C ALA A 46 -5.71 -8.38 -3.56
N ARG A 47 -6.61 -8.20 -2.61
CA ARG A 47 -7.25 -6.92 -2.40
C ARG A 47 -6.92 -6.34 -1.04
N ILE A 48 -6.38 -5.14 -1.02
CA ILE A 48 -6.09 -4.43 0.20
C ILE A 48 -7.22 -3.46 0.51
N SER A 49 -7.97 -3.72 1.57
CA SER A 49 -9.04 -2.83 1.98
C SER A 49 -8.61 -2.05 3.23
N GLY A 50 -9.52 -1.26 3.77
CA GLY A 50 -9.21 -0.44 4.93
C GLY A 50 -9.05 -1.27 6.19
N ASP A 51 -10.04 -2.10 6.48
CA ASP A 51 -10.04 -2.88 7.72
C ASP A 51 -9.03 -4.02 7.68
N GLY A 52 -8.74 -4.53 6.49
CA GLY A 52 -7.83 -5.64 6.36
C GLY A 52 -7.50 -5.98 4.92
N VAL A 53 -6.63 -6.96 4.75
CA VAL A 53 -6.20 -7.38 3.42
C VAL A 53 -6.60 -8.82 3.17
N THR A 54 -7.19 -9.10 2.02
CA THR A 54 -7.55 -10.46 1.64
C THR A 54 -7.10 -10.74 0.22
N GLY A 55 -6.39 -11.84 0.00
CA GLY A 55 -5.90 -12.15 -1.32
C GLY A 55 -5.08 -13.42 -1.35
N ASP A 56 -4.43 -13.68 -2.48
CA ASP A 56 -3.57 -14.85 -2.65
C ASP A 56 -2.37 -14.78 -1.72
N ALA A 57 -2.07 -15.93 -1.11
CA ALA A 57 -1.05 -16.06 -0.07
C ALA A 57 0.31 -15.53 -0.50
N GLY A 58 0.70 -15.79 -1.75
CA GLY A 58 2.01 -15.37 -2.22
C GLY A 58 2.11 -13.86 -2.27
N ILE A 59 1.08 -13.25 -2.85
CA ILE A 59 1.01 -11.81 -2.96
C ILE A 59 0.88 -11.18 -1.57
N VAL A 60 0.05 -11.77 -0.71
CA VAL A 60 -0.18 -11.24 0.62
C VAL A 60 1.11 -11.17 1.42
N ASP A 61 1.91 -12.23 1.34
CA ASP A 61 3.20 -12.25 2.03
C ASP A 61 4.09 -11.12 1.53
N LYS A 62 4.12 -10.93 0.22
CA LYS A 62 4.94 -9.89 -0.38
C LYS A 62 4.46 -8.49 0.04
N ILE A 63 3.15 -8.30 0.01
CA ILE A 63 2.56 -7.00 0.35
C ILE A 63 2.95 -6.59 1.76
N ASN A 64 2.76 -7.51 2.70
CA ASN A 64 3.01 -7.22 4.11
C ASN A 64 4.49 -6.94 4.37
N GLU A 65 5.37 -7.60 3.62
CA GLU A 65 6.79 -7.32 3.70
C GLU A 65 7.07 -5.90 3.25
N CYS A 66 6.47 -5.52 2.13
CA CYS A 66 6.66 -4.21 1.56
C CYS A 66 6.06 -3.13 2.46
N ILE A 67 4.90 -3.43 3.04
CA ILE A 67 4.25 -2.52 3.99
C ILE A 67 5.19 -2.21 5.15
N LYS A 68 5.79 -3.25 5.73
CA LYS A 68 6.62 -3.07 6.90
C LYS A 68 7.90 -2.30 6.57
N LYS A 69 8.47 -2.56 5.40
CA LYS A 69 9.68 -1.87 4.96
C LYS A 69 9.38 -0.39 4.68
N ILE A 70 8.28 -0.16 3.97
CA ILE A 70 7.87 1.20 3.63
C ILE A 70 7.42 1.95 4.89
N GLU A 71 6.80 1.23 5.81
CA GLU A 71 6.43 1.79 7.09
C GLU A 71 7.68 2.24 7.84
N ALA A 72 8.77 1.49 7.66
CA ALA A 72 10.05 1.83 8.23
C ALA A 72 10.63 3.08 7.58
N ILE A 73 10.28 3.29 6.31
CA ILE A 73 10.77 4.43 5.57
C ILE A 73 10.18 5.74 6.10
N TYR A 74 8.89 5.76 6.35
CA TYR A 74 8.24 7.00 6.76
C TYR A 74 7.98 7.10 8.26
N LEU A 75 7.65 5.98 8.88
CA LEU A 75 7.29 5.99 10.30
C LEU A 75 8.44 5.47 11.17
N ARG A 76 9.38 4.80 10.52
CA ARG A 76 10.48 4.11 11.20
C ARG A 76 9.92 3.09 12.19
N ASP A 77 9.32 2.04 11.65
CA ASP A 77 8.85 0.93 12.44
C ASP A 77 10.03 0.06 12.84
N GLY A 1 11.58 18.04 18.40
CA GLY A 1 11.09 18.83 17.25
C GLY A 1 11.55 18.26 15.93
N SER A 2 10.94 18.69 14.84
CA SER A 2 11.30 18.19 13.51
C SER A 2 11.93 19.28 12.66
N GLY A 3 11.91 20.51 13.15
CA GLY A 3 12.44 21.63 12.38
C GLY A 3 13.52 22.38 13.13
N LEU A 4 14.31 21.67 13.92
CA LEU A 4 15.39 22.30 14.66
C LEU A 4 16.75 21.81 14.18
N LYS A 5 16.76 20.67 13.51
CA LYS A 5 17.99 20.12 12.96
C LYS A 5 18.44 20.92 11.74
N THR A 6 19.75 21.10 11.62
CA THR A 6 20.34 22.04 10.69
C THR A 6 20.16 21.67 9.22
N LYS A 7 20.03 20.39 8.92
CA LYS A 7 19.86 19.97 7.54
C LYS A 7 18.40 20.07 7.12
N SER A 8 17.53 20.19 8.13
CA SER A 8 16.10 20.31 7.94
C SER A 8 15.54 19.17 7.09
N VAL A 9 16.13 17.98 7.24
CA VAL A 9 15.67 16.81 6.51
C VAL A 9 14.29 16.36 6.97
N ARG A 10 13.29 16.69 6.16
CA ARG A 10 11.91 16.37 6.49
C ARG A 10 11.05 16.37 5.22
N LEU A 11 10.28 15.31 5.05
CA LEU A 11 9.36 15.22 3.92
C LEU A 11 7.99 15.73 4.34
N SER A 12 7.67 15.49 5.61
CA SER A 12 6.45 15.98 6.25
C SER A 12 5.19 15.47 5.55
N LYS A 13 5.31 14.35 4.84
CA LYS A 13 4.17 13.75 4.16
C LYS A 13 4.02 12.31 4.62
N MET A 14 5.01 11.48 4.30
CA MET A 14 5.08 10.10 4.78
C MET A 14 3.84 9.30 4.39
N GLY A 15 3.57 9.26 3.09
CA GLY A 15 2.45 8.48 2.61
C GLY A 15 2.86 7.07 2.23
N LYS A 16 2.85 6.18 3.21
CA LYS A 16 3.31 4.81 3.00
C LYS A 16 2.39 4.07 2.04
N LYS A 17 1.12 4.42 2.06
CA LYS A 17 0.14 3.77 1.21
C LYS A 17 0.39 4.13 -0.26
N GLU A 18 0.77 5.38 -0.50
CA GLU A 18 1.03 5.86 -1.84
C GLU A 18 2.23 5.14 -2.43
N LEU A 19 3.25 4.92 -1.61
CA LEU A 19 4.44 4.21 -2.06
C LEU A 19 4.10 2.74 -2.30
N LEU A 20 3.21 2.18 -1.49
CA LEU A 20 2.74 0.81 -1.71
C LEU A 20 2.13 0.65 -3.09
N VAL A 21 1.23 1.57 -3.43
CA VAL A 21 0.57 1.55 -4.74
C VAL A 21 1.60 1.61 -5.85
N SER A 22 2.57 2.49 -5.69
CA SER A 22 3.61 2.70 -6.69
C SER A 22 4.52 1.47 -6.82
N VAL A 23 5.00 0.98 -5.68
CA VAL A 23 5.94 -0.14 -5.66
C VAL A 23 5.30 -1.42 -6.17
N LEU A 24 4.11 -1.73 -5.65
CA LEU A 24 3.41 -2.94 -6.04
C LEU A 24 3.04 -2.90 -7.52
N LYS A 25 2.73 -1.71 -8.02
CA LYS A 25 2.39 -1.54 -9.42
C LYS A 25 3.61 -1.74 -10.32
N ASN A 26 4.79 -1.47 -9.77
CA ASN A 26 6.03 -1.60 -10.53
C ASN A 26 6.55 -3.02 -10.49
N HIS A 27 5.92 -3.86 -9.69
CA HIS A 27 6.30 -5.27 -9.60
C HIS A 27 5.21 -6.18 -10.15
N PHE A 28 3.97 -5.82 -9.90
CA PHE A 28 2.83 -6.67 -10.25
C PHE A 28 1.76 -5.86 -10.97
N MET A 29 0.83 -6.56 -11.61
CA MET A 29 -0.32 -5.91 -12.23
C MET A 29 -1.31 -5.50 -11.15
N VAL A 30 -1.57 -4.21 -11.03
CA VAL A 30 -2.40 -3.70 -9.96
C VAL A 30 -3.61 -2.95 -10.51
N GLU A 31 -4.78 -3.26 -9.96
CA GLU A 31 -6.02 -2.61 -10.36
C GLU A 31 -6.67 -2.00 -9.14
N LYS A 32 -7.35 -0.88 -9.32
CA LYS A 32 -8.11 -0.30 -8.23
C LYS A 32 -9.60 -0.58 -8.42
N GLU A 33 -10.17 -1.28 -7.46
CA GLU A 33 -11.57 -1.65 -7.52
C GLU A 33 -12.21 -1.42 -6.17
N ASN A 34 -13.35 -0.73 -6.16
CA ASN A 34 -14.04 -0.35 -4.92
C ASN A 34 -13.13 0.54 -4.09
N ASP A 35 -12.30 1.35 -4.77
CA ASP A 35 -11.28 2.17 -4.11
C ASP A 35 -10.28 1.31 -3.34
N ASP A 36 -10.23 0.03 -3.66
CA ASP A 36 -9.29 -0.89 -3.02
C ASP A 36 -8.16 -1.21 -3.97
N ILE A 37 -7.15 -1.90 -3.47
CA ILE A 37 -5.98 -2.22 -4.27
C ILE A 37 -5.92 -3.71 -4.58
N LYS A 38 -5.96 -4.05 -5.86
CA LYS A 38 -5.83 -5.43 -6.30
C LYS A 38 -4.42 -5.67 -6.81
N VAL A 39 -3.74 -6.60 -6.21
CA VAL A 39 -2.41 -7.00 -6.65
C VAL A 39 -2.49 -8.34 -7.35
N MET A 40 -1.93 -8.42 -8.56
CA MET A 40 -1.93 -9.67 -9.28
C MET A 40 -0.53 -10.06 -9.72
N ASN A 41 -0.18 -11.30 -9.44
CA ASN A 41 1.12 -11.84 -9.80
C ASN A 41 0.94 -13.26 -10.33
N GLY A 42 1.35 -13.48 -11.57
CA GLY A 42 1.16 -14.77 -12.19
C GLY A 42 -0.31 -15.11 -12.34
N ASP A 43 -0.83 -15.92 -11.43
CA ASP A 43 -2.23 -16.30 -11.44
C ASP A 43 -2.89 -15.91 -10.12
N MET A 44 -2.14 -15.23 -9.27
CA MET A 44 -2.63 -14.85 -7.95
C MET A 44 -3.25 -13.47 -7.98
N MET A 45 -4.25 -13.26 -7.15
CA MET A 45 -4.86 -11.94 -6.98
C MET A 45 -5.03 -11.63 -5.51
N ALA A 46 -5.01 -10.35 -5.18
CA ALA A 46 -5.22 -9.90 -3.81
C ALA A 46 -5.94 -8.57 -3.78
N ARG A 47 -6.57 -8.25 -2.66
CA ARG A 47 -7.28 -7.00 -2.50
C ARG A 47 -7.01 -6.41 -1.13
N ILE A 48 -6.51 -5.18 -1.11
CA ILE A 48 -6.32 -4.45 0.12
C ILE A 48 -7.52 -3.57 0.38
N SER A 49 -8.27 -3.89 1.43
CA SER A 49 -9.47 -3.14 1.76
C SER A 49 -9.22 -2.25 2.98
N GLY A 50 -10.24 -1.54 3.42
CA GLY A 50 -10.10 -0.64 4.56
C GLY A 50 -9.79 -1.38 5.85
N ASP A 51 -10.55 -2.45 6.10
CA ASP A 51 -10.39 -3.21 7.34
C ASP A 51 -9.10 -4.01 7.34
N GLY A 52 -8.81 -4.71 6.25
CA GLY A 52 -7.63 -5.52 6.18
C GLY A 52 -7.29 -5.93 4.76
N VAL A 53 -6.43 -6.93 4.64
CA VAL A 53 -6.01 -7.40 3.33
C VAL A 53 -6.45 -8.84 3.11
N THR A 54 -7.08 -9.10 1.98
CA THR A 54 -7.47 -10.44 1.61
C THR A 54 -7.02 -10.74 0.18
N GLY A 55 -6.35 -11.86 -0.01
CA GLY A 55 -5.86 -12.24 -1.32
C GLY A 55 -5.09 -13.54 -1.25
N ASP A 56 -4.49 -13.96 -2.36
CA ASP A 56 -3.76 -15.22 -2.38
C ASP A 56 -2.47 -15.10 -1.56
N ALA A 57 -2.08 -16.19 -0.91
CA ALA A 57 -1.02 -16.18 0.10
C ALA A 57 0.27 -15.54 -0.40
N GLY A 58 0.71 -15.91 -1.60
CA GLY A 58 1.99 -15.43 -2.11
C GLY A 58 2.06 -13.92 -2.20
N ILE A 59 0.98 -13.32 -2.67
CA ILE A 59 0.91 -11.88 -2.81
C ILE A 59 0.76 -11.23 -1.44
N VAL A 60 -0.05 -11.82 -0.57
CA VAL A 60 -0.28 -11.26 0.76
C VAL A 60 1.01 -11.14 1.54
N ASP A 61 1.81 -12.22 1.55
CA ASP A 61 3.09 -12.20 2.24
C ASP A 61 4.03 -11.19 1.61
N LYS A 62 3.98 -11.09 0.29
CA LYS A 62 4.83 -10.13 -0.43
C LYS A 62 4.45 -8.71 -0.05
N ILE A 63 3.15 -8.43 -0.05
CA ILE A 63 2.64 -7.10 0.30
C ILE A 63 3.07 -6.74 1.72
N ASN A 64 2.89 -7.68 2.63
CA ASN A 64 3.23 -7.46 4.03
C ASN A 64 4.73 -7.17 4.20
N GLU A 65 5.56 -7.81 3.39
CA GLU A 65 6.99 -7.54 3.42
C GLU A 65 7.27 -6.11 2.98
N CYS A 66 6.61 -5.70 1.90
CA CYS A 66 6.77 -4.37 1.35
C CYS A 66 6.21 -3.30 2.30
N ILE A 67 5.06 -3.59 2.91
CA ILE A 67 4.43 -2.66 3.83
C ILE A 67 5.35 -2.31 4.99
N LYS A 68 5.96 -3.32 5.61
CA LYS A 68 6.80 -3.08 6.78
C LYS A 68 8.07 -2.33 6.39
N LYS A 69 8.60 -2.61 5.20
CA LYS A 69 9.78 -1.88 4.72
C LYS A 69 9.47 -0.41 4.54
N ILE A 70 8.35 -0.13 3.90
CA ILE A 70 7.90 1.25 3.68
C ILE A 70 7.49 1.89 4.99
N GLU A 71 6.92 1.08 5.87
CA GLU A 71 6.56 1.52 7.22
C GLU A 71 7.82 1.97 7.94
N ALA A 72 8.88 1.22 7.79
CA ALA A 72 10.17 1.56 8.38
C ALA A 72 10.73 2.84 7.75
N ILE A 73 10.38 3.09 6.49
CA ILE A 73 10.87 4.26 5.78
C ILE A 73 10.19 5.54 6.27
N TYR A 74 8.87 5.48 6.46
CA TYR A 74 8.13 6.69 6.81
C TYR A 74 7.81 6.80 8.30
N LEU A 75 7.57 5.67 8.94
CA LEU A 75 7.24 5.67 10.36
C LEU A 75 8.44 5.29 11.20
N ARG A 76 9.40 4.61 10.56
CA ARG A 76 10.61 4.14 11.21
C ARG A 76 10.31 3.01 12.20
N ASP A 77 10.56 1.79 11.75
CA ASP A 77 10.32 0.61 12.58
C ASP A 77 11.50 0.38 13.51
N GLY A 1 -8.08 15.48 -12.39
CA GLY A 1 -9.24 14.57 -12.57
C GLY A 1 -10.56 15.31 -12.65
N SER A 2 -11.65 14.57 -12.65
CA SER A 2 -12.98 15.17 -12.69
C SER A 2 -13.38 15.69 -11.32
N GLY A 3 -13.69 16.97 -11.25
CA GLY A 3 -14.03 17.59 -9.99
C GLY A 3 -12.81 18.21 -9.33
N LEU A 4 -11.73 17.44 -9.30
CA LEU A 4 -10.46 17.93 -8.79
C LEU A 4 -9.45 17.99 -9.93
N LYS A 5 -9.44 19.12 -10.63
CA LYS A 5 -8.58 19.30 -11.79
C LYS A 5 -7.11 19.22 -11.39
N THR A 6 -6.75 19.98 -10.38
CA THR A 6 -5.38 19.99 -9.90
C THR A 6 -5.33 19.51 -8.45
N LYS A 7 -4.90 18.27 -8.27
CA LYS A 7 -4.77 17.71 -6.94
C LYS A 7 -3.43 18.09 -6.33
N SER A 8 -2.41 18.21 -7.18
CA SER A 8 -1.06 18.60 -6.76
C SER A 8 -0.64 17.86 -5.48
N VAL A 9 -0.43 16.56 -5.61
CA VAL A 9 -0.10 15.73 -4.47
C VAL A 9 1.37 15.92 -4.08
N ARG A 10 1.58 16.52 -2.92
CA ARG A 10 2.93 16.72 -2.41
C ARG A 10 3.07 16.10 -1.03
N LEU A 11 1.93 15.79 -0.41
CA LEU A 11 1.92 15.23 0.94
C LEU A 11 2.07 13.71 0.89
N SER A 12 3.18 13.26 0.36
CA SER A 12 3.50 11.84 0.30
C SER A 12 4.86 11.60 0.95
N LYS A 13 5.27 12.55 1.79
CA LYS A 13 6.58 12.50 2.44
C LYS A 13 6.61 11.41 3.51
N MET A 14 5.44 11.02 3.98
CA MET A 14 5.30 9.90 4.90
C MET A 14 4.22 8.95 4.40
N GLY A 15 3.99 9.00 3.10
CA GLY A 15 2.93 8.21 2.50
C GLY A 15 3.37 6.79 2.23
N LYS A 16 3.37 5.97 3.27
CA LYS A 16 3.74 4.56 3.14
C LYS A 16 2.79 3.85 2.19
N LYS A 17 1.51 4.19 2.30
CA LYS A 17 0.47 3.53 1.52
C LYS A 17 0.64 3.81 0.04
N GLU A 18 1.01 5.04 -0.29
CA GLU A 18 1.23 5.42 -1.69
C GLU A 18 2.44 4.69 -2.25
N LEU A 19 3.46 4.53 -1.43
CA LEU A 19 4.67 3.84 -1.86
C LEU A 19 4.40 2.34 -2.06
N LEU A 20 3.54 1.77 -1.20
CA LEU A 20 3.13 0.37 -1.35
C LEU A 20 2.53 0.15 -2.73
N VAL A 21 1.61 1.02 -3.10
CA VAL A 21 0.91 0.92 -4.37
C VAL A 21 1.89 1.06 -5.53
N SER A 22 2.80 2.02 -5.41
CA SER A 22 3.76 2.30 -6.47
C SER A 22 4.73 1.13 -6.68
N VAL A 23 5.29 0.63 -5.58
CA VAL A 23 6.27 -0.45 -5.65
C VAL A 23 5.63 -1.73 -6.17
N LEU A 24 4.47 -2.09 -5.62
CA LEU A 24 3.79 -3.30 -6.04
C LEU A 24 3.31 -3.17 -7.48
N LYS A 25 2.94 -1.97 -7.89
CA LYS A 25 2.47 -1.73 -9.25
C LYS A 25 3.61 -1.89 -10.26
N ASN A 26 4.82 -1.67 -9.80
CA ASN A 26 5.99 -1.77 -10.67
C ASN A 26 6.48 -3.21 -10.79
N HIS A 27 5.88 -4.11 -10.03
CA HIS A 27 6.27 -5.52 -10.08
C HIS A 27 5.08 -6.41 -10.39
N PHE A 28 3.90 -5.96 -10.01
CA PHE A 28 2.67 -6.70 -10.21
C PHE A 28 1.66 -5.85 -10.95
N MET A 29 0.63 -6.48 -11.48
CA MET A 29 -0.43 -5.75 -12.16
C MET A 29 -1.48 -5.31 -11.15
N VAL A 30 -1.66 -4.01 -11.03
CA VAL A 30 -2.53 -3.46 -9.99
C VAL A 30 -3.70 -2.70 -10.59
N GLU A 31 -4.90 -3.03 -10.11
CA GLU A 31 -6.13 -2.39 -10.58
C GLU A 31 -6.97 -1.96 -9.39
N LYS A 32 -7.73 -0.89 -9.56
CA LYS A 32 -8.60 -0.41 -8.49
C LYS A 32 -10.02 -0.95 -8.68
N GLU A 33 -10.57 -1.48 -7.61
CA GLU A 33 -11.88 -2.13 -7.65
C GLU A 33 -12.58 -1.96 -6.31
N ASN A 34 -13.80 -1.40 -6.32
CA ASN A 34 -14.58 -1.20 -5.11
C ASN A 34 -13.82 -0.28 -4.15
N ASP A 35 -13.08 0.67 -4.74
CA ASP A 35 -12.25 1.61 -3.99
C ASP A 35 -11.08 0.91 -3.32
N ASP A 36 -10.92 -0.38 -3.63
CA ASP A 36 -9.84 -1.17 -3.07
C ASP A 36 -8.76 -1.38 -4.11
N ILE A 37 -7.60 -1.85 -3.66
CA ILE A 37 -6.45 -1.99 -4.53
C ILE A 37 -6.13 -3.47 -4.76
N LYS A 38 -6.19 -3.90 -6.00
CA LYS A 38 -5.93 -5.30 -6.34
C LYS A 38 -4.52 -5.49 -6.86
N VAL A 39 -3.78 -6.35 -6.18
CA VAL A 39 -2.47 -6.75 -6.64
C VAL A 39 -2.57 -8.09 -7.35
N MET A 40 -2.05 -8.17 -8.55
CA MET A 40 -2.12 -9.41 -9.31
C MET A 40 -0.76 -9.87 -9.80
N ASN A 41 -0.50 -11.16 -9.62
CA ASN A 41 0.71 -11.78 -10.10
C ASN A 41 0.36 -13.08 -10.83
N GLY A 42 0.70 -13.17 -12.10
CA GLY A 42 0.32 -14.31 -12.89
C GLY A 42 -1.20 -14.43 -12.99
N ASP A 43 -1.77 -15.35 -12.25
CA ASP A 43 -3.21 -15.49 -12.15
C ASP A 43 -3.67 -15.33 -10.72
N MET A 44 -2.78 -14.86 -9.87
CA MET A 44 -3.08 -14.63 -8.47
C MET A 44 -3.54 -13.20 -8.26
N MET A 45 -4.49 -13.02 -7.36
CA MET A 45 -5.04 -11.69 -7.09
C MET A 45 -5.13 -11.44 -5.60
N ALA A 46 -5.07 -10.17 -5.22
CA ALA A 46 -5.26 -9.77 -3.84
C ALA A 46 -5.94 -8.41 -3.79
N ARG A 47 -6.83 -8.23 -2.83
CA ARG A 47 -7.53 -6.97 -2.68
C ARG A 47 -7.20 -6.34 -1.34
N ILE A 48 -6.69 -5.12 -1.39
CA ILE A 48 -6.40 -4.34 -0.19
C ILE A 48 -7.59 -3.45 0.12
N SER A 49 -8.26 -3.72 1.22
CA SER A 49 -9.41 -2.94 1.62
C SER A 49 -9.04 -1.98 2.76
N GLY A 50 -10.01 -1.21 3.24
CA GLY A 50 -9.77 -0.29 4.33
C GLY A 50 -9.43 -1.03 5.61
N ASP A 51 -8.14 -1.10 5.92
CA ASP A 51 -7.63 -1.85 7.07
C ASP A 51 -8.09 -3.30 6.99
N GLY A 52 -7.49 -4.03 6.05
CA GLY A 52 -7.85 -5.41 5.84
C GLY A 52 -7.51 -5.88 4.44
N VAL A 53 -6.42 -6.63 4.32
CA VAL A 53 -5.97 -7.14 3.05
C VAL A 53 -6.33 -8.62 2.91
N THR A 54 -6.98 -8.96 1.81
CA THR A 54 -7.32 -10.36 1.52
C THR A 54 -6.95 -10.70 0.08
N GLY A 55 -6.22 -11.78 -0.11
CA GLY A 55 -5.79 -12.16 -1.44
C GLY A 55 -4.90 -13.38 -1.42
N ASP A 56 -4.29 -13.69 -2.56
CA ASP A 56 -3.33 -14.78 -2.65
C ASP A 56 -2.21 -14.60 -1.63
N ALA A 57 -1.91 -15.68 -0.93
CA ALA A 57 -0.95 -15.68 0.17
C ALA A 57 0.43 -15.21 -0.27
N GLY A 58 0.84 -15.57 -1.48
CA GLY A 58 2.14 -15.17 -1.98
C GLY A 58 2.24 -13.67 -2.12
N ILE A 59 1.19 -13.08 -2.67
CA ILE A 59 1.09 -11.64 -2.80
C ILE A 59 1.02 -10.99 -1.42
N VAL A 60 0.19 -11.55 -0.54
CA VAL A 60 0.00 -11.00 0.80
C VAL A 60 1.32 -10.98 1.58
N ASP A 61 2.10 -12.04 1.47
CA ASP A 61 3.41 -12.08 2.12
C ASP A 61 4.30 -10.96 1.62
N LYS A 62 4.30 -10.74 0.31
CA LYS A 62 5.11 -9.68 -0.27
C LYS A 62 4.59 -8.31 0.14
N ILE A 63 3.27 -8.13 0.11
CA ILE A 63 2.66 -6.87 0.52
C ILE A 63 3.05 -6.53 1.95
N ASN A 64 2.91 -7.50 2.83
CA ASN A 64 3.21 -7.32 4.25
C ASN A 64 4.69 -6.98 4.46
N GLU A 65 5.56 -7.66 3.72
CA GLU A 65 6.98 -7.39 3.78
C GLU A 65 7.26 -5.95 3.33
N CYS A 66 6.63 -5.55 2.23
CA CYS A 66 6.78 -4.20 1.71
C CYS A 66 6.22 -3.16 2.67
N ILE A 67 5.06 -3.46 3.26
CA ILE A 67 4.45 -2.59 4.26
C ILE A 67 5.41 -2.34 5.42
N LYS A 68 6.00 -3.40 5.94
CA LYS A 68 6.90 -3.29 7.07
C LYS A 68 8.13 -2.47 6.72
N LYS A 69 8.71 -2.74 5.56
CA LYS A 69 9.92 -2.05 5.13
C LYS A 69 9.63 -0.59 4.80
N ILE A 70 8.56 -0.36 4.05
CA ILE A 70 8.18 0.98 3.63
C ILE A 70 7.69 1.83 4.81
N GLU A 71 6.95 1.21 5.72
CA GLU A 71 6.53 1.91 6.93
C GLU A 71 7.74 2.29 7.76
N ALA A 72 8.73 1.41 7.76
CA ALA A 72 10.00 1.67 8.44
C ALA A 72 10.69 2.89 7.82
N ILE A 73 10.49 3.07 6.52
CA ILE A 73 11.11 4.18 5.81
C ILE A 73 10.51 5.52 6.23
N TYR A 74 9.18 5.58 6.37
CA TYR A 74 8.53 6.86 6.64
C TYR A 74 8.19 7.05 8.11
N LEU A 75 7.78 5.98 8.78
CA LEU A 75 7.37 6.08 10.18
C LEU A 75 8.42 5.52 11.13
N ARG A 76 9.34 4.73 10.57
CA ARG A 76 10.38 4.04 11.34
C ARG A 76 9.77 2.89 12.16
N ASP A 77 10.16 1.67 11.80
CA ASP A 77 9.64 0.49 12.46
C ASP A 77 10.76 -0.25 13.17
N GLY A 1 6.63 16.69 11.80
CA GLY A 1 7.08 17.94 12.46
C GLY A 1 5.96 18.65 13.19
N SER A 2 4.99 19.15 12.43
CA SER A 2 3.87 19.88 13.00
C SER A 2 2.74 18.92 13.39
N GLY A 3 2.75 18.51 14.65
CA GLY A 3 1.71 17.61 15.12
C GLY A 3 2.20 16.18 15.22
N LEU A 4 1.87 15.52 16.32
CA LEU A 4 2.29 14.13 16.52
C LEU A 4 1.39 13.44 17.55
N LYS A 5 0.25 14.07 17.84
CA LYS A 5 -0.68 13.50 18.82
C LYS A 5 -1.93 13.00 18.11
N THR A 6 -2.81 13.92 17.76
CA THR A 6 -4.05 13.56 17.09
C THR A 6 -3.86 13.59 15.58
N LYS A 7 -3.22 14.64 15.08
CA LYS A 7 -2.95 14.76 13.67
C LYS A 7 -1.44 14.75 13.43
N SER A 8 -0.92 13.59 13.08
CA SER A 8 0.50 13.46 12.79
C SER A 8 0.75 13.72 11.30
N VAL A 9 -0.27 14.31 10.67
CA VAL A 9 -0.21 14.70 9.26
C VAL A 9 -0.33 13.50 8.33
N ARG A 10 -1.30 13.54 7.42
CA ARG A 10 -1.49 12.47 6.45
C ARG A 10 -1.56 13.02 5.04
N LEU A 11 -1.18 12.19 4.07
CA LEU A 11 -1.31 12.51 2.65
C LEU A 11 -0.53 13.77 2.29
N SER A 12 0.62 13.94 2.91
CA SER A 12 1.50 15.07 2.63
C SER A 12 2.94 14.70 2.94
N LYS A 13 3.59 14.06 1.96
CA LYS A 13 4.95 13.55 2.10
C LYS A 13 5.01 12.39 3.08
N MET A 14 6.03 11.56 2.95
CA MET A 14 6.16 10.35 3.76
C MET A 14 4.95 9.44 3.53
N GLY A 15 4.50 9.41 2.28
CA GLY A 15 3.30 8.67 1.95
C GLY A 15 3.55 7.19 1.81
N LYS A 16 3.37 6.48 2.92
CA LYS A 16 3.56 5.04 2.95
C LYS A 16 2.61 4.34 1.98
N LYS A 17 1.33 4.74 1.99
CA LYS A 17 0.33 4.09 1.15
C LYS A 17 0.61 4.36 -0.33
N GLU A 18 1.10 5.54 -0.63
CA GLU A 18 1.44 5.92 -1.99
C GLU A 18 2.59 5.06 -2.51
N LEU A 19 3.58 4.85 -1.67
CA LEU A 19 4.72 4.03 -2.05
C LEU A 19 4.31 2.56 -2.17
N LEU A 20 3.36 2.12 -1.35
CA LEU A 20 2.86 0.74 -1.44
C LEU A 20 2.35 0.48 -2.85
N VAL A 21 1.53 1.41 -3.33
CA VAL A 21 0.96 1.31 -4.67
C VAL A 21 2.07 1.34 -5.73
N SER A 22 3.05 2.21 -5.53
CA SER A 22 4.12 2.39 -6.50
C SER A 22 5.03 1.15 -6.58
N VAL A 23 5.45 0.66 -5.42
CA VAL A 23 6.39 -0.46 -5.36
C VAL A 23 5.76 -1.73 -5.87
N LEU A 24 4.53 -2.00 -5.43
CA LEU A 24 3.80 -3.17 -5.88
C LEU A 24 3.54 -3.09 -7.38
N LYS A 25 3.39 -1.87 -7.88
CA LYS A 25 3.17 -1.64 -9.32
C LYS A 25 4.43 -1.96 -10.12
N ASN A 26 5.59 -1.82 -9.48
CA ASN A 26 6.86 -2.06 -10.15
C ASN A 26 7.14 -3.55 -10.30
N HIS A 27 6.33 -4.37 -9.65
CA HIS A 27 6.52 -5.82 -9.69
C HIS A 27 5.26 -6.53 -10.18
N PHE A 28 4.12 -6.00 -9.77
CA PHE A 28 2.84 -6.66 -10.02
C PHE A 28 1.88 -5.68 -10.68
N MET A 29 0.79 -6.21 -11.22
CA MET A 29 -0.24 -5.38 -11.81
C MET A 29 -1.21 -4.94 -10.72
N VAL A 30 -1.30 -3.65 -10.49
CA VAL A 30 -2.12 -3.12 -9.41
C VAL A 30 -3.33 -2.37 -9.96
N GLU A 31 -4.50 -2.69 -9.44
CA GLU A 31 -5.73 -2.10 -9.93
C GLU A 31 -6.59 -1.57 -8.79
N LYS A 32 -7.45 -0.61 -9.12
CA LYS A 32 -8.38 -0.06 -8.15
C LYS A 32 -9.75 -0.72 -8.35
N GLU A 33 -10.24 -1.37 -7.31
CA GLU A 33 -11.48 -2.13 -7.39
C GLU A 33 -12.25 -2.01 -6.09
N ASN A 34 -13.49 -1.53 -6.16
CA ASN A 34 -14.35 -1.42 -4.98
C ASN A 34 -13.71 -0.51 -3.94
N ASP A 35 -12.99 0.50 -4.44
CA ASP A 35 -12.23 1.43 -3.60
C ASP A 35 -11.08 0.72 -2.87
N ASP A 36 -10.85 -0.52 -3.23
CA ASP A 36 -9.77 -1.30 -2.65
C ASP A 36 -8.62 -1.40 -3.64
N ILE A 37 -7.49 -1.94 -3.18
CA ILE A 37 -6.32 -2.08 -4.05
C ILE A 37 -6.04 -3.55 -4.34
N LYS A 38 -6.10 -3.94 -5.60
CA LYS A 38 -5.86 -5.33 -5.96
C LYS A 38 -4.50 -5.50 -6.61
N VAL A 39 -3.73 -6.42 -6.07
CA VAL A 39 -2.43 -6.77 -6.60
C VAL A 39 -2.52 -8.06 -7.38
N MET A 40 -2.09 -8.03 -8.63
CA MET A 40 -2.18 -9.17 -9.50
C MET A 40 -0.79 -9.60 -9.98
N ASN A 41 -0.51 -10.88 -9.87
CA ASN A 41 0.74 -11.44 -10.36
C ASN A 41 0.50 -12.85 -10.89
N GLY A 42 0.76 -13.04 -12.17
CA GLY A 42 0.51 -14.34 -12.79
C GLY A 42 -0.94 -14.72 -12.71
N ASP A 43 -1.25 -15.70 -11.87
CA ASP A 43 -2.62 -16.13 -11.65
C ASP A 43 -3.07 -15.78 -10.24
N MET A 44 -2.19 -15.10 -9.53
CA MET A 44 -2.43 -14.72 -8.14
C MET A 44 -3.01 -13.31 -8.08
N MET A 45 -4.02 -13.13 -7.24
CA MET A 45 -4.61 -11.81 -7.04
C MET A 45 -4.94 -11.60 -5.56
N ALA A 46 -4.72 -10.38 -5.09
CA ALA A 46 -5.07 -10.03 -3.72
C ALA A 46 -5.72 -8.66 -3.67
N ARG A 47 -6.54 -8.43 -2.67
CA ARG A 47 -7.23 -7.16 -2.53
C ARG A 47 -7.04 -6.59 -1.12
N ILE A 48 -6.55 -5.36 -1.07
CA ILE A 48 -6.34 -4.65 0.17
C ILE A 48 -7.54 -3.75 0.45
N SER A 49 -8.30 -4.08 1.50
CA SER A 49 -9.42 -3.25 1.88
C SER A 49 -9.06 -2.46 3.14
N GLY A 50 -10.02 -1.72 3.68
CA GLY A 50 -9.77 -0.95 4.88
C GLY A 50 -9.58 -1.83 6.09
N ASP A 51 -10.41 -2.86 6.18
CA ASP A 51 -10.38 -3.80 7.29
C ASP A 51 -9.07 -4.58 7.32
N GLY A 52 -8.72 -5.20 6.20
CA GLY A 52 -7.50 -5.97 6.12
C GLY A 52 -7.18 -6.36 4.70
N VAL A 53 -6.22 -7.24 4.52
CA VAL A 53 -5.83 -7.69 3.20
C VAL A 53 -6.29 -9.12 2.97
N THR A 54 -6.98 -9.36 1.87
CA THR A 54 -7.40 -10.71 1.53
C THR A 54 -7.06 -11.02 0.08
N GLY A 55 -6.39 -12.14 -0.16
CA GLY A 55 -5.99 -12.49 -1.50
C GLY A 55 -5.17 -13.76 -1.52
N ASP A 56 -4.58 -14.07 -2.67
CA ASP A 56 -3.69 -15.24 -2.77
C ASP A 56 -2.43 -15.01 -1.94
N ALA A 57 -2.04 -16.05 -1.21
CA ALA A 57 -1.04 -15.97 -0.15
C ALA A 57 0.28 -15.37 -0.61
N GLY A 58 0.73 -15.73 -1.80
CA GLY A 58 2.03 -15.26 -2.27
C GLY A 58 2.10 -13.75 -2.33
N ILE A 59 1.07 -13.16 -2.93
CA ILE A 59 0.98 -11.72 -3.03
C ILE A 59 0.73 -11.08 -1.67
N VAL A 60 -0.16 -11.67 -0.88
CA VAL A 60 -0.52 -11.11 0.42
C VAL A 60 0.70 -11.01 1.34
N ASP A 61 1.51 -12.06 1.38
CA ASP A 61 2.75 -12.02 2.15
C ASP A 61 3.67 -10.92 1.65
N LYS A 62 3.80 -10.81 0.33
CA LYS A 62 4.65 -9.79 -0.26
C LYS A 62 4.14 -8.39 0.07
N ILE A 63 2.83 -8.22 0.05
CA ILE A 63 2.21 -6.94 0.38
C ILE A 63 2.59 -6.53 1.80
N ASN A 64 2.45 -7.46 2.74
CA ASN A 64 2.76 -7.20 4.13
C ASN A 64 4.23 -6.90 4.34
N GLU A 65 5.09 -7.59 3.61
CA GLU A 65 6.52 -7.32 3.63
C GLU A 65 6.79 -5.90 3.15
N CYS A 66 6.13 -5.52 2.07
CA CYS A 66 6.30 -4.19 1.50
C CYS A 66 5.74 -3.12 2.44
N ILE A 67 4.58 -3.39 3.03
CA ILE A 67 3.96 -2.46 3.97
C ILE A 67 4.89 -2.18 5.15
N LYS A 68 5.44 -3.22 5.74
CA LYS A 68 6.33 -3.06 6.88
C LYS A 68 7.58 -2.29 6.49
N LYS A 69 8.18 -2.64 5.36
CA LYS A 69 9.40 -2.01 4.90
C LYS A 69 9.16 -0.55 4.55
N ILE A 70 8.10 -0.31 3.79
CA ILE A 70 7.77 1.04 3.35
C ILE A 70 7.36 1.93 4.52
N GLU A 71 6.64 1.35 5.47
CA GLU A 71 6.30 2.06 6.68
C GLU A 71 7.55 2.35 7.48
N ALA A 72 8.49 1.40 7.47
CA ALA A 72 9.76 1.56 8.14
C ALA A 72 10.61 2.64 7.47
N ILE A 73 10.40 2.84 6.17
CA ILE A 73 11.15 3.84 5.43
C ILE A 73 10.72 5.25 5.82
N TYR A 74 9.41 5.46 5.96
CA TYR A 74 8.91 6.81 6.22
C TYR A 74 8.60 7.06 7.69
N LEU A 75 8.09 6.06 8.39
CA LEU A 75 7.71 6.22 9.78
C LEU A 75 8.74 5.58 10.72
N ARG A 76 9.49 4.63 10.16
CA ARG A 76 10.46 3.83 10.91
C ARG A 76 9.75 2.84 11.84
N ASP A 77 9.83 1.56 11.49
CA ASP A 77 9.18 0.51 12.25
C ASP A 77 10.15 -0.08 13.26
N GLY A 1 3.68 24.92 9.94
CA GLY A 1 2.59 24.16 10.59
C GLY A 1 2.39 24.54 12.04
N SER A 2 2.22 25.83 12.29
CA SER A 2 2.01 26.31 13.64
C SER A 2 0.51 26.41 13.92
N GLY A 3 0.09 25.80 15.01
CA GLY A 3 -1.32 25.80 15.37
C GLY A 3 -1.98 24.47 15.13
N LEU A 4 -1.43 23.72 14.18
CA LEU A 4 -1.92 22.38 13.85
C LEU A 4 -3.38 22.44 13.38
N LYS A 5 -3.75 23.57 12.80
CA LYS A 5 -5.13 23.78 12.35
C LYS A 5 -5.20 23.61 10.83
N THR A 6 -4.06 23.68 10.18
CA THR A 6 -4.00 23.52 8.73
C THR A 6 -2.77 22.72 8.33
N LYS A 7 -2.99 21.45 8.00
CA LYS A 7 -1.90 20.59 7.54
C LYS A 7 -1.65 20.83 6.06
N SER A 8 -2.70 21.30 5.36
CA SER A 8 -2.67 21.53 3.92
C SER A 8 -2.59 20.21 3.15
N VAL A 9 -1.44 19.53 3.27
CA VAL A 9 -1.24 18.25 2.63
C VAL A 9 0.11 17.66 3.05
N ARG A 10 0.11 16.36 3.36
CA ARG A 10 1.34 15.68 3.71
C ARG A 10 2.01 15.12 2.46
N LEU A 11 2.32 16.01 1.54
CA LEU A 11 2.92 15.63 0.26
C LEU A 11 4.28 15.00 0.47
N SER A 12 4.40 13.73 0.07
CA SER A 12 5.64 12.97 0.18
C SER A 12 5.99 12.72 1.65
N LYS A 13 4.97 12.79 2.51
CA LYS A 13 5.16 12.52 3.93
C LYS A 13 4.17 11.49 4.43
N MET A 14 4.70 10.44 5.05
CA MET A 14 3.87 9.38 5.63
C MET A 14 3.03 8.66 4.58
N GLY A 15 3.40 8.81 3.32
CA GLY A 15 2.66 8.18 2.25
C GLY A 15 3.05 6.73 2.05
N LYS A 16 2.92 5.94 3.11
CA LYS A 16 3.32 4.54 3.07
C LYS A 16 2.40 3.74 2.15
N LYS A 17 1.11 4.09 2.15
CA LYS A 17 0.15 3.43 1.29
C LYS A 17 0.40 3.79 -0.16
N GLU A 18 0.79 5.04 -0.38
CA GLU A 18 1.08 5.53 -1.73
C GLU A 18 2.26 4.78 -2.34
N LEU A 19 3.33 4.62 -1.55
CA LEU A 19 4.51 3.94 -2.03
C LEU A 19 4.22 2.47 -2.28
N LEU A 20 3.34 1.87 -1.46
CA LEU A 20 2.90 0.50 -1.69
C LEU A 20 2.31 0.35 -3.08
N VAL A 21 1.42 1.27 -3.44
CA VAL A 21 0.79 1.25 -4.74
C VAL A 21 1.83 1.35 -5.85
N SER A 22 2.81 2.23 -5.66
CA SER A 22 3.85 2.45 -6.66
C SER A 22 4.75 1.23 -6.80
N VAL A 23 5.21 0.69 -5.67
CA VAL A 23 6.16 -0.43 -5.68
C VAL A 23 5.51 -1.67 -6.25
N LEU A 24 4.31 -1.98 -5.79
CA LEU A 24 3.59 -3.15 -6.24
C LEU A 24 3.26 -3.03 -7.73
N LYS A 25 2.98 -1.81 -8.16
CA LYS A 25 2.66 -1.53 -9.56
C LYS A 25 3.88 -1.73 -10.45
N ASN A 26 5.06 -1.57 -9.87
CA ASN A 26 6.31 -1.69 -10.63
C ASN A 26 6.74 -3.15 -10.77
N HIS A 27 6.05 -4.05 -10.09
CA HIS A 27 6.43 -5.47 -10.11
C HIS A 27 5.25 -6.36 -10.50
N PHE A 28 4.05 -5.96 -10.09
CA PHE A 28 2.85 -6.73 -10.33
C PHE A 28 1.81 -5.87 -11.01
N MET A 29 0.78 -6.49 -11.57
CA MET A 29 -0.34 -5.75 -12.12
C MET A 29 -1.32 -5.39 -11.02
N VAL A 30 -1.52 -4.09 -10.83
CA VAL A 30 -2.34 -3.62 -9.74
C VAL A 30 -3.51 -2.79 -10.25
N GLU A 31 -4.71 -3.11 -9.78
CA GLU A 31 -5.91 -2.39 -10.17
C GLU A 31 -6.67 -1.92 -8.94
N LYS A 32 -7.15 -0.69 -9.00
CA LYS A 32 -7.95 -0.13 -7.92
C LYS A 32 -9.42 -0.46 -8.12
N GLU A 33 -10.00 -1.16 -7.16
CA GLU A 33 -11.39 -1.56 -7.23
C GLU A 33 -12.09 -1.28 -5.92
N ASN A 34 -13.19 -0.53 -5.99
CA ASN A 34 -13.93 -0.11 -4.80
C ASN A 34 -13.03 0.73 -3.90
N ASP A 35 -12.13 1.49 -4.53
CA ASP A 35 -11.12 2.30 -3.83
C ASP A 35 -10.13 1.42 -3.08
N ASP A 36 -10.18 0.12 -3.37
CA ASP A 36 -9.26 -0.83 -2.75
C ASP A 36 -8.17 -1.21 -3.73
N ILE A 37 -7.14 -1.87 -3.25
CA ILE A 37 -5.97 -2.18 -4.07
C ILE A 37 -5.89 -3.67 -4.36
N LYS A 38 -5.95 -4.03 -5.64
CA LYS A 38 -5.80 -5.43 -6.05
C LYS A 38 -4.44 -5.64 -6.69
N VAL A 39 -3.67 -6.53 -6.11
CA VAL A 39 -2.38 -6.92 -6.65
C VAL A 39 -2.52 -8.26 -7.36
N MET A 40 -1.99 -8.35 -8.58
CA MET A 40 -2.06 -9.59 -9.32
C MET A 40 -0.68 -10.00 -9.84
N ASN A 41 -0.38 -11.28 -9.67
CA ASN A 41 0.84 -11.86 -10.22
C ASN A 41 0.51 -13.23 -10.81
N GLY A 42 0.75 -13.39 -12.09
CA GLY A 42 0.37 -14.61 -12.77
C GLY A 42 -1.14 -14.77 -12.82
N ASP A 43 -1.66 -15.66 -12.00
CA ASP A 43 -3.10 -15.84 -11.88
C ASP A 43 -3.54 -15.69 -10.44
N MET A 44 -2.67 -15.13 -9.62
CA MET A 44 -2.98 -14.90 -8.22
C MET A 44 -3.35 -13.44 -8.00
N MET A 45 -4.29 -13.18 -7.09
CA MET A 45 -4.72 -11.82 -6.82
C MET A 45 -4.96 -11.59 -5.34
N ALA A 46 -4.82 -10.34 -4.90
CA ALA A 46 -5.12 -9.95 -3.54
C ALA A 46 -5.67 -8.53 -3.50
N ARG A 47 -6.70 -8.30 -2.70
CA ARG A 47 -7.27 -6.97 -2.58
C ARG A 47 -7.17 -6.45 -1.14
N ILE A 48 -6.67 -5.23 -1.01
CA ILE A 48 -6.56 -4.57 0.27
C ILE A 48 -7.76 -3.64 0.47
N SER A 49 -8.61 -3.95 1.43
CA SER A 49 -9.78 -3.14 1.69
C SER A 49 -9.56 -2.30 2.94
N GLY A 50 -10.59 -1.56 3.36
CA GLY A 50 -10.51 -0.83 4.61
C GLY A 50 -10.42 -1.77 5.78
N ASP A 51 -11.02 -2.95 5.63
CA ASP A 51 -11.00 -3.98 6.65
C ASP A 51 -9.60 -4.56 6.80
N GLY A 52 -9.00 -4.93 5.67
CA GLY A 52 -7.66 -5.48 5.68
C GLY A 52 -7.29 -6.09 4.36
N VAL A 53 -6.23 -6.86 4.33
CA VAL A 53 -5.77 -7.48 3.11
C VAL A 53 -6.31 -8.89 2.98
N THR A 54 -6.93 -9.19 1.84
CA THR A 54 -7.38 -10.53 1.54
C THR A 54 -6.97 -10.90 0.13
N GLY A 55 -6.31 -12.04 -0.03
CA GLY A 55 -5.85 -12.44 -1.34
C GLY A 55 -5.02 -13.70 -1.28
N ASP A 56 -4.39 -14.04 -2.39
CA ASP A 56 -3.48 -15.17 -2.44
C ASP A 56 -2.28 -14.92 -1.53
N ALA A 57 -1.89 -15.98 -0.82
CA ALA A 57 -0.85 -15.91 0.21
C ALA A 57 0.47 -15.39 -0.33
N GLY A 58 0.80 -15.71 -1.58
CA GLY A 58 2.07 -15.29 -2.14
C GLY A 58 2.16 -13.80 -2.25
N ILE A 59 1.10 -13.20 -2.78
CA ILE A 59 1.01 -11.76 -2.92
C ILE A 59 0.88 -11.09 -1.56
N VAL A 60 0.04 -11.66 -0.69
CA VAL A 60 -0.19 -11.07 0.63
C VAL A 60 1.12 -11.02 1.44
N ASP A 61 1.89 -12.10 1.42
CA ASP A 61 3.18 -12.12 2.10
C ASP A 61 4.10 -11.06 1.54
N LYS A 62 4.07 -10.86 0.23
CA LYS A 62 4.90 -9.85 -0.40
C LYS A 62 4.43 -8.46 0.00
N ILE A 63 3.12 -8.25 -0.01
CA ILE A 63 2.54 -6.98 0.38
C ILE A 63 2.92 -6.64 1.81
N ASN A 64 2.82 -7.63 2.69
CA ASN A 64 3.17 -7.47 4.10
C ASN A 64 4.64 -7.09 4.24
N GLU A 65 5.49 -7.70 3.44
CA GLU A 65 6.91 -7.40 3.44
C GLU A 65 7.14 -5.96 3.00
N CYS A 66 6.44 -5.55 1.95
CA CYS A 66 6.55 -4.19 1.44
C CYS A 66 6.01 -3.18 2.46
N ILE A 67 4.88 -3.51 3.08
CA ILE A 67 4.29 -2.65 4.10
C ILE A 67 5.28 -2.41 5.24
N LYS A 68 5.91 -3.48 5.71
CA LYS A 68 6.83 -3.37 6.83
C LYS A 68 8.00 -2.45 6.48
N LYS A 69 8.56 -2.64 5.29
CA LYS A 69 9.70 -1.85 4.85
C LYS A 69 9.32 -0.41 4.60
N ILE A 70 8.22 -0.21 3.88
CA ILE A 70 7.78 1.11 3.50
C ILE A 70 7.29 1.91 4.71
N GLU A 71 6.59 1.25 5.61
CA GLU A 71 6.16 1.87 6.86
C GLU A 71 7.39 2.28 7.66
N ALA A 72 8.40 1.43 7.65
CA ALA A 72 9.66 1.72 8.32
C ALA A 72 10.36 2.93 7.68
N ILE A 73 10.11 3.15 6.39
CA ILE A 73 10.72 4.27 5.69
C ILE A 73 10.13 5.60 6.13
N TYR A 74 8.82 5.67 6.29
CA TYR A 74 8.18 6.94 6.63
C TYR A 74 7.82 7.05 8.11
N LEU A 75 7.41 5.94 8.72
CA LEU A 75 7.00 5.95 10.11
C LEU A 75 8.08 5.35 11.01
N ARG A 76 9.03 4.65 10.38
CA ARG A 76 10.12 3.92 11.04
C ARG A 76 9.60 2.70 11.81
N ASP A 77 10.39 1.63 11.78
CA ASP A 77 10.02 0.40 12.46
C ASP A 77 11.26 -0.45 12.70
N GLY A 1 13.18 17.01 20.42
CA GLY A 1 13.42 18.48 20.41
C GLY A 1 12.76 19.17 21.59
N SER A 2 13.09 20.43 21.80
CA SER A 2 12.54 21.18 22.92
C SER A 2 11.13 21.68 22.62
N GLY A 3 10.21 20.74 22.38
CA GLY A 3 8.85 21.09 22.06
C GLY A 3 8.04 21.40 23.29
N LEU A 4 8.43 22.45 24.00
CA LEU A 4 7.76 22.85 25.24
C LEU A 4 6.39 23.44 24.94
N LYS A 5 6.21 23.92 23.71
CA LYS A 5 4.94 24.43 23.26
C LYS A 5 4.01 23.29 22.88
N THR A 6 2.75 23.39 23.26
CA THR A 6 1.78 22.35 22.97
C THR A 6 1.36 22.42 21.50
N LYS A 7 1.28 21.26 20.87
CA LYS A 7 0.95 21.19 19.45
C LYS A 7 0.29 19.88 19.09
N SER A 8 -0.62 19.93 18.13
CA SER A 8 -1.14 18.75 17.50
C SER A 8 -0.10 18.25 16.51
N VAL A 9 0.21 16.96 16.58
CA VAL A 9 1.27 16.39 15.76
C VAL A 9 1.03 16.63 14.27
N ARG A 10 1.85 17.49 13.69
CA ARG A 10 1.73 17.83 12.28
C ARG A 10 2.96 17.36 11.51
N LEU A 11 4.07 17.19 12.21
CA LEU A 11 5.31 16.74 11.61
C LEU A 11 5.32 15.21 11.53
N SER A 12 4.35 14.67 10.83
CA SER A 12 4.20 13.24 10.67
C SER A 12 3.47 12.96 9.36
N LYS A 13 3.65 13.85 8.39
CA LYS A 13 2.97 13.75 7.12
C LYS A 13 3.73 12.83 6.17
N MET A 14 3.25 11.62 6.02
CA MET A 14 3.89 10.64 5.15
C MET A 14 2.87 9.91 4.31
N GLY A 15 3.34 9.21 3.28
CA GLY A 15 2.46 8.46 2.42
C GLY A 15 2.92 7.03 2.23
N LYS A 16 2.84 6.24 3.30
CA LYS A 16 3.27 4.85 3.25
C LYS A 16 2.47 4.07 2.21
N LYS A 17 1.16 4.28 2.20
CA LYS A 17 0.27 3.51 1.36
C LYS A 17 0.49 3.83 -0.10
N GLU A 18 0.78 5.10 -0.36
CA GLU A 18 1.05 5.55 -1.72
C GLU A 18 2.28 4.85 -2.27
N LEU A 19 3.31 4.73 -1.44
CA LEU A 19 4.54 4.04 -1.83
C LEU A 19 4.29 2.53 -1.94
N LEU A 20 3.43 1.99 -1.08
CA LEU A 20 3.09 0.56 -1.15
C LEU A 20 2.55 0.23 -2.53
N VAL A 21 1.61 1.05 -2.98
CA VAL A 21 0.96 0.83 -4.25
C VAL A 21 1.93 0.99 -5.42
N SER A 22 2.77 2.02 -5.37
CA SER A 22 3.68 2.31 -6.46
C SER A 22 4.74 1.23 -6.61
N VAL A 23 5.35 0.83 -5.49
CA VAL A 23 6.39 -0.20 -5.50
C VAL A 23 5.84 -1.53 -5.98
N LEU A 24 4.68 -1.90 -5.47
CA LEU A 24 4.02 -3.14 -5.89
C LEU A 24 3.62 -3.07 -7.36
N LYS A 25 3.18 -1.89 -7.79
CA LYS A 25 2.72 -1.69 -9.17
C LYS A 25 3.88 -1.83 -10.16
N ASN A 26 5.10 -1.60 -9.69
CA ASN A 26 6.28 -1.74 -10.52
C ASN A 26 6.56 -3.20 -10.85
N HIS A 27 6.14 -4.08 -9.96
CA HIS A 27 6.43 -5.51 -10.09
C HIS A 27 5.17 -6.30 -10.45
N PHE A 28 4.03 -5.83 -10.00
CA PHE A 28 2.78 -6.55 -10.15
C PHE A 28 1.74 -5.67 -10.83
N MET A 29 0.76 -6.29 -11.45
CA MET A 29 -0.33 -5.56 -12.08
C MET A 29 -1.36 -5.19 -11.03
N VAL A 30 -1.58 -3.90 -10.86
CA VAL A 30 -2.48 -3.42 -9.83
C VAL A 30 -3.75 -2.85 -10.44
N GLU A 31 -4.89 -3.24 -9.90
CA GLU A 31 -6.18 -2.81 -10.40
C GLU A 31 -7.02 -2.24 -9.26
N LYS A 32 -7.70 -1.13 -9.52
CA LYS A 32 -8.57 -0.52 -8.53
C LYS A 32 -10.00 -1.02 -8.69
N GLU A 33 -10.58 -1.50 -7.60
CA GLU A 33 -11.93 -2.03 -7.62
C GLU A 33 -12.61 -1.77 -6.29
N ASN A 34 -13.81 -1.18 -6.33
CA ASN A 34 -14.56 -0.79 -5.13
C ASN A 34 -13.75 0.20 -4.30
N ASP A 35 -12.97 1.02 -5.00
CA ASP A 35 -12.03 1.95 -4.37
C ASP A 35 -11.00 1.21 -3.51
N ASP A 36 -10.85 -0.07 -3.79
CA ASP A 36 -9.86 -0.89 -3.11
C ASP A 36 -8.71 -1.21 -4.05
N ILE A 37 -7.69 -1.86 -3.55
CA ILE A 37 -6.48 -2.11 -4.33
C ILE A 37 -6.28 -3.60 -4.56
N LYS A 38 -6.27 -4.00 -5.82
CA LYS A 38 -6.02 -5.39 -6.18
C LYS A 38 -4.61 -5.54 -6.75
N VAL A 39 -3.81 -6.36 -6.11
CA VAL A 39 -2.49 -6.68 -6.58
C VAL A 39 -2.53 -8.01 -7.30
N MET A 40 -1.97 -8.06 -8.50
CA MET A 40 -1.99 -9.28 -9.28
C MET A 40 -0.61 -9.63 -9.81
N ASN A 41 -0.26 -10.89 -9.69
CA ASN A 41 1.01 -11.40 -10.19
C ASN A 41 0.83 -12.82 -10.70
N GLY A 42 1.10 -13.04 -11.97
CA GLY A 42 0.91 -14.34 -12.57
C GLY A 42 -0.54 -14.78 -12.52
N ASP A 43 -0.83 -15.72 -11.64
CA ASP A 43 -2.19 -16.22 -11.47
C ASP A 43 -2.72 -15.81 -10.09
N MET A 44 -1.95 -14.99 -9.40
CA MET A 44 -2.30 -14.53 -8.07
C MET A 44 -3.01 -13.19 -8.10
N MET A 45 -3.99 -13.04 -7.24
CA MET A 45 -4.68 -11.76 -7.06
C MET A 45 -4.96 -11.54 -5.58
N ALA A 46 -4.82 -10.31 -5.13
CA ALA A 46 -5.11 -9.96 -3.75
C ALA A 46 -5.77 -8.60 -3.66
N ARG A 47 -6.69 -8.46 -2.72
CA ARG A 47 -7.43 -7.22 -2.57
C ARG A 47 -7.20 -6.62 -1.19
N ILE A 48 -6.74 -5.38 -1.17
CA ILE A 48 -6.68 -4.62 0.07
C ILE A 48 -7.90 -3.72 0.14
N SER A 49 -8.80 -4.01 1.06
CA SER A 49 -10.03 -3.26 1.17
C SER A 49 -9.96 -2.33 2.37
N GLY A 50 -10.79 -1.30 2.35
CA GLY A 50 -10.90 -0.40 3.49
C GLY A 50 -11.69 -1.02 4.61
N ASP A 51 -11.22 -2.16 5.08
CA ASP A 51 -11.92 -2.98 6.07
C ASP A 51 -11.05 -4.15 6.47
N GLY A 52 -10.46 -4.79 5.47
CA GLY A 52 -9.56 -5.90 5.71
C GLY A 52 -8.80 -6.28 4.45
N VAL A 53 -7.94 -7.27 4.53
CA VAL A 53 -7.18 -7.70 3.37
C VAL A 53 -7.45 -9.17 3.07
N THR A 54 -7.81 -9.45 1.83
CA THR A 54 -8.04 -10.82 1.38
C THR A 54 -7.47 -11.02 -0.02
N GLY A 55 -6.69 -12.06 -0.19
CA GLY A 55 -6.09 -12.32 -1.48
C GLY A 55 -5.20 -13.53 -1.46
N ASP A 56 -4.50 -13.78 -2.56
CA ASP A 56 -3.58 -14.89 -2.65
C ASP A 56 -2.41 -14.68 -1.70
N ALA A 57 -2.09 -15.72 -0.94
CA ALA A 57 -1.09 -15.66 0.11
C ALA A 57 0.27 -15.22 -0.40
N GLY A 58 0.61 -15.56 -1.64
CA GLY A 58 1.89 -15.17 -2.20
C GLY A 58 2.05 -13.67 -2.24
N ILE A 59 1.02 -13.01 -2.73
CA ILE A 59 0.98 -11.57 -2.82
C ILE A 59 0.86 -10.94 -1.43
N VAL A 60 0.01 -11.53 -0.59
CA VAL A 60 -0.23 -10.99 0.77
C VAL A 60 1.07 -10.97 1.57
N ASP A 61 1.81 -12.07 1.55
CA ASP A 61 3.10 -12.13 2.24
C ASP A 61 4.07 -11.10 1.68
N LYS A 62 4.04 -10.92 0.36
CA LYS A 62 4.91 -9.93 -0.28
C LYS A 62 4.52 -8.52 0.13
N ILE A 63 3.22 -8.26 0.17
CA ILE A 63 2.70 -6.96 0.57
C ILE A 63 3.14 -6.64 2.00
N ASN A 64 3.00 -7.63 2.87
CA ASN A 64 3.37 -7.47 4.27
C ASN A 64 4.85 -7.16 4.42
N GLU A 65 5.68 -7.78 3.59
CA GLU A 65 7.11 -7.51 3.59
C GLU A 65 7.36 -6.07 3.18
N CYS A 66 6.67 -5.66 2.12
CA CYS A 66 6.84 -4.33 1.56
C CYS A 66 6.33 -3.26 2.52
N ILE A 67 5.21 -3.54 3.18
CA ILE A 67 4.64 -2.63 4.17
C ILE A 67 5.64 -2.35 5.28
N LYS A 68 6.25 -3.40 5.81
CA LYS A 68 7.18 -3.28 6.91
C LYS A 68 8.39 -2.44 6.51
N LYS A 69 8.88 -2.67 5.30
CA LYS A 69 10.03 -1.94 4.78
C LYS A 69 9.68 -0.48 4.53
N ILE A 70 8.55 -0.25 3.89
CA ILE A 70 8.11 1.09 3.56
C ILE A 70 7.71 1.89 4.80
N GLU A 71 7.10 1.23 5.78
CA GLU A 71 6.80 1.88 7.04
C GLU A 71 8.11 2.26 7.74
N ALA A 72 9.11 1.39 7.61
CA ALA A 72 10.42 1.67 8.17
C ALA A 72 11.03 2.92 7.53
N ILE A 73 10.67 3.16 6.27
CA ILE A 73 11.18 4.31 5.55
C ILE A 73 10.53 5.61 6.03
N TYR A 74 9.22 5.58 6.26
CA TYR A 74 8.52 6.82 6.57
C TYR A 74 8.26 7.01 8.07
N LEU A 75 7.98 5.92 8.78
CA LEU A 75 7.68 6.02 10.20
C LEU A 75 8.86 5.58 11.07
N ARG A 76 9.86 4.99 10.42
CA ARG A 76 11.05 4.49 11.10
C ARG A 76 10.74 3.24 11.93
N ASP A 77 11.02 2.08 11.36
CA ASP A 77 10.80 0.80 12.03
C ASP A 77 12.13 0.08 12.16
N GLY A 1 -17.75 30.24 -5.83
CA GLY A 1 -16.83 29.47 -6.71
C GLY A 1 -16.65 28.03 -6.23
N SER A 2 -17.09 27.09 -7.04
CA SER A 2 -16.99 25.68 -6.68
C SER A 2 -15.69 25.07 -7.21
N GLY A 3 -14.60 25.79 -6.99
CA GLY A 3 -13.29 25.31 -7.41
C GLY A 3 -12.18 26.05 -6.70
N LEU A 4 -12.42 26.40 -5.44
CA LEU A 4 -11.46 27.13 -4.65
C LEU A 4 -10.40 26.17 -4.11
N LYS A 5 -9.14 26.46 -4.44
CA LYS A 5 -8.01 25.63 -4.04
C LYS A 5 -8.21 24.18 -4.49
N THR A 6 -7.93 23.93 -5.77
CA THR A 6 -8.06 22.60 -6.32
C THR A 6 -6.87 21.73 -5.94
N LYS A 7 -6.78 21.41 -4.66
CA LYS A 7 -5.69 20.62 -4.12
C LYS A 7 -6.03 19.13 -4.22
N SER A 8 -5.27 18.41 -5.03
CA SER A 8 -5.57 17.01 -5.33
C SER A 8 -4.86 16.07 -4.34
N VAL A 9 -4.60 16.59 -3.14
CA VAL A 9 -3.95 15.83 -2.08
C VAL A 9 -2.58 15.32 -2.52
N ARG A 10 -1.58 16.19 -2.42
CA ARG A 10 -0.22 15.80 -2.73
C ARG A 10 0.54 15.50 -1.45
N LEU A 11 1.17 14.35 -1.42
CA LEU A 11 1.90 13.91 -0.24
C LEU A 11 3.32 14.48 -0.25
N SER A 12 3.44 15.71 0.21
CA SER A 12 4.73 16.38 0.27
C SER A 12 5.61 15.71 1.33
N LYS A 13 4.95 15.11 2.31
CA LYS A 13 5.65 14.37 3.35
C LYS A 13 4.91 13.07 3.63
N MET A 14 5.65 12.03 4.00
CA MET A 14 5.09 10.70 4.26
C MET A 14 4.54 10.11 2.95
N GLY A 15 3.31 9.61 3.00
CA GLY A 15 2.74 8.98 1.83
C GLY A 15 3.09 7.51 1.77
N LYS A 16 2.93 6.84 2.90
CA LYS A 16 3.30 5.44 3.03
C LYS A 16 2.47 4.56 2.09
N LYS A 17 1.17 4.79 2.09
CA LYS A 17 0.25 3.99 1.30
C LYS A 17 0.46 4.25 -0.19
N GLU A 18 0.79 5.49 -0.52
CA GLU A 18 1.06 5.87 -1.91
C GLU A 18 2.26 5.08 -2.43
N LEU A 19 3.28 4.93 -1.60
CA LEU A 19 4.47 4.19 -2.00
C LEU A 19 4.16 2.69 -2.10
N LEU A 20 3.26 2.21 -1.23
CA LEU A 20 2.84 0.81 -1.29
C LEU A 20 2.27 0.50 -2.68
N VAL A 21 1.39 1.38 -3.13
CA VAL A 21 0.77 1.23 -4.43
C VAL A 21 1.82 1.28 -5.54
N SER A 22 2.71 2.26 -5.45
CA SER A 22 3.72 2.48 -6.49
C SER A 22 4.66 1.28 -6.61
N VAL A 23 5.17 0.81 -5.48
CA VAL A 23 6.13 -0.29 -5.48
C VAL A 23 5.51 -1.57 -6.03
N LEU A 24 4.31 -1.89 -5.56
CA LEU A 24 3.62 -3.09 -6.02
C LEU A 24 3.22 -2.95 -7.49
N LYS A 25 2.88 -1.74 -7.90
CA LYS A 25 2.46 -1.47 -9.27
C LYS A 25 3.61 -1.63 -10.25
N ASN A 26 4.83 -1.43 -9.75
CA ASN A 26 6.01 -1.51 -10.61
C ASN A 26 6.52 -2.94 -10.74
N HIS A 27 5.99 -3.85 -9.93
CA HIS A 27 6.42 -5.24 -9.95
C HIS A 27 5.28 -6.16 -10.34
N PHE A 28 4.07 -5.81 -9.93
CA PHE A 28 2.90 -6.65 -10.17
C PHE A 28 1.82 -5.85 -10.87
N MET A 29 0.84 -6.55 -11.42
CA MET A 29 -0.29 -5.89 -12.05
C MET A 29 -1.29 -5.48 -11.00
N VAL A 30 -1.54 -4.19 -10.89
CA VAL A 30 -2.37 -3.69 -9.80
C VAL A 30 -3.55 -2.87 -10.33
N GLU A 31 -4.73 -3.21 -9.85
CA GLU A 31 -5.95 -2.50 -10.23
C GLU A 31 -6.68 -2.00 -8.99
N LYS A 32 -7.23 -0.81 -9.08
CA LYS A 32 -8.05 -0.28 -8.01
C LYS A 32 -9.52 -0.64 -8.27
N GLU A 33 -10.15 -1.24 -7.28
CA GLU A 33 -11.52 -1.69 -7.41
C GLU A 33 -12.25 -1.49 -6.10
N ASN A 34 -13.35 -0.74 -6.13
CA ASN A 34 -14.09 -0.37 -4.93
C ASN A 34 -13.19 0.43 -3.99
N ASP A 35 -12.32 1.23 -4.61
CA ASP A 35 -11.31 2.03 -3.90
C ASP A 35 -10.33 1.14 -3.14
N ASP A 36 -10.34 -0.14 -3.47
CA ASP A 36 -9.41 -1.09 -2.89
C ASP A 36 -8.28 -1.38 -3.88
N ILE A 37 -7.20 -1.96 -3.39
CA ILE A 37 -6.04 -2.21 -4.22
C ILE A 37 -5.86 -3.70 -4.48
N LYS A 38 -5.94 -4.10 -5.73
CA LYS A 38 -5.79 -5.51 -6.08
C LYS A 38 -4.46 -5.76 -6.79
N VAL A 39 -3.68 -6.64 -6.21
CA VAL A 39 -2.39 -7.02 -6.76
C VAL A 39 -2.50 -8.38 -7.43
N MET A 40 -1.95 -8.48 -8.65
CA MET A 40 -1.94 -9.73 -9.37
C MET A 40 -0.55 -10.09 -9.86
N ASN A 41 -0.16 -11.32 -9.60
CA ASN A 41 1.15 -11.83 -10.00
C ASN A 41 1.12 -13.36 -10.02
N GLY A 42 1.55 -13.95 -11.12
CA GLY A 42 1.57 -15.40 -11.23
C GLY A 42 0.17 -15.98 -11.13
N ASP A 43 -0.79 -15.28 -11.71
CA ASP A 43 -2.21 -15.68 -11.71
C ASP A 43 -2.81 -15.60 -10.32
N MET A 44 -2.08 -15.03 -9.39
CA MET A 44 -2.57 -14.82 -8.03
C MET A 44 -3.19 -13.43 -7.93
N MET A 45 -4.13 -13.25 -7.02
CA MET A 45 -4.78 -11.96 -6.82
C MET A 45 -4.99 -11.69 -5.33
N ALA A 46 -4.83 -10.43 -4.93
CA ALA A 46 -5.10 -10.03 -3.56
C ALA A 46 -5.64 -8.61 -3.51
N ARG A 47 -6.61 -8.35 -2.64
CA ARG A 47 -7.20 -7.04 -2.52
C ARG A 47 -6.97 -6.44 -1.13
N ILE A 48 -6.38 -5.26 -1.12
CA ILE A 48 -6.16 -4.50 0.10
C ILE A 48 -7.33 -3.55 0.33
N SER A 49 -8.06 -3.79 1.40
CA SER A 49 -9.18 -2.93 1.75
C SER A 49 -8.72 -1.88 2.76
N GLY A 50 -9.66 -1.08 3.25
CA GLY A 50 -9.31 -0.01 4.18
C GLY A 50 -8.58 -0.51 5.41
N ASP A 51 -8.98 -1.66 5.92
CA ASP A 51 -8.36 -2.19 7.14
C ASP A 51 -8.23 -3.72 7.09
N GLY A 52 -7.73 -4.22 5.98
CA GLY A 52 -7.52 -5.66 5.87
C GLY A 52 -7.16 -6.07 4.45
N VAL A 53 -6.46 -7.18 4.32
CA VAL A 53 -6.06 -7.68 3.01
C VAL A 53 -6.53 -9.11 2.84
N THR A 54 -7.21 -9.38 1.74
CA THR A 54 -7.62 -10.74 1.40
C THR A 54 -7.17 -11.08 0.00
N GLY A 55 -6.49 -12.20 -0.14
CA GLY A 55 -5.98 -12.59 -1.44
C GLY A 55 -5.15 -13.85 -1.35
N ASP A 56 -4.47 -14.21 -2.43
CA ASP A 56 -3.58 -15.36 -2.43
C ASP A 56 -2.34 -15.06 -1.58
N ALA A 57 -1.96 -16.05 -0.77
CA ALA A 57 -0.94 -15.89 0.26
C ALA A 57 0.38 -15.35 -0.26
N GLY A 58 0.76 -15.74 -1.47
CA GLY A 58 2.03 -15.29 -2.03
C GLY A 58 2.09 -13.79 -2.15
N ILE A 59 1.04 -13.22 -2.72
CA ILE A 59 0.94 -11.79 -2.89
C ILE A 59 0.71 -11.09 -1.55
N VAL A 60 -0.15 -11.67 -0.71
CA VAL A 60 -0.48 -11.06 0.57
C VAL A 60 0.76 -10.90 1.45
N ASP A 61 1.57 -11.94 1.53
CA ASP A 61 2.79 -11.88 2.34
C ASP A 61 3.77 -10.88 1.75
N LYS A 62 3.85 -10.84 0.42
CA LYS A 62 4.73 -9.89 -0.26
C LYS A 62 4.27 -8.47 0.01
N ILE A 63 2.96 -8.24 -0.08
CA ILE A 63 2.39 -6.92 0.17
C ILE A 63 2.74 -6.44 1.56
N ASN A 64 2.51 -7.29 2.54
CA ASN A 64 2.79 -6.96 3.94
C ASN A 64 4.28 -6.78 4.16
N GLU A 65 5.08 -7.54 3.42
CA GLU A 65 6.53 -7.41 3.50
C GLU A 65 6.96 -6.05 2.97
N CYS A 66 6.39 -5.65 1.84
CA CYS A 66 6.67 -4.34 1.27
C CYS A 66 6.16 -3.24 2.18
N ILE A 67 4.97 -3.44 2.74
CA ILE A 67 4.41 -2.52 3.72
C ILE A 67 5.34 -2.36 4.91
N LYS A 68 5.92 -3.47 5.36
CA LYS A 68 6.83 -3.46 6.50
C LYS A 68 8.04 -2.59 6.19
N LYS A 69 8.60 -2.74 5.01
CA LYS A 69 9.79 -2.00 4.61
C LYS A 69 9.46 -0.52 4.41
N ILE A 70 8.38 -0.27 3.70
CA ILE A 70 7.95 1.08 3.39
C ILE A 70 7.51 1.82 4.64
N GLU A 71 6.87 1.11 5.56
CA GLU A 71 6.49 1.69 6.84
C GLU A 71 7.72 2.04 7.64
N ALA A 72 8.75 1.21 7.53
CA ALA A 72 10.03 1.48 8.17
C ALA A 72 10.65 2.76 7.60
N ILE A 73 10.35 3.05 6.35
CA ILE A 73 10.89 4.24 5.70
C ILE A 73 10.24 5.52 6.23
N TYR A 74 8.92 5.51 6.41
CA TYR A 74 8.23 6.74 6.81
C TYR A 74 7.92 6.78 8.31
N LEU A 75 7.59 5.64 8.89
CA LEU A 75 7.24 5.59 10.31
C LEU A 75 8.37 5.05 11.15
N ARG A 76 9.34 4.40 10.48
CA ARG A 76 10.46 3.74 11.12
C ARG A 76 9.99 2.50 11.89
N ASP A 77 10.44 1.33 11.44
CA ASP A 77 9.98 0.07 12.01
C ASP A 77 11.13 -0.93 12.03
N GLY A 1 -13.02 15.68 1.98
CA GLY A 1 -14.16 14.75 2.16
C GLY A 1 -15.43 15.48 2.51
N SER A 2 -16.54 14.76 2.55
CA SER A 2 -17.82 15.36 2.90
C SER A 2 -18.06 15.23 4.40
N GLY A 3 -18.44 16.33 5.03
CA GLY A 3 -18.59 16.34 6.47
C GLY A 3 -17.24 16.29 7.16
N LEU A 4 -17.04 15.23 7.94
CA LEU A 4 -15.76 14.97 8.59
C LEU A 4 -15.25 16.19 9.34
N LYS A 5 -15.97 16.58 10.39
CA LYS A 5 -15.53 17.67 11.25
C LYS A 5 -14.17 17.35 11.85
N THR A 6 -14.03 16.11 12.30
CA THR A 6 -12.79 15.64 12.87
C THR A 6 -12.04 14.77 11.87
N LYS A 7 -11.08 15.36 11.17
CA LYS A 7 -10.30 14.62 10.19
C LYS A 7 -9.20 13.81 10.88
N SER A 8 -8.98 14.14 12.16
CA SER A 8 -7.94 13.53 12.98
C SER A 8 -6.57 13.99 12.51
N VAL A 9 -6.15 15.14 13.01
CA VAL A 9 -4.86 15.73 12.65
C VAL A 9 -3.70 14.78 12.99
N ARG A 10 -3.23 14.07 11.98
CA ARG A 10 -2.16 13.10 12.14
C ARG A 10 -1.03 13.38 11.15
N LEU A 11 -0.12 12.43 11.02
CA LEU A 11 1.01 12.58 10.11
C LEU A 11 0.69 11.93 8.77
N SER A 12 -0.18 12.57 7.99
CA SER A 12 -0.59 12.03 6.70
C SER A 12 0.57 12.07 5.70
N LYS A 13 1.61 12.83 6.03
CA LYS A 13 2.82 12.91 5.21
C LYS A 13 3.50 11.55 5.12
N MET A 14 3.21 10.69 6.08
CA MET A 14 3.80 9.35 6.12
C MET A 14 2.94 8.39 5.30
N GLY A 15 2.75 8.73 4.03
CA GLY A 15 1.87 7.96 3.17
C GLY A 15 2.45 6.63 2.76
N LYS A 16 2.31 5.63 3.62
CA LYS A 16 2.79 4.29 3.32
C LYS A 16 1.96 3.66 2.22
N LYS A 17 0.67 4.01 2.19
CA LYS A 17 -0.27 3.47 1.21
C LYS A 17 0.16 3.82 -0.21
N GLU A 18 0.57 5.06 -0.40
CA GLU A 18 0.97 5.54 -1.72
C GLU A 18 2.20 4.79 -2.21
N LEU A 19 3.17 4.58 -1.33
CA LEU A 19 4.39 3.87 -1.70
C LEU A 19 4.08 2.40 -1.94
N LEU A 20 3.12 1.85 -1.20
CA LEU A 20 2.68 0.47 -1.44
C LEU A 20 2.21 0.32 -2.87
N VAL A 21 1.38 1.25 -3.31
CA VAL A 21 0.86 1.23 -4.67
C VAL A 21 2.01 1.38 -5.67
N SER A 22 2.93 2.28 -5.37
CA SER A 22 4.06 2.55 -6.25
C SER A 22 4.94 1.30 -6.42
N VAL A 23 5.30 0.67 -5.31
CA VAL A 23 6.19 -0.48 -5.33
C VAL A 23 5.52 -1.67 -6.01
N LEU A 24 4.27 -1.92 -5.63
CA LEU A 24 3.53 -3.05 -6.17
C LEU A 24 3.23 -2.85 -7.65
N LYS A 25 2.95 -1.62 -8.05
CA LYS A 25 2.64 -1.31 -9.44
C LYS A 25 3.87 -1.49 -10.33
N ASN A 26 5.05 -1.33 -9.75
CA ASN A 26 6.29 -1.45 -10.50
C ASN A 26 6.71 -2.91 -10.67
N HIS A 27 6.08 -3.82 -9.93
CA HIS A 27 6.44 -5.23 -10.03
C HIS A 27 5.29 -6.07 -10.56
N PHE A 28 4.07 -5.72 -10.16
CA PHE A 28 2.91 -6.54 -10.47
C PHE A 28 1.83 -5.70 -11.14
N MET A 29 0.87 -6.36 -11.75
CA MET A 29 -0.25 -5.66 -12.38
C MET A 29 -1.26 -5.28 -11.32
N VAL A 30 -1.51 -4.00 -11.17
CA VAL A 30 -2.38 -3.52 -10.10
C VAL A 30 -3.65 -2.89 -10.66
N GLU A 31 -4.78 -3.36 -10.18
CA GLU A 31 -6.09 -2.88 -10.61
C GLU A 31 -6.88 -2.41 -9.40
N LYS A 32 -7.56 -1.28 -9.54
CA LYS A 32 -8.40 -0.79 -8.45
C LYS A 32 -9.85 -1.16 -8.71
N GLU A 33 -10.49 -1.69 -7.68
CA GLU A 33 -11.87 -2.17 -7.79
C GLU A 33 -12.59 -1.92 -6.47
N ASN A 34 -13.84 -1.47 -6.55
CA ASN A 34 -14.66 -1.13 -5.37
C ASN A 34 -13.88 -0.25 -4.38
N ASP A 35 -13.08 0.67 -4.93
CA ASP A 35 -12.27 1.60 -4.15
C ASP A 35 -11.22 0.87 -3.31
N ASP A 36 -10.90 -0.35 -3.68
CA ASP A 36 -9.82 -1.09 -3.08
C ASP A 36 -8.78 -1.41 -4.14
N ILE A 37 -7.56 -1.70 -3.72
CA ILE A 37 -6.45 -1.87 -4.65
C ILE A 37 -6.01 -3.33 -4.71
N LYS A 38 -6.11 -3.93 -5.88
CA LYS A 38 -5.81 -5.34 -6.04
C LYS A 38 -4.51 -5.55 -6.80
N VAL A 39 -3.69 -6.43 -6.26
CA VAL A 39 -2.45 -6.84 -6.88
C VAL A 39 -2.65 -8.15 -7.63
N MET A 40 -2.18 -8.20 -8.87
CA MET A 40 -2.25 -9.43 -9.65
C MET A 40 -0.85 -9.90 -10.01
N ASN A 41 -0.58 -11.17 -9.76
CA ASN A 41 0.73 -11.77 -10.01
C ASN A 41 0.62 -13.28 -10.12
N GLY A 42 1.09 -13.84 -11.23
CA GLY A 42 1.10 -15.28 -11.41
C GLY A 42 -0.28 -15.89 -11.28
N ASP A 43 -1.28 -15.21 -11.82
CA ASP A 43 -2.67 -15.65 -11.77
C ASP A 43 -3.24 -15.60 -10.36
N MET A 44 -2.48 -15.04 -9.44
CA MET A 44 -2.94 -14.86 -8.07
C MET A 44 -3.34 -13.40 -7.89
N MET A 45 -4.38 -13.16 -7.11
CA MET A 45 -4.85 -11.80 -6.87
C MET A 45 -5.01 -11.53 -5.38
N ALA A 46 -4.82 -10.27 -5.00
CA ALA A 46 -5.02 -9.86 -3.62
C ALA A 46 -5.60 -8.46 -3.57
N ARG A 47 -6.47 -8.23 -2.60
CA ARG A 47 -7.17 -6.96 -2.49
C ARG A 47 -6.78 -6.24 -1.20
N ILE A 48 -6.28 -5.03 -1.37
CA ILE A 48 -5.92 -4.19 -0.24
C ILE A 48 -7.05 -3.21 0.04
N SER A 49 -7.68 -3.36 1.19
CA SER A 49 -8.77 -2.49 1.55
C SER A 49 -8.33 -1.48 2.61
N GLY A 50 -9.26 -0.68 3.09
CA GLY A 50 -8.94 0.26 4.15
C GLY A 50 -8.64 -0.44 5.45
N ASP A 51 -9.26 -1.60 5.63
CA ASP A 51 -9.08 -2.37 6.86
C ASP A 51 -7.75 -3.11 6.84
N GLY A 52 -7.51 -3.84 5.77
CA GLY A 52 -6.28 -4.59 5.64
C GLY A 52 -6.20 -5.27 4.29
N VAL A 53 -5.29 -6.22 4.16
CA VAL A 53 -5.10 -6.92 2.90
C VAL A 53 -5.72 -8.31 2.96
N THR A 54 -6.53 -8.64 1.98
CA THR A 54 -7.05 -9.98 1.84
C THR A 54 -6.85 -10.45 0.42
N GLY A 55 -6.26 -11.61 0.25
CA GLY A 55 -5.95 -12.10 -1.08
C GLY A 55 -5.21 -13.41 -1.04
N ASP A 56 -4.71 -13.84 -2.20
CA ASP A 56 -3.89 -15.05 -2.27
C ASP A 56 -2.58 -14.84 -1.50
N ALA A 57 -2.19 -15.91 -0.79
CA ALA A 57 -1.11 -15.86 0.19
C ALA A 57 0.19 -15.33 -0.39
N GLY A 58 0.49 -15.67 -1.65
CA GLY A 58 1.75 -15.27 -2.24
C GLY A 58 1.90 -13.76 -2.31
N ILE A 59 0.87 -13.12 -2.81
CA ILE A 59 0.86 -11.68 -2.92
C ILE A 59 0.76 -11.03 -1.54
N VAL A 60 -0.09 -11.60 -0.68
CA VAL A 60 -0.30 -11.05 0.66
C VAL A 60 1.00 -11.03 1.46
N ASP A 61 1.74 -12.13 1.45
CA ASP A 61 3.03 -12.18 2.15
C ASP A 61 3.98 -11.14 1.60
N LYS A 62 4.02 -11.01 0.28
CA LYS A 62 4.90 -10.03 -0.36
C LYS A 62 4.50 -8.61 0.02
N ILE A 63 3.19 -8.35 0.02
CA ILE A 63 2.69 -7.03 0.41
C ILE A 63 3.06 -6.73 1.86
N ASN A 64 2.88 -7.71 2.72
CA ASN A 64 3.19 -7.55 4.14
C ASN A 64 4.67 -7.25 4.35
N GLU A 65 5.52 -7.87 3.56
CA GLU A 65 6.96 -7.58 3.60
C GLU A 65 7.20 -6.12 3.22
N CYS A 66 6.52 -5.69 2.17
CA CYS A 66 6.65 -4.33 1.66
C CYS A 66 6.11 -3.31 2.66
N ILE A 67 4.98 -3.63 3.28
CA ILE A 67 4.37 -2.75 4.27
C ILE A 67 5.33 -2.42 5.40
N LYS A 68 5.98 -3.45 5.94
CA LYS A 68 6.90 -3.26 7.05
C LYS A 68 8.07 -2.37 6.62
N LYS A 69 8.61 -2.63 5.44
CA LYS A 69 9.74 -1.86 4.93
C LYS A 69 9.34 -0.42 4.70
N ILE A 70 8.18 -0.21 4.10
CA ILE A 70 7.68 1.11 3.79
C ILE A 70 7.33 1.88 5.06
N GLU A 71 6.76 1.18 6.03
CA GLU A 71 6.49 1.77 7.33
C GLU A 71 7.80 2.21 7.99
N ALA A 72 8.81 1.35 7.84
CA ALA A 72 10.15 1.65 8.33
C ALA A 72 10.76 2.84 7.59
N ILE A 73 10.34 3.06 6.36
CA ILE A 73 10.84 4.17 5.57
C ILE A 73 10.33 5.51 6.10
N TYR A 74 9.05 5.59 6.46
CA TYR A 74 8.48 6.87 6.88
C TYR A 74 8.41 7.02 8.40
N LEU A 75 8.14 5.93 9.10
CA LEU A 75 8.04 5.99 10.57
C LEU A 75 9.29 5.44 11.22
N ARG A 76 10.00 4.60 10.47
CA ARG A 76 11.19 3.89 10.94
C ARG A 76 10.80 2.86 12.00
N ASP A 77 10.87 1.59 11.60
CA ASP A 77 10.54 0.50 12.49
C ASP A 77 11.73 0.17 13.37
#